data_2AJ3
#
_entry.id   2AJ3
#
_cell.length_a   48.599
_cell.length_b   82.620
_cell.length_c   187.204
_cell.angle_alpha   90.00
_cell.angle_beta   95.27
_cell.angle_gamma   90.00
#
_symmetry.space_group_name_H-M   'P 1 21 1'
#
loop_
_entity.id
_entity.type
_entity.pdbx_description
1 polymer 'Fab m18, Light Chain'
2 polymer 'Fab m18, Heavy Chain'
3 non-polymer 'SULFATE ION'
4 water water
#
loop_
_entity_poly.entity_id
_entity_poly.type
_entity_poly.pdbx_seq_one_letter_code
_entity_poly.pdbx_strand_id
1 'polypeptide(L)'
;LQMTQSPSFLSASVGDRVSITCRASQDIQKFLAWYQLTPGDAPKLLMYSASTLQSGVPSRFSGSGSGTEFTLTISGLQPE
DFATYYCQHLKRYPYTFGQGTKLEISRTVAAPSVFIFPPSDEQLKSGTASVVCLLNNFYPREAKVQWKVDNALQSGNSQE
SVTEQDNKDSTYSLSSTLTLSKADYEKHKVYACEVTHQGLSSPVTKSFNRGEC
;
A,C,E
2 'polypeptide(L)'
;VQLLESGPGVVKPSETLSLTCTVSGASVNNYYWTWVRQPPGKGLEWIGNVYDSGDTNYNPSLSSRLSLSMDTSKNQFSLR
LSSVTAADTATYYCARYHRHFIRGPLSFDYWGRGTLVTVSSASTKGPSVFPLAPSSKSTSGGTSALGCLVKDYFPEPVTV
SWNSGALTSGVHTFPAVLQSSGLYSLSSVVTVPSSSLGTQTYICNVNHKPSNTKVDKKVEPKSCDKTS
;
B,D,F
#
# COMPACT_ATOMS: atom_id res chain seq x y z
N LEU A 1 -85.63 13.14 12.75
CA LEU A 1 -85.04 13.92 11.62
C LEU A 1 -83.53 14.00 11.83
N GLN A 2 -82.77 13.39 10.93
CA GLN A 2 -81.31 13.42 11.10
C GLN A 2 -80.54 14.16 10.02
N MET A 3 -79.43 14.75 10.44
CA MET A 3 -78.55 15.50 9.56
C MET A 3 -77.28 14.71 9.34
N THR A 4 -76.93 14.49 8.08
CA THR A 4 -75.73 13.74 7.76
C THR A 4 -74.73 14.60 7.01
N GLN A 5 -73.50 14.61 7.50
CA GLN A 5 -72.44 15.39 6.90
C GLN A 5 -71.50 14.50 6.11
N SER A 6 -70.86 15.08 5.11
CA SER A 6 -69.90 14.37 4.27
C SER A 6 -69.10 15.40 3.49
N PRO A 7 -67.77 15.22 3.46
CA PRO A 7 -67.04 14.13 4.11
C PRO A 7 -67.00 14.30 5.63
N SER A 8 -66.53 13.29 6.36
CA SER A 8 -66.41 13.38 7.81
C SER A 8 -65.04 13.96 8.10
N PHE A 9 -64.11 13.69 7.20
CA PHE A 9 -62.75 14.19 7.27
C PHE A 9 -62.39 14.64 5.87
N LEU A 10 -61.77 15.80 5.78
CA LEU A 10 -61.35 16.35 4.49
C LEU A 10 -59.98 17.01 4.66
N SER A 11 -59.07 16.69 3.75
CA SER A 11 -57.72 17.25 3.80
C SER A 11 -57.59 18.20 2.64
N ALA A 12 -56.97 19.35 2.88
CA ALA A 12 -56.79 20.34 1.82
C ALA A 12 -55.62 21.24 2.12
N SER A 13 -55.20 21.99 1.12
CA SER A 13 -54.07 22.88 1.29
C SER A 13 -54.57 24.28 1.62
N VAL A 14 -53.69 25.09 2.20
CA VAL A 14 -54.08 26.45 2.52
C VAL A 14 -54.26 27.17 1.20
N GLY A 15 -55.39 27.82 1.02
CA GLY A 15 -55.62 28.53 -0.22
C GLY A 15 -56.61 27.85 -1.12
N ASP A 16 -56.91 26.58 -0.84
CA ASP A 16 -57.88 25.84 -1.64
C ASP A 16 -59.31 26.28 -1.37
N ARG A 17 -60.19 25.97 -2.33
CA ARG A 17 -61.60 26.27 -2.20
C ARG A 17 -62.19 24.89 -1.94
N VAL A 18 -62.75 24.71 -0.76
CA VAL A 18 -63.31 23.44 -0.35
C VAL A 18 -64.80 23.57 -0.08
N SER A 19 -65.53 22.48 -0.22
CA SER A 19 -66.97 22.52 0.02
C SER A 19 -67.43 21.31 0.82
N ILE A 20 -68.18 21.58 1.89
CA ILE A 20 -68.73 20.55 2.76
C ILE A 20 -70.23 20.49 2.53
N THR A 21 -70.80 19.29 2.48
CA THR A 21 -72.24 19.20 2.28
C THR A 21 -72.94 18.70 3.53
N CYS A 22 -74.23 18.98 3.62
CA CYS A 22 -75.07 18.59 4.76
C CYS A 22 -76.42 18.24 4.15
N ARG A 23 -76.86 17.02 4.42
CA ARG A 23 -78.13 16.52 3.91
C ARG A 23 -79.09 16.36 5.07
N ALA A 24 -80.39 16.38 4.78
CA ALA A 24 -81.41 16.25 5.82
C ALA A 24 -82.35 15.09 5.50
N SER A 25 -82.64 14.26 6.50
CA SER A 25 -83.54 13.12 6.32
C SER A 25 -84.93 13.55 5.83
N GLN A 26 -85.22 14.83 5.98
CA GLN A 26 -86.51 15.38 5.55
C GLN A 26 -86.28 16.80 5.06
N ASP A 27 -87.33 17.41 4.53
CA ASP A 27 -87.28 18.77 4.01
C ASP A 27 -87.35 19.77 5.17
N ILE A 28 -86.34 20.63 5.29
CA ILE A 28 -86.30 21.63 6.36
C ILE A 28 -86.22 23.06 5.81
N GLN A 29 -86.54 23.19 4.52
CA GLN A 29 -86.50 24.47 3.80
C GLN A 29 -85.16 25.19 3.94
N LYS A 30 -85.10 26.23 4.77
CA LYS A 30 -83.86 26.98 4.95
C LYS A 30 -83.41 26.98 6.40
N PHE A 31 -84.18 26.33 7.27
CA PHE A 31 -83.82 26.29 8.69
C PHE A 31 -82.59 25.43 8.92
N LEU A 32 -81.43 25.97 8.55
CA LEU A 32 -80.18 25.26 8.70
C LEU A 32 -79.06 26.23 8.98
N ALA A 33 -78.24 25.91 9.99
CA ALA A 33 -77.11 26.76 10.37
C ALA A 33 -75.81 25.97 10.36
N TRP A 34 -74.69 26.68 10.26
CA TRP A 34 -73.38 26.06 10.28
C TRP A 34 -72.58 26.58 11.47
N TYR A 35 -71.61 25.81 11.93
CA TYR A 35 -70.79 26.24 13.05
C TYR A 35 -69.37 25.76 12.90
N GLN A 36 -68.45 26.52 13.49
CA GLN A 36 -67.03 26.17 13.44
C GLN A 36 -66.63 25.88 14.87
N LEU A 37 -65.96 24.76 15.08
CA LEU A 37 -65.52 24.37 16.42
C LEU A 37 -64.04 24.06 16.46
N THR A 38 -63.29 24.94 17.11
CA THR A 38 -61.87 24.74 17.26
C THR A 38 -61.72 24.54 18.76
N PRO A 39 -61.17 23.39 19.18
CA PRO A 39 -60.97 23.05 20.59
C PRO A 39 -60.30 24.16 21.37
N GLY A 40 -60.96 24.60 22.43
CA GLY A 40 -60.41 25.68 23.25
C GLY A 40 -61.20 26.96 23.08
N ASP A 41 -61.92 27.06 21.97
CA ASP A 41 -62.74 28.24 21.72
C ASP A 41 -64.21 27.87 21.82
N ALA A 42 -65.04 28.88 21.99
CA ALA A 42 -66.46 28.64 22.06
C ALA A 42 -66.91 28.48 20.61
N PRO A 43 -67.88 27.60 20.35
CA PRO A 43 -68.36 27.38 18.98
C PRO A 43 -68.76 28.70 18.35
N LYS A 44 -68.42 28.87 17.07
CA LYS A 44 -68.73 30.11 16.36
C LYS A 44 -69.80 29.90 15.29
N LEU A 45 -70.82 30.74 15.27
CA LEU A 45 -71.84 30.63 14.25
C LEU A 45 -71.26 31.29 13.01
N LEU A 46 -71.42 30.63 11.87
CA LEU A 46 -70.88 31.14 10.62
C LEU A 46 -71.97 31.45 9.64
N MET A 47 -73.03 30.64 9.67
CA MET A 47 -74.10 30.77 8.71
C MET A 47 -75.44 30.31 9.27
N TYR A 48 -76.52 30.97 8.87
CA TYR A 48 -77.86 30.57 9.29
C TYR A 48 -78.81 30.79 8.12
N SER A 49 -80.02 30.25 8.22
CA SER A 49 -80.99 30.36 7.15
C SER A 49 -80.30 29.92 5.86
N ALA A 50 -79.39 28.96 6.01
CA ALA A 50 -78.64 28.35 4.91
C ALA A 50 -77.59 29.21 4.22
N SER A 51 -77.94 30.44 3.87
CA SER A 51 -76.99 31.29 3.15
C SER A 51 -76.69 32.66 3.72
N THR A 52 -77.17 32.97 4.91
CA THR A 52 -76.91 34.28 5.48
C THR A 52 -75.66 34.25 6.34
N LEU A 53 -74.65 34.95 5.88
CA LEU A 53 -73.37 35.03 6.56
C LEU A 53 -73.51 35.72 7.91
N GLN A 54 -73.03 35.06 8.97
CA GLN A 54 -73.08 35.64 10.30
C GLN A 54 -72.20 36.87 10.43
N SER A 55 -72.66 37.83 11.22
CA SER A 55 -71.97 39.08 11.46
C SER A 55 -70.56 38.84 11.98
N GLY A 56 -69.56 39.32 11.24
CA GLY A 56 -68.17 39.16 11.67
C GLY A 56 -67.49 37.90 11.17
N VAL A 57 -67.95 37.37 10.05
CA VAL A 57 -67.37 36.16 9.49
C VAL A 57 -66.87 36.44 8.08
N PRO A 58 -65.57 36.21 7.83
CA PRO A 58 -64.97 36.44 6.50
C PRO A 58 -65.80 35.88 5.34
N SER A 59 -66.00 36.74 4.34
CA SER A 59 -66.79 36.41 3.16
C SER A 59 -66.33 35.20 2.38
N ARG A 60 -65.16 34.65 2.71
CA ARG A 60 -64.73 33.46 1.97
C ARG A 60 -65.68 32.32 2.32
N PHE A 61 -66.46 32.51 3.40
CA PHE A 61 -67.44 31.51 3.81
C PHE A 61 -68.78 31.81 3.17
N SER A 62 -69.38 30.81 2.55
CA SER A 62 -70.66 31.01 1.93
C SER A 62 -71.50 29.75 1.99
N GLY A 63 -72.81 29.91 2.17
CA GLY A 63 -73.70 28.77 2.22
C GLY A 63 -74.71 28.79 1.10
N SER A 64 -75.25 27.62 0.78
CA SER A 64 -76.24 27.49 -0.28
C SER A 64 -77.15 26.31 0.03
N GLY A 65 -78.12 26.08 -0.84
CA GLY A 65 -79.02 24.97 -0.61
C GLY A 65 -80.31 25.30 0.10
N SER A 66 -81.24 24.38 -0.01
CA SER A 66 -82.56 24.48 0.59
C SER A 66 -83.18 23.12 0.39
N GLY A 67 -84.07 22.70 1.28
CA GLY A 67 -84.67 21.41 1.12
C GLY A 67 -83.94 20.34 1.91
N THR A 68 -83.25 19.45 1.21
CA THR A 68 -82.52 18.39 1.87
C THR A 68 -81.01 18.55 1.74
N GLU A 69 -80.57 19.24 0.71
CA GLU A 69 -79.14 19.45 0.54
C GLU A 69 -78.73 20.90 0.69
N PHE A 70 -77.63 21.09 1.44
CA PHE A 70 -77.06 22.42 1.71
C PHE A 70 -75.55 22.31 1.58
N THR A 71 -74.93 23.43 1.24
CA THR A 71 -73.48 23.42 1.05
C THR A 71 -72.77 24.61 1.68
N LEU A 72 -71.73 24.32 2.45
CA LEU A 72 -70.92 25.34 3.06
C LEU A 72 -69.67 25.33 2.22
N THR A 73 -69.24 26.50 1.76
CA THR A 73 -68.07 26.61 0.91
C THR A 73 -67.09 27.64 1.43
N ILE A 74 -65.82 27.27 1.42
CA ILE A 74 -64.76 28.15 1.88
C ILE A 74 -63.77 28.38 0.74
N SER A 75 -63.59 29.66 0.40
CA SER A 75 -62.66 30.05 -0.64
C SER A 75 -61.35 30.46 0.00
N GLY A 76 -60.26 29.90 -0.46
CA GLY A 76 -58.97 30.23 0.13
C GLY A 76 -58.92 29.87 1.60
N LEU A 77 -58.77 28.58 1.88
CA LEU A 77 -58.69 28.13 3.26
C LEU A 77 -57.55 28.82 3.96
N GLN A 78 -57.81 29.31 5.17
CA GLN A 78 -56.80 29.98 5.97
C GLN A 78 -56.34 29.00 7.02
N PRO A 79 -55.12 29.20 7.55
CA PRO A 79 -54.60 28.29 8.58
C PRO A 79 -55.68 27.97 9.62
N GLU A 80 -56.38 29.01 10.06
CA GLU A 80 -57.40 28.87 11.08
C GLU A 80 -58.75 28.34 10.62
N ASP A 81 -58.91 28.11 9.32
CA ASP A 81 -60.16 27.56 8.83
C ASP A 81 -60.14 26.06 9.01
N PHE A 82 -58.97 25.54 9.33
CA PHE A 82 -58.81 24.11 9.50
C PHE A 82 -59.26 23.67 10.89
N ALA A 83 -60.55 23.38 11.00
CA ALA A 83 -61.15 22.93 12.24
C ALA A 83 -62.31 22.02 11.88
N THR A 84 -63.21 21.81 12.82
CA THR A 84 -64.36 20.96 12.57
C THR A 84 -65.65 21.77 12.39
N TYR A 85 -66.45 21.34 11.41
CA TYR A 85 -67.70 22.03 11.08
C TYR A 85 -68.94 21.19 11.34
N TYR A 86 -70.00 21.83 11.81
CA TYR A 86 -71.25 21.15 12.09
C TYR A 86 -72.43 21.95 11.58
N CYS A 87 -73.36 21.28 10.92
CA CYS A 87 -74.57 21.94 10.46
C CYS A 87 -75.65 21.58 11.46
N GLN A 88 -76.74 22.33 11.45
CA GLN A 88 -77.86 22.09 12.35
C GLN A 88 -79.15 22.55 11.70
N HIS A 89 -80.22 21.82 11.96
CA HIS A 89 -81.51 22.18 11.41
C HIS A 89 -82.29 22.78 12.56
N LEU A 90 -83.30 23.58 12.23
CA LEU A 90 -84.15 24.20 13.24
C LEU A 90 -85.58 24.15 12.70
N LYS A 91 -85.92 23.02 12.09
CA LYS A 91 -87.26 22.85 11.52
C LYS A 91 -88.30 22.62 12.61
N ARG A 92 -87.92 21.82 13.61
CA ARG A 92 -88.78 21.47 14.74
C ARG A 92 -87.96 20.66 15.74
N TYR A 93 -88.42 20.63 16.98
CA TYR A 93 -87.75 19.91 18.04
C TYR A 93 -88.03 18.41 17.91
N PRO A 94 -87.03 17.57 18.22
CA PRO A 94 -85.69 17.97 18.67
C PRO A 94 -84.77 18.45 17.55
N TYR A 95 -84.05 19.56 17.79
CA TYR A 95 -83.10 20.08 16.80
C TYR A 95 -81.89 19.15 16.86
N THR A 96 -81.27 18.88 15.71
CA THR A 96 -80.11 18.01 15.68
C THR A 96 -78.99 18.54 14.78
N PHE A 97 -77.78 18.03 14.99
CA PHE A 97 -76.61 18.45 14.22
C PHE A 97 -76.04 17.30 13.42
N GLY A 98 -75.24 17.63 12.41
CA GLY A 98 -74.60 16.62 11.60
C GLY A 98 -73.47 16.08 12.46
N GLN A 99 -72.88 14.95 12.07
CA GLN A 99 -71.80 14.39 12.87
C GLN A 99 -70.49 15.18 12.77
N GLY A 100 -70.53 16.28 12.04
CA GLY A 100 -69.35 17.12 11.90
C GLY A 100 -68.37 16.72 10.80
N THR A 101 -67.53 17.68 10.40
CA THR A 101 -66.53 17.46 9.37
C THR A 101 -65.21 18.07 9.83
N LYS A 102 -64.20 17.24 10.01
CA LYS A 102 -62.90 17.72 10.45
C LYS A 102 -62.00 17.98 9.25
N LEU A 103 -61.49 19.20 9.17
CA LEU A 103 -60.64 19.61 8.07
C LEU A 103 -59.20 19.79 8.52
N GLU A 104 -58.29 19.00 7.98
CA GLU A 104 -56.87 19.11 8.34
C GLU A 104 -56.02 19.43 7.10
N ILE A 105 -54.77 19.86 7.32
CA ILE A 105 -53.87 20.21 6.22
C ILE A 105 -53.08 19.03 5.64
N SER A 106 -53.09 18.91 4.32
CA SER A 106 -52.36 17.83 3.69
C SER A 106 -50.92 18.26 3.46
N ARG A 107 -50.02 17.30 3.50
CA ARG A 107 -48.60 17.54 3.27
C ARG A 107 -47.92 16.23 2.89
N THR A 108 -46.61 16.28 2.69
CA THR A 108 -45.84 15.11 2.31
C THR A 108 -45.85 14.06 3.41
N VAL A 109 -45.66 12.80 3.02
CA VAL A 109 -45.64 11.73 4.00
C VAL A 109 -44.33 11.80 4.77
N ALA A 110 -44.41 11.76 6.10
CA ALA A 110 -43.24 11.80 6.95
C ALA A 110 -43.30 10.64 7.94
N ALA A 111 -42.26 9.83 8.01
CA ALA A 111 -42.24 8.71 8.94
C ALA A 111 -41.95 9.31 10.31
N PRO A 112 -42.43 8.67 11.38
CA PRO A 112 -42.18 9.19 12.72
C PRO A 112 -40.79 8.82 13.23
N SER A 113 -40.26 9.64 14.08
CA SER A 113 -38.99 9.37 14.70
C SER A 113 -39.36 8.60 15.96
N VAL A 114 -38.96 7.33 16.05
CA VAL A 114 -39.35 6.50 17.18
C VAL A 114 -38.31 6.43 18.30
N PHE A 115 -38.69 6.91 19.46
CA PHE A 115 -37.81 6.91 20.62
C PHE A 115 -38.49 6.10 21.72
N ILE A 116 -37.69 5.44 22.53
CA ILE A 116 -38.28 4.64 23.59
C ILE A 116 -37.66 5.05 24.92
N PHE A 117 -38.51 5.12 25.94
CA PHE A 117 -38.10 5.51 27.28
C PHE A 117 -38.44 4.42 28.28
N PRO A 118 -37.42 3.70 28.78
CA PRO A 118 -37.70 2.65 29.78
C PRO A 118 -38.22 3.32 31.06
N PRO A 119 -38.79 2.52 31.98
CA PRO A 119 -39.29 3.13 33.21
C PRO A 119 -38.17 3.79 34.00
N SER A 120 -38.50 4.79 34.81
CA SER A 120 -37.53 5.47 35.62
C SER A 120 -37.32 4.69 36.91
N ASP A 121 -36.10 4.71 37.41
CA ASP A 121 -35.80 4.00 38.65
C ASP A 121 -36.78 4.45 39.72
N GLU A 122 -37.14 5.73 39.69
CA GLU A 122 -38.07 6.29 40.67
C GLU A 122 -39.44 5.61 40.67
N GLN A 123 -39.99 5.34 39.49
CA GLN A 123 -41.30 4.71 39.41
C GLN A 123 -41.24 3.25 39.85
N LEU A 124 -40.13 2.58 39.53
CA LEU A 124 -39.99 1.18 39.89
C LEU A 124 -40.07 0.96 41.40
N LYS A 125 -39.64 1.95 42.19
CA LYS A 125 -39.72 1.83 43.65
C LYS A 125 -41.12 1.34 44.04
N SER A 126 -42.13 2.09 43.58
CA SER A 126 -43.54 1.78 43.86
C SER A 126 -43.94 0.35 43.54
N GLY A 127 -43.65 -0.12 42.32
CA GLY A 127 -43.99 -1.47 41.97
C GLY A 127 -44.67 -1.68 40.63
N THR A 128 -44.58 -0.67 39.77
CA THR A 128 -45.17 -0.74 38.44
C THR A 128 -44.26 -0.01 37.46
N ALA A 129 -44.06 -0.58 36.27
CA ALA A 129 -43.20 0.04 35.28
C ALA A 129 -43.98 0.58 34.09
N SER A 130 -43.61 1.78 33.64
CA SER A 130 -44.25 2.39 32.50
C SER A 130 -43.20 2.66 31.44
N VAL A 131 -43.25 1.87 30.36
CA VAL A 131 -42.32 1.99 29.26
C VAL A 131 -43.04 2.83 28.23
N VAL A 132 -42.38 3.88 27.75
CA VAL A 132 -43.03 4.78 26.80
C VAL A 132 -42.40 4.85 25.43
N CYS A 133 -43.23 4.71 24.40
CA CYS A 133 -42.77 4.79 23.03
C CYS A 133 -43.27 6.10 22.42
N LEU A 134 -42.35 6.86 21.83
CA LEU A 134 -42.72 8.12 21.22
C LEU A 134 -42.50 8.13 19.73
N LEU A 135 -43.56 8.46 18.99
CA LEU A 135 -43.50 8.60 17.54
C LEU A 135 -43.60 10.10 17.38
N ASN A 136 -42.52 10.74 16.94
CA ASN A 136 -42.56 12.19 16.81
C ASN A 136 -42.61 12.77 15.41
N ASN A 137 -43.52 13.73 15.23
CA ASN A 137 -43.69 14.45 13.97
C ASN A 137 -43.80 13.57 12.72
N PHE A 138 -44.98 12.98 12.51
CA PHE A 138 -45.21 12.13 11.34
C PHE A 138 -46.52 12.44 10.64
N TYR A 139 -46.59 12.07 9.36
CA TYR A 139 -47.77 12.28 8.53
C TYR A 139 -47.82 11.12 7.54
N PRO A 140 -49.02 10.58 7.28
CA PRO A 140 -50.35 10.89 7.78
C PRO A 140 -50.49 10.58 9.28
N ARG A 141 -51.66 10.87 9.83
CA ARG A 141 -51.92 10.63 11.23
C ARG A 141 -52.02 9.15 11.54
N GLU A 142 -52.43 8.36 10.56
CA GLU A 142 -52.59 6.92 10.76
C GLU A 142 -51.27 6.29 11.18
N ALA A 143 -51.31 5.50 12.24
CA ALA A 143 -50.13 4.84 12.75
C ALA A 143 -50.54 3.80 13.78
N LYS A 144 -49.89 2.64 13.72
CA LYS A 144 -50.15 1.55 14.65
C LYS A 144 -48.91 1.26 15.47
N VAL A 145 -49.12 0.90 16.73
CA VAL A 145 -48.00 0.61 17.62
C VAL A 145 -48.24 -0.68 18.36
N GLN A 146 -47.24 -1.56 18.35
CA GLN A 146 -47.34 -2.83 19.04
C GLN A 146 -46.13 -3.13 19.92
N TRP A 147 -46.40 -3.40 21.19
CA TRP A 147 -45.34 -3.71 22.15
C TRP A 147 -45.02 -5.19 22.11
N LYS A 148 -43.74 -5.50 22.22
CA LYS A 148 -43.25 -6.87 22.23
C LYS A 148 -42.26 -7.01 23.39
N VAL A 149 -42.58 -7.88 24.35
CA VAL A 149 -41.70 -8.12 25.47
C VAL A 149 -41.02 -9.47 25.17
N ASP A 150 -39.71 -9.45 25.00
CA ASP A 150 -38.98 -10.67 24.67
C ASP A 150 -39.63 -11.31 23.43
N ASN A 151 -40.03 -10.44 22.51
CA ASN A 151 -40.65 -10.80 21.24
C ASN A 151 -42.13 -11.18 21.30
N ALA A 152 -42.60 -11.57 22.49
CA ALA A 152 -44.01 -11.93 22.66
C ALA A 152 -44.86 -10.68 22.42
N LEU A 153 -45.84 -10.78 21.53
CA LEU A 153 -46.68 -9.63 21.24
C LEU A 153 -47.61 -9.28 22.39
N GLN A 154 -47.63 -8.00 22.73
CA GLN A 154 -48.45 -7.54 23.84
C GLN A 154 -49.83 -7.10 23.40
N SER A 155 -50.76 -7.13 24.35
CA SER A 155 -52.13 -6.76 24.07
C SER A 155 -52.93 -6.47 25.34
N GLY A 156 -53.58 -5.30 25.36
CA GLY A 156 -54.40 -4.95 26.51
C GLY A 156 -53.69 -4.38 27.72
N ASN A 157 -52.39 -4.15 27.60
CA ASN A 157 -51.64 -3.58 28.71
C ASN A 157 -50.94 -2.31 28.27
N SER A 158 -51.54 -1.64 27.30
CA SER A 158 -51.00 -0.39 26.77
C SER A 158 -52.09 0.58 26.30
N GLN A 159 -51.80 1.87 26.44
CA GLN A 159 -52.73 2.91 26.01
C GLN A 159 -51.92 3.93 25.20
N GLU A 160 -52.60 4.78 24.43
CA GLU A 160 -51.88 5.75 23.63
C GLU A 160 -52.75 6.95 23.25
N SER A 161 -52.10 7.98 22.72
CA SER A 161 -52.81 9.17 22.28
C SER A 161 -51.97 9.93 21.26
N VAL A 162 -52.64 10.68 20.41
CA VAL A 162 -51.99 11.46 19.35
C VAL A 162 -52.33 12.93 19.55
N THR A 163 -51.42 13.81 19.16
CA THR A 163 -51.70 15.24 19.28
C THR A 163 -52.44 15.68 18.02
N GLU A 164 -52.94 16.90 18.02
CA GLU A 164 -53.64 17.42 16.87
C GLU A 164 -52.56 17.87 15.92
N GLN A 165 -52.85 17.88 14.62
CA GLN A 165 -51.88 18.34 13.63
C GLN A 165 -51.21 19.61 14.14
N ASP A 166 -49.88 19.63 14.11
CA ASP A 166 -49.11 20.80 14.53
C ASP A 166 -49.45 22.00 13.65
N ASN A 167 -49.37 23.20 14.24
CA ASN A 167 -49.67 24.42 13.51
C ASN A 167 -48.55 24.78 12.54
N LYS A 168 -47.30 24.44 12.90
CA LYS A 168 -46.11 24.74 12.10
C LYS A 168 -45.77 23.81 10.94
N ASP A 169 -45.58 22.52 11.23
CA ASP A 169 -45.20 21.55 10.21
C ASP A 169 -46.30 20.56 9.77
N SER A 170 -47.52 20.77 10.25
CA SER A 170 -48.65 19.90 9.90
C SER A 170 -48.39 18.43 10.18
N THR A 171 -47.49 18.14 11.11
CA THR A 171 -47.19 16.75 11.45
C THR A 171 -47.98 16.37 12.69
N TYR A 172 -48.06 15.07 12.97
CA TYR A 172 -48.75 14.60 14.15
C TYR A 172 -47.71 13.87 14.98
N SER A 173 -47.97 13.73 16.28
CA SER A 173 -47.07 13.01 17.18
C SER A 173 -47.90 11.98 17.94
N LEU A 174 -47.27 10.89 18.40
CA LEU A 174 -48.01 9.86 19.13
C LEU A 174 -47.25 9.35 20.36
N SER A 175 -47.98 9.06 21.43
CA SER A 175 -47.38 8.60 22.68
C SER A 175 -48.03 7.32 23.19
N SER A 176 -47.27 6.23 23.21
CA SER A 176 -47.79 4.96 23.69
C SER A 176 -47.13 4.54 25.01
N THR A 177 -47.90 3.90 25.87
CA THR A 177 -47.38 3.47 27.17
C THR A 177 -47.66 2.00 27.47
N LEU A 178 -46.60 1.29 27.86
CA LEU A 178 -46.70 -0.11 28.23
C LEU A 178 -46.65 -0.14 29.74
N THR A 179 -47.75 -0.51 30.38
CA THR A 179 -47.83 -0.56 31.83
C THR A 179 -47.77 -1.98 32.36
N LEU A 180 -46.63 -2.33 32.94
CA LEU A 180 -46.42 -3.67 33.51
C LEU A 180 -46.08 -3.54 34.98
N SER A 181 -46.21 -4.63 35.72
CA SER A 181 -45.89 -4.61 37.14
C SER A 181 -44.37 -4.61 37.30
N LYS A 182 -43.90 -4.28 38.49
CA LYS A 182 -42.47 -4.26 38.72
C LYS A 182 -41.89 -5.66 38.51
N ALA A 183 -42.53 -6.66 39.11
CA ALA A 183 -42.07 -8.04 39.00
C ALA A 183 -42.17 -8.56 37.57
N ASP A 184 -43.12 -8.05 36.81
CA ASP A 184 -43.28 -8.48 35.42
C ASP A 184 -42.20 -7.84 34.56
N TYR A 185 -41.76 -6.66 34.98
CA TYR A 185 -40.73 -5.92 34.27
C TYR A 185 -39.34 -6.49 34.51
N GLU A 186 -39.07 -6.86 35.75
CA GLU A 186 -37.75 -7.41 36.07
C GLU A 186 -37.65 -8.86 35.59
N LYS A 187 -38.73 -9.37 35.02
CA LYS A 187 -38.78 -10.74 34.51
C LYS A 187 -38.27 -10.87 33.08
N HIS A 188 -38.29 -9.78 32.32
CA HIS A 188 -37.86 -9.84 30.93
C HIS A 188 -36.73 -8.86 30.59
N LYS A 189 -36.11 -9.08 29.43
CA LYS A 189 -35.01 -8.23 28.99
C LYS A 189 -35.40 -7.24 27.90
N VAL A 190 -35.86 -7.79 26.75
CA VAL A 190 -36.21 -6.96 25.62
C VAL A 190 -37.60 -6.32 25.63
N TYR A 191 -37.63 -5.00 25.54
CA TYR A 191 -38.87 -4.23 25.49
C TYR A 191 -38.88 -3.53 24.15
N ALA A 192 -39.68 -4.05 23.23
CA ALA A 192 -39.75 -3.55 21.87
C ALA A 192 -40.99 -2.76 21.45
N CYS A 193 -40.82 -1.71 20.75
CA CYS A 193 -41.91 -0.88 20.26
C CYS A 193 -41.93 -1.03 18.73
N GLU A 194 -42.91 -1.75 18.21
CA GLU A 194 -43.02 -1.93 16.77
C GLU A 194 -43.98 -0.91 16.19
N VAL A 195 -43.44 -0.06 15.33
CA VAL A 195 -44.22 1.02 14.69
C VAL A 195 -44.55 0.76 13.21
N THR A 196 -45.83 0.88 12.88
CA THR A 196 -46.30 0.70 11.51
C THR A 196 -46.79 2.04 10.99
N HIS A 197 -46.16 2.53 9.92
CA HIS A 197 -46.56 3.81 9.32
C HIS A 197 -46.30 3.82 7.82
N GLN A 198 -47.05 4.66 7.11
CA GLN A 198 -46.91 4.75 5.67
C GLN A 198 -45.47 5.05 5.24
N GLY A 199 -44.82 5.97 5.94
CA GLY A 199 -43.46 6.35 5.60
C GLY A 199 -42.40 5.29 5.89
N LEU A 200 -42.82 4.20 6.51
CA LEU A 200 -41.93 3.10 6.85
C LEU A 200 -42.31 1.89 6.00
N SER A 201 -41.49 1.60 4.99
CA SER A 201 -41.72 0.48 4.07
C SER A 201 -42.14 -0.77 4.82
N SER A 202 -41.57 -0.96 6.00
CA SER A 202 -41.91 -2.10 6.84
C SER A 202 -41.81 -1.66 8.30
N PRO A 203 -42.68 -2.21 9.17
CA PRO A 203 -42.67 -1.86 10.59
C PRO A 203 -41.26 -1.77 11.15
N VAL A 204 -40.99 -0.68 11.86
CA VAL A 204 -39.69 -0.49 12.46
C VAL A 204 -39.80 -0.90 13.90
N THR A 205 -38.70 -1.39 14.47
CA THR A 205 -38.68 -1.78 15.86
C THR A 205 -37.56 -1.09 16.61
N LYS A 206 -37.93 -0.36 17.64
CA LYS A 206 -36.97 0.34 18.48
C LYS A 206 -37.15 -0.32 19.84
N SER A 207 -36.08 -0.86 20.38
CA SER A 207 -36.17 -1.50 21.67
C SER A 207 -34.90 -1.25 22.45
N PHE A 208 -34.84 -1.85 23.63
CA PHE A 208 -33.69 -1.74 24.51
C PHE A 208 -33.70 -2.95 25.43
N ASN A 209 -32.57 -3.18 26.09
CA ASN A 209 -32.43 -4.29 27.02
C ASN A 209 -32.46 -3.77 28.45
N ARG A 210 -33.35 -4.33 29.26
CA ARG A 210 -33.50 -3.94 30.65
C ARG A 210 -32.13 -4.07 31.34
N GLY A 211 -31.75 -3.04 32.09
CA GLY A 211 -30.48 -3.08 32.79
C GLY A 211 -29.28 -3.16 31.88
N GLU A 212 -29.18 -2.21 30.94
CA GLU A 212 -28.08 -2.18 29.99
C GLU A 212 -27.97 -0.77 29.40
N VAL B 1 -72.47 41.62 25.44
CA VAL B 1 -73.27 40.43 25.87
C VAL B 1 -72.38 39.18 25.94
N GLN B 2 -72.19 38.66 27.16
CA GLN B 2 -71.34 37.50 27.34
C GLN B 2 -71.95 36.39 28.19
N LEU B 3 -71.56 35.16 27.87
CA LEU B 3 -72.07 33.98 28.58
C LEU B 3 -70.96 33.15 29.21
N LEU B 4 -71.01 32.99 30.52
CA LEU B 4 -70.01 32.20 31.24
C LEU B 4 -70.67 31.10 32.06
N GLU B 5 -70.31 29.85 31.78
CA GLU B 5 -70.88 28.74 32.53
C GLU B 5 -70.08 28.50 33.81
N SER B 6 -70.66 27.69 34.70
CA SER B 6 -70.02 27.36 35.95
C SER B 6 -70.77 26.20 36.59
N GLY B 7 -70.04 25.30 37.22
CA GLY B 7 -70.64 24.15 37.85
C GLY B 7 -69.53 23.17 38.11
N PRO B 8 -69.80 22.00 38.72
CA PRO B 8 -68.75 21.03 38.99
C PRO B 8 -68.07 20.45 37.74
N GLY B 9 -66.81 20.05 37.90
CA GLY B 9 -66.09 19.45 36.79
C GLY B 9 -66.39 17.97 36.86
N VAL B 10 -66.64 17.51 38.08
CA VAL B 10 -66.95 16.11 38.37
C VAL B 10 -68.28 15.93 39.10
N VAL B 11 -69.02 14.90 38.72
CA VAL B 11 -70.30 14.58 39.33
C VAL B 11 -70.33 13.07 39.57
N LYS B 12 -70.57 12.68 40.82
CA LYS B 12 -70.63 11.28 41.18
C LYS B 12 -71.84 10.65 40.50
N PRO B 13 -71.69 9.46 39.92
CA PRO B 13 -72.84 8.83 39.26
C PRO B 13 -74.08 8.69 40.15
N SER B 14 -75.24 8.68 39.49
CA SER B 14 -76.54 8.58 40.14
C SER B 14 -76.96 9.89 40.81
N GLU B 15 -76.02 10.83 40.97
CA GLU B 15 -76.37 12.09 41.61
C GLU B 15 -76.93 13.10 40.60
N THR B 16 -77.25 14.30 41.06
CA THR B 16 -77.83 15.27 40.15
C THR B 16 -76.88 16.42 39.83
N LEU B 17 -76.64 16.60 38.54
CA LEU B 17 -75.76 17.67 38.06
C LEU B 17 -76.47 19.02 37.98
N SER B 18 -75.73 20.07 38.31
CA SER B 18 -76.27 21.43 38.28
C SER B 18 -75.30 22.35 37.58
N LEU B 19 -75.62 22.73 36.35
CA LEU B 19 -74.77 23.65 35.60
C LEU B 19 -75.48 25.00 35.49
N THR B 20 -74.72 26.09 35.62
CA THR B 20 -75.29 27.45 35.59
C THR B 20 -74.57 28.37 34.59
N CYS B 21 -75.32 29.26 33.97
CA CYS B 21 -74.76 30.16 32.97
C CYS B 21 -75.08 31.58 33.41
N THR B 22 -74.05 32.38 33.57
CA THR B 22 -74.24 33.76 33.99
C THR B 22 -74.15 34.64 32.76
N VAL B 23 -75.12 35.53 32.61
CA VAL B 23 -75.15 36.41 31.44
C VAL B 23 -74.68 37.81 31.76
N SER B 24 -74.25 38.52 30.73
CA SER B 24 -73.78 39.89 30.88
C SER B 24 -74.12 40.61 29.60
N GLY B 25 -74.39 41.91 29.71
CA GLY B 25 -74.71 42.71 28.55
C GLY B 25 -76.15 42.55 28.12
N ALA B 26 -76.90 41.70 28.83
CA ALA B 26 -78.32 41.48 28.52
C ALA B 26 -79.11 40.90 29.68
N SER B 27 -80.42 41.16 29.67
CA SER B 27 -81.32 40.65 30.68
C SER B 27 -81.84 39.29 30.24
N VAL B 28 -81.59 38.27 31.06
CA VAL B 28 -82.00 36.91 30.75
C VAL B 28 -83.46 36.76 30.36
N ASN B 29 -84.32 37.55 30.97
CA ASN B 29 -85.75 37.48 30.70
C ASN B 29 -86.14 37.89 29.28
N ASN B 30 -85.36 38.79 28.66
CA ASN B 30 -85.66 39.27 27.31
C ASN B 30 -85.22 38.41 26.13
N TYR B 31 -84.65 37.24 26.40
CA TYR B 31 -84.18 36.35 25.34
C TYR B 31 -84.45 34.89 25.65
N TYR B 32 -84.17 34.05 24.66
CA TYR B 32 -84.32 32.61 24.80
C TYR B 32 -82.92 32.01 24.82
N TRP B 33 -82.70 31.02 25.68
CA TRP B 33 -81.39 30.38 25.78
C TRP B 33 -81.45 28.87 25.61
N THR B 34 -80.29 28.23 25.50
CA THR B 34 -80.25 26.78 25.31
C THR B 34 -78.95 26.13 25.82
N TRP B 35 -78.97 24.81 25.95
CA TRP B 35 -77.79 24.05 26.37
C TRP B 35 -77.48 22.95 25.37
N VAL B 36 -76.21 22.81 25.01
CA VAL B 36 -75.75 21.80 24.08
C VAL B 36 -74.54 21.10 24.68
N ARG B 37 -74.51 19.77 24.57
CA ARG B 37 -73.39 18.99 25.10
C ARG B 37 -72.62 18.34 23.97
N GLN B 38 -71.38 17.98 24.28
CA GLN B 38 -70.50 17.34 23.31
C GLN B 38 -69.80 16.19 24.00
N PRO B 39 -70.42 14.99 23.94
CA PRO B 39 -69.85 13.81 24.56
C PRO B 39 -68.59 13.45 23.79
N PRO B 40 -67.42 13.45 24.46
CA PRO B 40 -66.19 13.11 23.73
C PRO B 40 -66.44 11.83 22.94
N GLY B 41 -66.17 11.88 21.64
CA GLY B 41 -66.39 10.73 20.78
C GLY B 41 -67.53 11.04 19.83
N LYS B 42 -68.62 11.60 20.37
CA LYS B 42 -69.78 11.96 19.56
C LYS B 42 -69.64 13.40 19.06
N GLY B 43 -70.76 13.95 18.59
CA GLY B 43 -70.74 15.31 18.09
C GLY B 43 -71.42 16.29 19.02
N LEU B 44 -72.50 16.90 18.53
CA LEU B 44 -73.25 17.87 19.31
C LEU B 44 -74.65 17.34 19.58
N GLU B 45 -75.16 17.66 20.76
CA GLU B 45 -76.49 17.22 21.14
C GLU B 45 -77.26 18.33 21.83
N TRP B 46 -78.38 18.72 21.22
CA TRP B 46 -79.24 19.75 21.77
C TRP B 46 -79.91 19.19 23.02
N ILE B 47 -79.71 19.85 24.16
CA ILE B 47 -80.29 19.39 25.43
C ILE B 47 -81.71 19.90 25.64
N GLY B 48 -81.89 21.21 25.49
CA GLY B 48 -83.20 21.81 25.68
C GLY B 48 -83.13 23.33 25.71
N ASN B 49 -84.28 23.97 25.82
CA ASN B 49 -84.33 25.42 25.84
C ASN B 49 -85.00 25.97 27.09
N VAL B 50 -84.80 27.27 27.32
CA VAL B 50 -85.41 27.94 28.45
C VAL B 50 -85.92 29.30 27.97
N TYR B 51 -87.17 29.60 28.31
CA TYR B 51 -87.79 30.85 27.90
C TYR B 51 -88.40 31.54 29.10
N ASP B 52 -88.99 32.70 28.87
CA ASP B 52 -89.63 33.43 29.95
C ASP B 52 -90.99 32.76 30.23
N SER B 53 -91.62 32.26 29.16
CA SER B 53 -92.92 31.61 29.24
C SER B 53 -92.87 30.26 29.92
N GLY B 54 -91.67 29.80 30.26
CA GLY B 54 -91.52 28.51 30.91
C GLY B 54 -91.94 27.31 30.06
N ASP B 55 -92.07 27.51 28.76
CA ASP B 55 -92.44 26.41 27.85
C ASP B 55 -91.43 25.27 27.98
N THR B 56 -91.87 24.06 27.66
CA THR B 56 -91.01 22.88 27.79
C THR B 56 -90.54 22.28 26.46
N ASN B 57 -89.36 22.66 26.01
CA ASN B 57 -88.80 22.12 24.79
C ASN B 57 -87.48 21.44 25.08
N TYR B 58 -87.54 20.19 25.50
CA TYR B 58 -86.36 19.42 25.83
C TYR B 58 -86.17 18.28 24.84
N ASN B 59 -84.97 17.73 24.82
CA ASN B 59 -84.68 16.61 23.96
C ASN B 59 -85.35 15.39 24.62
N PRO B 60 -86.06 14.57 23.83
CA PRO B 60 -86.74 13.38 24.34
C PRO B 60 -85.79 12.41 25.03
N SER B 61 -84.54 12.40 24.59
CA SER B 61 -83.55 11.49 25.17
C SER B 61 -83.07 11.90 26.56
N LEU B 62 -83.53 13.06 27.05
CA LEU B 62 -83.14 13.56 28.36
C LEU B 62 -84.33 14.01 29.18
N SER B 63 -85.40 14.31 28.47
CA SER B 63 -86.65 14.78 29.04
C SER B 63 -86.91 14.30 30.47
N SER B 64 -86.92 12.99 30.68
CA SER B 64 -87.21 12.42 31.99
C SER B 64 -86.31 12.85 33.16
N ARG B 65 -85.09 13.27 32.87
CA ARG B 65 -84.15 13.66 33.94
C ARG B 65 -83.70 15.12 33.90
N LEU B 66 -84.17 15.85 32.89
CA LEU B 66 -83.77 17.21 32.71
C LEU B 66 -84.73 18.25 33.27
N SER B 67 -84.17 19.39 33.63
CA SER B 67 -84.94 20.51 34.16
C SER B 67 -84.14 21.78 33.93
N LEU B 68 -84.68 22.67 33.09
CA LEU B 68 -84.02 23.94 32.77
C LEU B 68 -84.79 25.08 33.43
N SER B 69 -84.12 26.20 33.69
CA SER B 69 -84.78 27.32 34.32
C SER B 69 -84.01 28.62 34.21
N MET B 70 -84.64 29.69 34.65
CA MET B 70 -84.05 31.02 34.61
C MET B 70 -84.23 31.72 35.97
N ASP B 71 -83.25 32.50 36.39
CA ASP B 71 -83.31 33.22 37.65
C ASP B 71 -83.03 34.68 37.32
N THR B 72 -84.10 35.45 37.13
CA THR B 72 -83.95 36.85 36.77
C THR B 72 -83.18 37.71 37.77
N SER B 73 -83.30 37.41 39.06
CA SER B 73 -82.59 38.21 40.05
C SER B 73 -81.07 38.08 39.95
N LYS B 74 -80.60 36.90 39.57
CA LYS B 74 -79.17 36.68 39.44
C LYS B 74 -78.75 36.72 37.97
N ASN B 75 -79.73 36.97 37.09
CA ASN B 75 -79.51 37.05 35.64
C ASN B 75 -78.81 35.81 35.08
N GLN B 76 -79.33 34.58 35.43
CA GLN B 76 -78.73 33.34 34.95
C GLN B 76 -79.81 32.34 34.55
N PHE B 77 -79.42 31.34 33.80
CA PHE B 77 -80.32 30.26 33.41
C PHE B 77 -79.53 28.98 33.71
N SER B 78 -80.22 27.91 34.08
CA SER B 78 -79.46 26.73 34.47
C SER B 78 -79.94 25.40 33.97
N LEU B 79 -79.21 24.38 34.30
CA LEU B 79 -79.51 23.03 33.84
C LEU B 79 -79.42 22.05 35.01
N ARG B 80 -80.45 21.24 35.17
CA ARG B 80 -80.48 20.25 36.24
C ARG B 80 -80.59 18.89 35.57
N LEU B 81 -79.64 18.01 35.84
CA LEU B 81 -79.69 16.67 35.24
C LEU B 81 -79.60 15.61 36.33
N SER B 82 -80.70 14.90 36.54
CA SER B 82 -80.74 13.85 37.56
C SER B 82 -80.24 12.51 37.02
N SER B 83 -79.83 11.64 37.96
CA SER B 83 -79.35 10.30 37.67
C SER B 83 -78.27 10.21 36.59
N VAL B 84 -77.21 11.01 36.73
CA VAL B 84 -76.15 10.99 35.73
C VAL B 84 -75.40 9.66 35.72
N THR B 85 -74.94 9.28 34.53
CA THR B 85 -74.19 8.06 34.32
C THR B 85 -73.01 8.46 33.42
N ALA B 86 -72.11 7.52 33.16
CA ALA B 86 -70.96 7.80 32.32
C ALA B 86 -71.38 8.33 30.94
N ALA B 87 -72.61 8.03 30.53
CA ALA B 87 -73.08 8.50 29.24
C ALA B 87 -73.36 10.01 29.25
N ASP B 88 -73.39 10.60 30.44
CA ASP B 88 -73.63 12.04 30.55
C ASP B 88 -72.35 12.85 30.56
N THR B 89 -71.21 12.16 30.54
CA THR B 89 -69.92 12.84 30.54
C THR B 89 -69.75 13.61 29.24
N ALA B 90 -69.47 14.90 29.35
CA ALA B 90 -69.27 15.75 28.19
C ALA B 90 -69.05 17.21 28.55
N THR B 91 -68.58 17.97 27.57
CA THR B 91 -68.37 19.39 27.78
C THR B 91 -69.71 20.02 27.42
N TYR B 92 -70.25 20.78 28.37
CA TYR B 92 -71.55 21.40 28.18
C TYR B 92 -71.46 22.87 27.84
N TYR B 93 -72.21 23.28 26.82
CA TYR B 93 -72.23 24.69 26.40
C TYR B 93 -73.61 25.34 26.60
N CYS B 94 -73.60 26.63 26.89
CA CYS B 94 -74.85 27.38 27.01
C CYS B 94 -74.80 28.40 25.88
N ALA B 95 -75.97 28.78 25.38
CA ALA B 95 -76.03 29.72 24.27
C ALA B 95 -77.36 30.44 24.17
N ARG B 96 -77.44 31.35 23.20
CA ARG B 96 -78.68 32.08 22.98
C ARG B 96 -79.41 31.40 21.83
N TYR B 97 -80.71 31.17 22.03
CA TYR B 97 -81.53 30.54 21.01
C TYR B 97 -82.11 31.71 20.22
N HIS B 98 -81.37 32.15 19.21
CA HIS B 98 -81.78 33.29 18.39
C HIS B 98 -82.98 32.97 17.52
N ARG B 99 -84.06 33.73 17.71
CA ARG B 99 -85.30 33.53 16.98
C ARG B 99 -85.87 34.89 16.58
N HIS B 100 -86.63 34.91 15.48
CA HIS B 100 -87.28 36.13 15.01
C HIS B 100 -88.77 35.79 15.02
N PHE B 101 -89.57 36.63 15.68
CA PHE B 101 -91.00 36.35 15.80
C PHE B 101 -91.77 36.06 14.52
N ILE B 102 -91.34 36.63 13.39
CA ILE B 102 -92.01 36.35 12.13
C ILE B 102 -91.29 35.22 11.37
N ARG B 103 -89.99 35.41 11.14
CA ARG B 103 -89.19 34.42 10.43
C ARG B 103 -88.96 33.10 11.18
N GLY B 104 -89.12 33.10 12.49
CA GLY B 104 -88.93 31.87 13.26
C GLY B 104 -87.50 31.60 13.70
N PRO B 105 -87.19 30.35 14.02
CA PRO B 105 -85.87 29.94 14.48
C PRO B 105 -84.74 30.26 13.49
N LEU B 106 -83.72 30.97 13.99
CA LEU B 106 -82.55 31.36 13.20
C LEU B 106 -81.30 30.58 13.53
N SER B 107 -80.86 30.62 14.78
CA SER B 107 -79.66 29.89 15.19
C SER B 107 -79.38 30.00 16.69
N PHE B 108 -78.24 29.47 17.08
CA PHE B 108 -77.64 29.51 18.38
C PHE B 108 -76.46 30.42 18.12
N ASP B 109 -76.64 31.73 18.28
CA ASP B 109 -75.59 32.69 17.93
C ASP B 109 -74.53 33.12 18.94
N TYR B 110 -74.82 33.01 20.23
CA TYR B 110 -73.83 33.35 21.23
C TYR B 110 -73.64 32.07 21.99
N TRP B 111 -72.40 31.63 22.13
CA TRP B 111 -72.09 30.39 22.85
C TRP B 111 -71.09 30.63 23.98
N GLY B 112 -71.22 29.84 25.03
CA GLY B 112 -70.28 29.94 26.14
C GLY B 112 -69.06 29.14 25.72
N ARG B 113 -67.98 29.19 26.50
CA ARG B 113 -66.80 28.44 26.15
C ARG B 113 -66.94 26.99 26.60
N GLY B 114 -68.00 26.72 27.35
CA GLY B 114 -68.28 25.37 27.84
C GLY B 114 -67.43 24.91 29.02
N THR B 115 -67.89 23.85 29.68
CA THR B 115 -67.19 23.25 30.80
C THR B 115 -67.30 21.75 30.69
N LEU B 116 -66.21 21.05 31.00
CA LEU B 116 -66.15 19.61 30.92
C LEU B 116 -66.75 18.97 32.18
N VAL B 117 -67.79 18.18 32.00
CA VAL B 117 -68.41 17.50 33.12
C VAL B 117 -68.10 16.01 33.00
N THR B 118 -67.29 15.51 33.93
CA THR B 118 -66.93 14.10 33.94
C THR B 118 -67.67 13.39 35.08
N VAL B 119 -68.44 12.36 34.71
CA VAL B 119 -69.19 11.57 35.68
C VAL B 119 -68.30 10.44 36.19
N SER B 120 -67.83 10.55 37.43
CA SER B 120 -66.95 9.55 38.02
C SER B 120 -66.97 9.47 39.54
N SER B 121 -66.83 8.26 40.06
CA SER B 121 -66.80 8.01 41.49
C SER B 121 -65.41 8.26 42.04
N ALA B 122 -64.43 8.30 41.14
CA ALA B 122 -63.02 8.51 41.47
C ALA B 122 -62.78 9.65 42.44
N SER B 123 -61.81 9.46 43.35
CA SER B 123 -61.48 10.50 44.33
C SER B 123 -60.38 11.42 43.80
N THR B 124 -60.53 12.71 44.08
CA THR B 124 -59.56 13.72 43.63
C THR B 124 -58.16 13.28 44.06
N LYS B 125 -57.22 13.33 43.12
CA LYS B 125 -55.85 12.92 43.41
C LYS B 125 -54.79 13.59 42.54
N GLY B 126 -53.67 13.92 43.19
CA GLY B 126 -52.57 14.55 42.50
C GLY B 126 -51.71 13.56 41.72
N PRO B 127 -51.06 14.02 40.66
CA PRO B 127 -50.21 13.16 39.83
C PRO B 127 -48.82 12.91 40.41
N SER B 128 -48.22 11.85 39.90
CA SER B 128 -46.87 11.51 40.26
C SER B 128 -46.13 11.68 38.95
N VAL B 129 -45.15 12.59 38.90
CA VAL B 129 -44.45 12.82 37.66
C VAL B 129 -43.12 12.07 37.63
N PHE B 130 -42.92 11.33 36.54
CA PHE B 130 -41.71 10.55 36.32
C PHE B 130 -41.00 11.12 35.11
N PRO B 131 -39.66 10.98 35.07
CA PRO B 131 -38.93 11.52 33.92
C PRO B 131 -38.78 10.58 32.74
N LEU B 132 -38.91 11.18 31.55
CA LEU B 132 -38.66 10.48 30.33
C LEU B 132 -37.30 10.99 29.87
N ALA B 133 -36.28 10.43 30.45
CA ALA B 133 -34.91 10.85 30.24
C ALA B 133 -34.32 10.67 28.84
N PRO B 134 -33.61 11.70 28.36
CA PRO B 134 -32.99 11.64 27.04
C PRO B 134 -31.85 10.63 27.11
N SER B 135 -31.67 9.87 26.05
CA SER B 135 -30.62 8.86 26.01
C SER B 135 -30.29 8.53 24.58
N SER B 136 -29.45 7.53 24.40
CA SER B 136 -29.09 7.10 23.07
C SER B 136 -30.34 6.54 22.40
N LYS B 137 -31.30 6.10 23.21
CA LYS B 137 -32.54 5.54 22.70
C LYS B 137 -33.56 6.57 22.25
N SER B 138 -33.32 7.83 22.58
CA SER B 138 -34.24 8.89 22.19
C SER B 138 -33.52 9.97 21.39
N THR B 139 -32.41 9.60 20.76
CA THR B 139 -31.66 10.55 19.97
C THR B 139 -31.51 10.15 18.50
N SER B 140 -31.55 11.17 17.63
CA SER B 140 -31.42 10.97 16.19
C SER B 140 -30.80 12.25 15.65
N GLY B 141 -29.65 12.12 14.98
CA GLY B 141 -29.00 13.31 14.46
C GLY B 141 -28.49 14.13 15.65
N GLY B 142 -28.73 15.43 15.61
CA GLY B 142 -28.28 16.28 16.71
C GLY B 142 -29.44 16.63 17.63
N THR B 143 -30.50 15.86 17.52
CA THR B 143 -31.70 16.07 18.30
C THR B 143 -32.02 14.94 19.28
N SER B 144 -32.34 15.32 20.50
CA SER B 144 -32.69 14.36 21.55
C SER B 144 -34.04 14.72 22.15
N ALA B 145 -34.83 13.70 22.46
CA ALA B 145 -36.14 13.92 23.04
C ALA B 145 -36.15 13.56 24.52
N LEU B 146 -36.88 14.33 25.31
CA LEU B 146 -37.01 14.08 26.75
C LEU B 146 -38.44 14.50 27.13
N GLY B 147 -38.86 14.21 28.37
CA GLY B 147 -40.21 14.60 28.77
C GLY B 147 -40.58 14.25 30.19
N CYS B 148 -41.88 14.17 30.46
CA CYS B 148 -42.37 13.82 31.79
C CYS B 148 -43.64 13.00 31.77
N LEU B 149 -43.70 11.98 32.60
CA LEU B 149 -44.87 11.13 32.67
C LEU B 149 -45.69 11.55 33.88
N VAL B 150 -46.86 12.12 33.61
CA VAL B 150 -47.78 12.55 34.66
C VAL B 150 -48.77 11.40 34.83
N LYS B 151 -48.46 10.51 35.76
CA LYS B 151 -49.27 9.31 36.00
C LYS B 151 -50.14 9.29 37.25
N ASP B 152 -51.31 8.66 37.10
CA ASP B 152 -52.28 8.48 38.18
C ASP B 152 -52.81 9.74 38.86
N TYR B 153 -53.64 10.49 38.14
CA TYR B 153 -54.25 11.69 38.70
C TYR B 153 -55.73 11.79 38.31
N PHE B 154 -56.50 12.45 39.16
CA PHE B 154 -57.92 12.65 38.89
C PHE B 154 -58.43 13.90 39.59
N PRO B 155 -59.29 14.66 38.91
CA PRO B 155 -59.77 14.40 37.54
C PRO B 155 -58.94 15.29 36.63
N GLU B 156 -59.44 15.54 35.43
CA GLU B 156 -58.73 16.41 34.51
C GLU B 156 -59.05 17.81 35.00
N PRO B 157 -58.25 18.81 34.62
CA PRO B 157 -57.07 18.68 33.77
C PRO B 157 -55.77 19.03 34.50
N VAL B 158 -54.66 18.73 33.85
CA VAL B 158 -53.34 19.05 34.40
C VAL B 158 -52.70 19.84 33.28
N THR B 159 -51.87 20.81 33.63
CA THR B 159 -51.18 21.56 32.61
C THR B 159 -49.69 21.28 32.80
N VAL B 160 -48.94 21.38 31.70
CA VAL B 160 -47.50 21.16 31.77
C VAL B 160 -46.82 22.31 31.06
N SER B 161 -45.61 22.61 31.48
CA SER B 161 -44.80 23.67 30.89
C SER B 161 -43.36 23.31 31.16
N TRP B 162 -42.46 23.81 30.33
CA TRP B 162 -41.05 23.50 30.52
C TRP B 162 -40.28 24.76 30.83
N ASN B 163 -39.33 24.63 31.76
CA ASN B 163 -38.50 25.76 32.14
C ASN B 163 -39.38 26.97 32.40
N SER B 164 -40.39 26.77 33.25
CA SER B 164 -41.32 27.83 33.62
C SER B 164 -41.84 28.62 32.43
N GLY B 165 -42.19 27.93 31.34
CA GLY B 165 -42.71 28.62 30.19
C GLY B 165 -41.65 29.20 29.27
N ALA B 166 -40.38 29.02 29.60
CA ALA B 166 -39.30 29.53 28.77
C ALA B 166 -39.10 28.65 27.53
N LEU B 167 -39.33 27.35 27.67
CA LEU B 167 -39.17 26.42 26.55
C LEU B 167 -40.56 26.01 26.03
N THR B 168 -40.83 26.31 24.77
CA THR B 168 -42.12 25.96 24.18
C THR B 168 -41.92 25.31 22.82
N SER B 169 -40.79 25.63 22.18
CA SER B 169 -40.45 25.10 20.88
C SER B 169 -40.21 23.59 20.92
N GLY B 170 -40.91 22.86 20.05
CA GLY B 170 -40.75 21.42 19.99
C GLY B 170 -41.41 20.66 21.12
N VAL B 171 -42.27 21.33 21.87
CA VAL B 171 -42.97 20.70 22.98
C VAL B 171 -44.23 19.99 22.51
N HIS B 172 -44.50 18.82 23.08
CA HIS B 172 -45.68 18.04 22.74
C HIS B 172 -46.30 17.47 24.02
N THR B 173 -47.45 18.02 24.40
CA THR B 173 -48.13 17.52 25.59
C THR B 173 -49.29 16.74 25.00
N PHE B 174 -49.30 15.44 25.24
CA PHE B 174 -50.34 14.59 24.69
C PHE B 174 -51.68 14.57 25.42
N PRO B 175 -52.72 14.18 24.69
CA PRO B 175 -54.05 14.10 25.30
C PRO B 175 -53.89 13.02 26.37
N ALA B 176 -54.52 13.23 27.53
CA ALA B 176 -54.44 12.27 28.62
C ALA B 176 -55.26 11.03 28.29
N VAL B 177 -54.95 9.93 28.98
CA VAL B 177 -55.66 8.68 28.78
C VAL B 177 -56.19 8.21 30.14
N LEU B 178 -57.38 7.62 30.14
CA LEU B 178 -57.98 7.13 31.38
C LEU B 178 -57.59 5.67 31.54
N GLN B 179 -57.03 5.34 32.69
CA GLN B 179 -56.62 3.98 32.98
C GLN B 179 -57.76 3.28 33.69
N SER B 180 -57.80 1.94 33.61
CA SER B 180 -58.85 1.18 34.27
C SER B 180 -58.91 1.51 35.76
N SER B 181 -57.85 2.12 36.28
CA SER B 181 -57.81 2.51 37.68
C SER B 181 -58.74 3.68 37.90
N GLY B 182 -59.23 4.24 36.81
CA GLY B 182 -60.12 5.39 36.92
C GLY B 182 -59.31 6.68 37.02
N LEU B 183 -57.98 6.55 36.94
CA LEU B 183 -57.09 7.71 37.02
C LEU B 183 -56.52 8.06 35.65
N TYR B 184 -56.22 9.34 35.45
CA TYR B 184 -55.67 9.81 34.18
C TYR B 184 -54.15 9.76 34.16
N SER B 185 -53.59 9.79 32.95
CA SER B 185 -52.16 9.76 32.76
C SER B 185 -51.80 10.29 31.38
N LEU B 186 -50.98 11.32 31.34
CA LEU B 186 -50.56 11.89 30.07
C LEU B 186 -49.06 12.04 30.06
N SER B 187 -48.55 12.51 28.95
CA SER B 187 -47.12 12.72 28.82
C SER B 187 -46.86 13.97 28.04
N SER B 188 -45.77 14.64 28.39
CA SER B 188 -45.38 15.84 27.68
C SER B 188 -43.92 15.62 27.36
N VAL B 189 -43.55 15.90 26.11
CA VAL B 189 -42.17 15.70 25.69
C VAL B 189 -41.66 16.94 24.98
N VAL B 190 -40.38 16.91 24.65
CA VAL B 190 -39.76 18.03 23.96
C VAL B 190 -38.47 17.52 23.36
N THR B 191 -38.21 17.92 22.12
CA THR B 191 -37.01 17.54 21.41
C THR B 191 -36.08 18.73 21.54
N VAL B 192 -34.85 18.49 21.94
CA VAL B 192 -33.91 19.57 22.13
C VAL B 192 -32.56 19.22 21.50
N PRO B 193 -31.70 20.22 21.27
CA PRO B 193 -30.41 19.87 20.67
C PRO B 193 -29.65 18.91 21.59
N SER B 194 -29.12 17.83 21.03
CA SER B 194 -28.39 16.83 21.80
C SER B 194 -27.18 17.42 22.49
N SER B 195 -26.55 18.42 21.86
CA SER B 195 -25.36 19.02 22.44
C SER B 195 -25.61 19.70 23.77
N SER B 196 -26.74 20.39 23.89
CA SER B 196 -27.07 21.09 25.12
C SER B 196 -27.42 20.15 26.27
N LEU B 197 -27.57 18.86 25.95
CA LEU B 197 -27.94 17.87 26.95
C LEU B 197 -27.12 17.82 28.22
N GLY B 198 -25.91 18.36 28.19
CA GLY B 198 -25.12 18.34 29.40
C GLY B 198 -25.17 19.67 30.14
N THR B 199 -25.31 20.73 29.36
CA THR B 199 -25.33 22.08 29.90
C THR B 199 -26.68 22.63 30.34
N GLN B 200 -27.67 22.57 29.45
CA GLN B 200 -28.99 23.11 29.75
C GLN B 200 -29.84 22.27 30.70
N THR B 201 -30.43 22.93 31.67
CA THR B 201 -31.28 22.28 32.64
C THR B 201 -32.71 22.22 32.11
N TYR B 202 -33.29 21.02 32.09
CA TYR B 202 -34.65 20.81 31.61
C TYR B 202 -35.53 20.43 32.80
N ILE B 203 -36.61 21.18 32.97
CA ILE B 203 -37.56 20.89 34.05
C ILE B 203 -38.98 21.13 33.65
N CYS B 204 -39.79 20.08 33.68
CA CYS B 204 -41.21 20.16 33.37
C CYS B 204 -41.99 20.62 34.63
N ASN B 205 -42.84 21.62 34.46
CA ASN B 205 -43.65 22.18 35.55
C ASN B 205 -45.06 21.64 35.47
N VAL B 206 -45.40 20.72 36.36
CA VAL B 206 -46.73 20.12 36.36
C VAL B 206 -47.63 20.77 37.40
N ASN B 207 -48.87 21.04 37.01
CA ASN B 207 -49.82 21.67 37.91
C ASN B 207 -51.20 21.04 37.76
N HIS B 208 -51.76 20.59 38.88
CA HIS B 208 -53.09 19.96 38.92
C HIS B 208 -53.85 20.65 40.06
N LYS B 209 -54.59 21.70 39.71
CA LYS B 209 -55.34 22.49 40.69
C LYS B 209 -56.40 21.72 41.49
N PRO B 210 -57.16 20.83 40.82
CA PRO B 210 -58.17 20.09 41.57
C PRO B 210 -57.65 19.55 42.90
N SER B 211 -56.40 19.10 42.90
CA SER B 211 -55.80 18.54 44.12
C SER B 211 -54.63 19.37 44.63
N ASN B 212 -54.58 20.63 44.20
CA ASN B 212 -53.51 21.55 44.58
C ASN B 212 -52.12 20.90 44.54
N THR B 213 -51.82 20.20 43.46
CA THR B 213 -50.55 19.54 43.32
C THR B 213 -49.70 20.32 42.33
N LYS B 214 -48.52 20.74 42.78
CA LYS B 214 -47.61 21.50 41.94
C LYS B 214 -46.26 20.78 41.98
N VAL B 215 -45.92 20.09 40.89
CA VAL B 215 -44.65 19.36 40.81
C VAL B 215 -43.73 19.89 39.74
N ASP B 216 -42.47 20.06 40.11
CA ASP B 216 -41.43 20.53 39.20
C ASP B 216 -40.38 19.42 39.15
N LYS B 217 -40.26 18.75 38.01
CA LYS B 217 -39.31 17.66 37.88
C LYS B 217 -38.19 17.97 36.92
N LYS B 218 -36.97 17.67 37.34
CA LYS B 218 -35.82 17.90 36.50
C LYS B 218 -35.54 16.61 35.75
N VAL B 219 -35.28 16.74 34.46
CA VAL B 219 -35.02 15.59 33.59
C VAL B 219 -33.53 15.54 33.21
N GLU B 220 -32.80 14.57 33.75
CA GLU B 220 -31.37 14.41 33.51
C GLU B 220 -31.12 13.32 32.47
N PRO B 221 -30.05 13.46 31.67
CA PRO B 221 -29.71 12.47 30.65
C PRO B 221 -29.42 11.15 31.34
N LYS B 222 -29.52 10.04 30.61
CA LYS B 222 -29.29 8.71 31.17
C LYS B 222 -28.43 7.91 30.21
N SER B 223 -27.19 7.65 30.63
CA SER B 223 -26.25 6.87 29.82
C SER B 223 -25.38 6.02 30.75
N CYS B 224 -24.28 5.50 30.21
CA CYS B 224 -23.36 4.68 30.99
C CYS B 224 -22.20 5.54 31.48
N ASP B 225 -22.29 6.85 31.26
CA ASP B 225 -21.26 7.81 31.68
C ASP B 225 -21.31 8.14 33.17
N LEU C 1 -17.08 19.27 0.83
CA LEU C 1 -15.97 19.22 1.82
C LEU C 1 -14.94 18.19 1.39
N GLN C 2 -13.67 18.57 1.43
CA GLN C 2 -12.60 17.66 1.00
C GLN C 2 -11.45 17.59 2.00
N MET C 3 -10.78 16.44 2.04
CA MET C 3 -9.65 16.22 2.94
C MET C 3 -8.34 15.98 2.19
N THR C 4 -7.33 16.80 2.46
CA THR C 4 -6.04 16.64 1.78
C THR C 4 -4.95 16.25 2.77
N GLN C 5 -4.38 15.07 2.57
CA GLN C 5 -3.35 14.55 3.45
C GLN C 5 -1.97 14.75 2.80
N SER C 6 -0.91 14.78 3.62
CA SER C 6 0.45 14.94 3.10
C SER C 6 1.48 14.78 4.20
N PRO C 7 2.66 14.25 3.85
CA PRO C 7 3.01 13.81 2.50
C PRO C 7 2.30 12.49 2.20
N SER C 8 2.21 12.11 0.93
CA SER C 8 1.58 10.87 0.54
C SER C 8 2.49 9.69 0.91
N PHE C 9 3.80 9.93 0.77
CA PHE C 9 4.80 8.92 1.08
C PHE C 9 5.90 9.48 1.97
N LEU C 10 6.51 8.60 2.76
CA LEU C 10 7.56 9.03 3.66
C LEU C 10 8.48 7.91 4.11
N SER C 11 9.79 8.15 3.99
CA SER C 11 10.82 7.19 4.40
C SER C 11 11.42 7.75 5.68
N ALA C 12 11.81 6.86 6.59
CA ALA C 12 12.40 7.30 7.86
C ALA C 12 12.91 6.10 8.63
N SER C 13 13.90 6.35 9.47
CA SER C 13 14.49 5.28 10.27
C SER C 13 13.71 5.11 11.55
N VAL C 14 14.03 4.06 12.29
CA VAL C 14 13.39 3.78 13.57
C VAL C 14 13.80 4.85 14.56
N GLY C 15 13.03 4.98 15.64
CA GLY C 15 13.34 5.98 16.66
C GLY C 15 13.23 7.39 16.14
N ASP C 16 12.96 7.54 14.85
CA ASP C 16 12.82 8.87 14.26
C ASP C 16 11.54 9.52 14.74
N ARG C 17 11.37 10.79 14.37
CA ARG C 17 10.18 11.54 14.73
C ARG C 17 9.53 11.91 13.41
N VAL C 18 8.22 11.69 13.28
CA VAL C 18 7.53 12.00 12.05
C VAL C 18 6.17 12.67 12.27
N SER C 19 5.81 13.56 11.34
CA SER C 19 4.55 14.26 11.43
C SER C 19 3.82 14.21 10.10
N ILE C 20 2.55 13.86 10.16
CA ILE C 20 1.71 13.78 8.98
C ILE C 20 0.66 14.86 9.16
N THR C 21 0.35 15.60 8.09
CA THR C 21 -0.68 16.64 8.20
C THR C 21 -1.90 16.28 7.37
N CYS C 22 -3.05 16.79 7.79
CA CYS C 22 -4.33 16.56 7.13
C CYS C 22 -4.95 17.95 7.04
N ARG C 23 -5.45 18.29 5.87
CA ARG C 23 -6.06 19.60 5.66
C ARG C 23 -7.51 19.45 5.26
N ALA C 24 -8.35 20.31 5.82
CA ALA C 24 -9.78 20.31 5.51
C ALA C 24 -10.07 21.56 4.71
N SER C 25 -10.88 21.43 3.66
CA SER C 25 -11.24 22.56 2.82
C SER C 25 -12.23 23.45 3.57
N GLN C 26 -12.78 22.92 4.66
CA GLN C 26 -13.76 23.63 5.47
C GLN C 26 -13.50 23.42 6.96
N ASP C 27 -13.79 24.45 7.75
CA ASP C 27 -13.61 24.37 9.19
C ASP C 27 -14.41 23.17 9.67
N ILE C 28 -13.75 22.23 10.35
CA ILE C 28 -14.44 21.05 10.85
C ILE C 28 -14.22 20.89 12.35
N GLN C 29 -13.86 21.99 13.01
CA GLN C 29 -13.59 21.99 14.44
C GLN C 29 -12.63 20.87 14.75
N LYS C 30 -13.07 19.93 15.57
CA LYS C 30 -12.24 18.79 15.92
C LYS C 30 -12.89 17.48 15.52
N PHE C 31 -13.75 17.55 14.51
CA PHE C 31 -14.44 16.38 13.99
C PHE C 31 -13.55 15.70 12.97
N LEU C 32 -12.48 15.08 13.45
CA LEU C 32 -11.52 14.38 12.60
C LEU C 32 -10.81 13.28 13.37
N ALA C 33 -10.53 12.18 12.69
CA ALA C 33 -9.85 11.07 13.35
C ALA C 33 -8.74 10.47 12.48
N TRP C 34 -7.78 9.81 13.13
CA TRP C 34 -6.69 9.18 12.41
C TRP C 34 -6.77 7.66 12.53
N TYR C 35 -6.55 6.96 11.42
CA TYR C 35 -6.57 5.51 11.44
C TYR C 35 -5.25 4.95 10.93
N GLN C 36 -4.86 3.79 11.45
CA GLN C 36 -3.64 3.14 10.99
C GLN C 36 -4.03 1.84 10.30
N LEU C 37 -3.53 1.66 9.09
CA LEU C 37 -3.84 0.45 8.32
C LEU C 37 -2.62 -0.39 8.01
N THR C 38 -2.57 -1.58 8.61
CA THR C 38 -1.48 -2.51 8.37
C THR C 38 -2.04 -3.61 7.48
N PRO C 39 -1.36 -3.90 6.37
CA PRO C 39 -1.80 -4.94 5.43
C PRO C 39 -2.26 -6.22 6.13
N GLY C 40 -3.41 -6.72 5.72
CA GLY C 40 -3.93 -7.95 6.31
C GLY C 40 -4.68 -7.75 7.61
N ASP C 41 -4.30 -6.73 8.38
CA ASP C 41 -4.96 -6.45 9.64
C ASP C 41 -6.17 -5.59 9.42
N ALA C 42 -7.00 -5.50 10.44
CA ALA C 42 -8.19 -4.67 10.37
C ALA C 42 -7.71 -3.26 10.66
N PRO C 43 -8.35 -2.26 10.04
CA PRO C 43 -7.95 -0.87 10.30
C PRO C 43 -7.99 -0.58 11.80
N LYS C 44 -7.09 0.27 12.28
CA LYS C 44 -7.03 0.58 13.70
C LYS C 44 -7.26 2.04 14.02
N LEU C 45 -8.18 2.30 14.94
CA LEU C 45 -8.45 3.67 15.35
C LEU C 45 -7.27 4.13 16.20
N LEU C 46 -6.81 5.35 15.94
CA LEU C 46 -5.66 5.91 16.64
C LEU C 46 -5.96 7.13 17.47
N MET C 47 -6.70 8.05 16.87
CA MET C 47 -7.01 9.31 17.50
C MET C 47 -8.39 9.79 17.09
N TYR C 48 -9.14 10.36 18.02
CA TYR C 48 -10.44 10.92 17.70
C TYR C 48 -10.57 12.29 18.33
N SER C 49 -11.41 13.12 17.74
CA SER C 49 -11.60 14.48 18.22
C SER C 49 -10.27 15.20 18.10
N ALA C 50 -9.59 14.92 17.00
CA ALA C 50 -8.30 15.54 16.66
C ALA C 50 -7.09 15.15 17.52
N SER C 51 -7.26 15.24 18.83
CA SER C 51 -6.17 14.99 19.77
C SER C 51 -6.35 13.93 20.87
N THR C 52 -7.47 13.22 20.88
CA THR C 52 -7.69 12.19 21.91
C THR C 52 -7.19 10.80 21.49
N LEU C 53 -6.20 10.31 22.23
CA LEU C 53 -5.59 9.01 22.00
C LEU C 53 -6.59 7.87 22.24
N GLN C 54 -6.68 6.93 21.31
CA GLN C 54 -7.56 5.78 21.48
C GLN C 54 -6.96 4.89 22.55
N SER C 55 -7.79 4.28 23.40
CA SER C 55 -7.26 3.42 24.45
C SER C 55 -6.46 2.28 23.83
N GLY C 56 -5.35 1.93 24.47
CA GLY C 56 -4.51 0.87 23.95
C GLY C 56 -3.42 1.35 23.01
N VAL C 57 -3.55 2.57 22.49
CA VAL C 57 -2.54 3.09 21.57
C VAL C 57 -1.38 3.71 22.34
N PRO C 58 -0.15 3.26 22.07
CA PRO C 58 1.04 3.78 22.75
C PRO C 58 1.09 5.30 22.76
N SER C 59 1.71 5.84 23.81
CA SER C 59 1.82 7.27 23.98
C SER C 59 2.69 7.98 22.94
N ARG C 60 3.42 7.22 22.15
CA ARG C 60 4.27 7.86 21.14
C ARG C 60 3.46 8.52 20.02
N PHE C 61 2.15 8.31 20.03
CA PHE C 61 1.28 8.93 19.04
C PHE C 61 0.51 10.10 19.66
N SER C 62 0.52 11.23 18.96
CA SER C 62 -0.20 12.41 19.42
C SER C 62 -0.90 13.10 18.27
N GLY C 63 -2.07 13.66 18.56
CA GLY C 63 -2.84 14.36 17.56
C GLY C 63 -2.92 15.80 18.01
N SER C 64 -2.91 16.71 17.04
CA SER C 64 -2.96 18.13 17.31
C SER C 64 -3.72 18.83 16.18
N GLY C 65 -4.30 19.98 16.50
CA GLY C 65 -5.01 20.72 15.48
C GLY C 65 -6.50 20.93 15.70
N SER C 66 -7.03 21.91 14.98
CA SER C 66 -8.44 22.24 15.03
C SER C 66 -8.80 23.10 13.82
N GLY C 67 -10.04 23.00 13.37
CA GLY C 67 -10.46 23.79 12.23
C GLY C 67 -10.15 23.23 10.86
N THR C 68 -9.00 23.60 10.29
CA THR C 68 -8.65 23.14 8.96
C THR C 68 -7.29 22.47 8.81
N GLU C 69 -6.42 22.62 9.81
CA GLU C 69 -5.10 22.00 9.76
C GLU C 69 -4.92 21.05 10.96
N PHE C 70 -4.69 19.77 10.66
CA PHE C 70 -4.52 18.76 11.68
C PHE C 70 -3.19 18.02 11.50
N THR C 71 -2.60 17.57 12.61
CA THR C 71 -1.34 16.87 12.54
C THR C 71 -1.28 15.70 13.51
N LEU C 72 -0.75 14.58 13.02
CA LEU C 72 -0.57 13.39 13.81
C LEU C 72 0.94 13.25 13.90
N THR C 73 1.45 13.09 15.12
CA THR C 73 2.89 12.99 15.34
C THR C 73 3.26 11.67 16.01
N ILE C 74 4.31 11.03 15.52
CA ILE C 74 4.80 9.79 16.11
C ILE C 74 6.20 10.13 16.58
N SER C 75 6.39 10.13 17.90
CA SER C 75 7.68 10.47 18.49
C SER C 75 8.54 9.26 18.78
N GLY C 76 9.45 8.97 17.85
CA GLY C 76 10.30 7.81 18.01
C GLY C 76 9.58 6.62 17.42
N LEU C 77 9.81 6.38 16.13
CA LEU C 77 9.17 5.28 15.43
C LEU C 77 9.60 3.92 15.95
N GLN C 78 8.81 2.91 15.59
CA GLN C 78 9.09 1.55 16.01
C GLN C 78 8.86 0.71 14.78
N PRO C 79 9.28 -0.57 14.79
CA PRO C 79 9.07 -1.40 13.60
C PRO C 79 7.60 -1.44 13.16
N GLU C 80 6.70 -1.59 14.11
CA GLU C 80 5.26 -1.68 13.82
C GLU C 80 4.65 -0.39 13.36
N ASP C 81 5.37 0.71 13.49
CA ASP C 81 4.83 2.00 13.08
C ASP C 81 4.83 2.25 11.60
N PHE C 82 5.50 1.40 10.84
CA PHE C 82 5.52 1.60 9.41
C PHE C 82 4.27 0.98 8.79
N ALA C 83 3.40 1.85 8.29
CA ALA C 83 2.15 1.43 7.67
C ALA C 83 1.55 2.62 6.95
N THR C 84 0.25 2.54 6.68
CA THR C 84 -0.45 3.62 6.00
C THR C 84 -1.40 4.28 6.98
N TYR C 85 -1.43 5.62 6.96
CA TYR C 85 -2.28 6.39 7.85
C TYR C 85 -3.28 7.25 7.11
N TYR C 86 -4.52 7.28 7.62
CA TYR C 86 -5.58 8.06 7.01
C TYR C 86 -6.31 8.95 8.02
N CYS C 87 -6.73 10.12 7.59
CA CYS C 87 -7.51 11.00 8.45
C CYS C 87 -8.91 10.98 7.90
N GLN C 88 -9.88 11.31 8.73
CA GLN C 88 -11.25 11.33 8.31
C GLN C 88 -12.02 12.38 9.07
N HIS C 89 -12.89 13.10 8.38
CA HIS C 89 -13.69 14.11 9.01
C HIS C 89 -15.02 13.45 9.35
N LEU C 90 -15.64 13.90 10.43
CA LEU C 90 -16.94 13.38 10.87
C LEU C 90 -17.82 14.60 11.08
N LYS C 91 -17.55 15.65 10.31
CA LYS C 91 -18.29 16.90 10.41
C LYS C 91 -19.73 16.76 9.95
N ARG C 92 -19.94 16.13 8.80
CA ARG C 92 -21.27 15.91 8.24
C ARG C 92 -21.20 14.88 7.12
N TYR C 93 -22.34 14.33 6.73
CA TYR C 93 -22.33 13.33 5.67
C TYR C 93 -22.19 13.99 4.31
N PRO C 94 -21.47 13.34 3.38
CA PRO C 94 -20.82 12.05 3.60
C PRO C 94 -19.43 12.21 4.21
N TYR C 95 -19.04 11.24 5.04
CA TYR C 95 -17.72 11.29 5.65
C TYR C 95 -16.72 10.96 4.54
N THR C 96 -15.53 11.54 4.66
CA THR C 96 -14.48 11.34 3.67
C THR C 96 -13.13 11.11 4.35
N PHE C 97 -12.32 10.23 3.76
CA PHE C 97 -11.00 9.93 4.31
C PHE C 97 -9.93 10.61 3.47
N GLY C 98 -8.77 10.84 4.07
CA GLY C 98 -7.68 11.45 3.35
C GLY C 98 -7.12 10.41 2.39
N GLN C 99 -6.28 10.83 1.46
CA GLN C 99 -5.73 9.90 0.50
C GLN C 99 -4.74 8.91 1.08
N GLY C 100 -4.31 9.15 2.31
CA GLY C 100 -3.38 8.25 2.95
C GLY C 100 -1.92 8.68 2.87
N THR C 101 -1.10 8.08 3.74
CA THR C 101 0.32 8.36 3.78
C THR C 101 1.07 7.08 4.12
N LYS C 102 1.80 6.55 3.15
CA LYS C 102 2.55 5.34 3.36
C LYS C 102 3.91 5.64 3.98
N LEU C 103 4.09 5.22 5.22
CA LEU C 103 5.33 5.44 5.97
C LEU C 103 6.20 4.19 5.88
N GLU C 104 7.25 4.28 5.07
CA GLU C 104 8.19 3.16 4.87
C GLU C 104 9.55 3.38 5.56
N ILE C 105 10.36 2.32 5.62
CA ILE C 105 11.66 2.38 6.28
C ILE C 105 12.77 2.94 5.39
N SER C 106 13.64 3.75 5.98
CA SER C 106 14.76 4.34 5.26
C SER C 106 15.94 3.38 5.33
N ARG C 107 16.79 3.38 4.30
CA ARG C 107 17.93 2.48 4.25
C ARG C 107 18.97 2.92 3.24
N THR C 108 20.16 2.33 3.33
CA THR C 108 21.25 2.64 2.40
C THR C 108 20.87 2.09 1.03
N VAL C 109 21.13 2.87 -0.01
CA VAL C 109 20.82 2.45 -1.38
C VAL C 109 21.36 1.04 -1.62
N ALA C 110 20.60 0.22 -2.33
CA ALA C 110 21.01 -1.15 -2.63
C ALA C 110 20.67 -1.48 -4.07
N ALA C 111 21.70 -1.62 -4.90
CA ALA C 111 21.51 -1.96 -6.31
C ALA C 111 20.78 -3.29 -6.37
N PRO C 112 19.96 -3.48 -7.41
CA PRO C 112 19.22 -4.73 -7.54
C PRO C 112 19.98 -5.82 -8.30
N SER C 113 19.82 -7.07 -7.86
CA SER C 113 20.43 -8.19 -8.55
C SER C 113 19.45 -8.44 -9.70
N VAL C 114 19.90 -8.28 -10.93
CA VAL C 114 19.00 -8.49 -12.07
C VAL C 114 19.23 -9.82 -12.79
N PHE C 115 18.18 -10.63 -12.86
CA PHE C 115 18.25 -11.93 -13.53
C PHE C 115 17.15 -12.02 -14.58
N ILE C 116 17.28 -12.97 -15.50
CA ILE C 116 16.28 -13.14 -16.55
C ILE C 116 16.01 -14.62 -16.84
N PHE C 117 14.73 -14.94 -16.97
CA PHE C 117 14.30 -16.31 -17.23
C PHE C 117 13.56 -16.38 -18.56
N PRO C 118 14.04 -17.21 -19.50
CA PRO C 118 13.35 -17.32 -20.79
C PRO C 118 12.06 -18.15 -20.63
N PRO C 119 11.15 -18.10 -21.61
CA PRO C 119 9.95 -18.90 -21.44
C PRO C 119 10.29 -20.37 -21.33
N SER C 120 9.46 -21.16 -20.67
CA SER C 120 9.73 -22.59 -20.54
C SER C 120 9.27 -23.29 -21.80
N ASP C 121 9.88 -24.43 -22.09
CA ASP C 121 9.48 -25.20 -23.25
C ASP C 121 8.08 -25.70 -22.99
N GLU C 122 7.79 -26.00 -21.73
CA GLU C 122 6.48 -26.49 -21.35
C GLU C 122 5.46 -25.42 -21.73
N GLN C 123 5.75 -24.15 -21.45
CA GLN C 123 4.81 -23.10 -21.79
C GLN C 123 4.73 -22.90 -23.31
N LEU C 124 5.88 -22.89 -23.96
CA LEU C 124 5.91 -22.69 -25.40
C LEU C 124 5.01 -23.68 -26.14
N LYS C 125 5.02 -24.94 -25.71
CA LYS C 125 4.19 -25.94 -26.37
C LYS C 125 2.72 -25.52 -26.41
N SER C 126 2.31 -24.63 -25.51
CA SER C 126 0.92 -24.20 -25.49
C SER C 126 0.68 -23.01 -26.44
N GLY C 127 1.75 -22.40 -26.94
CA GLY C 127 1.54 -21.29 -27.85
C GLY C 127 1.94 -19.89 -27.40
N THR C 128 2.20 -19.71 -26.11
CA THR C 128 2.59 -18.40 -25.59
C THR C 128 4.01 -18.47 -25.00
N ALA C 129 4.61 -17.30 -24.85
CA ALA C 129 5.95 -17.22 -24.31
C ALA C 129 6.00 -16.11 -23.28
N SER C 130 6.40 -16.46 -22.07
CA SER C 130 6.50 -15.48 -20.99
C SER C 130 7.95 -15.38 -20.58
N VAL C 131 8.50 -14.17 -20.67
CA VAL C 131 9.89 -13.93 -20.31
C VAL C 131 9.83 -13.18 -18.99
N VAL C 132 10.58 -13.63 -18.00
CA VAL C 132 10.54 -12.99 -16.70
C VAL C 132 11.86 -12.37 -16.31
N CYS C 133 11.79 -11.14 -15.79
CA CYS C 133 12.99 -10.45 -15.36
C CYS C 133 12.86 -10.16 -13.87
N LEU C 134 13.88 -10.52 -13.10
CA LEU C 134 13.86 -10.32 -11.65
C LEU C 134 14.89 -9.33 -11.14
N LEU C 135 14.42 -8.23 -10.57
CA LEU C 135 15.30 -7.21 -9.98
C LEU C 135 15.19 -7.52 -8.50
N ASN C 136 16.15 -8.28 -7.98
CA ASN C 136 16.09 -8.70 -6.59
C ASN C 136 16.81 -7.88 -5.52
N ASN C 137 16.12 -7.77 -4.40
CA ASN C 137 16.55 -7.06 -3.19
C ASN C 137 17.21 -5.69 -3.39
N PHE C 138 16.41 -4.67 -3.66
CA PHE C 138 16.95 -3.32 -3.84
C PHE C 138 16.27 -2.28 -2.96
N TYR C 139 16.77 -1.05 -3.08
CA TYR C 139 16.27 0.11 -2.33
C TYR C 139 17.05 1.31 -2.85
N PRO C 140 16.37 2.46 -3.08
CA PRO C 140 14.95 2.74 -2.87
C PRO C 140 14.02 1.84 -3.67
N ARG C 141 12.72 2.07 -3.52
CA ARG C 141 11.70 1.30 -4.20
C ARG C 141 11.64 1.52 -5.71
N GLU C 142 11.65 2.77 -6.14
CA GLU C 142 11.54 3.04 -7.57
C GLU C 142 12.68 2.48 -8.42
N ALA C 143 12.29 1.89 -9.55
CA ALA C 143 13.21 1.29 -10.51
C ALA C 143 12.50 1.34 -11.86
N LYS C 144 13.27 1.37 -12.95
CA LYS C 144 12.68 1.41 -14.27
C LYS C 144 13.13 0.26 -15.14
N VAL C 145 12.22 -0.65 -15.40
CA VAL C 145 12.50 -1.81 -16.21
C VAL C 145 11.94 -1.62 -17.61
N GLN C 146 12.73 -1.97 -18.62
CA GLN C 146 12.31 -1.82 -20.00
C GLN C 146 12.75 -2.98 -20.86
N TRP C 147 11.82 -3.55 -21.62
CA TRP C 147 12.15 -4.68 -22.49
C TRP C 147 12.50 -4.25 -23.91
N LYS C 148 13.55 -4.85 -24.44
CA LYS C 148 13.99 -4.57 -25.80
C LYS C 148 14.23 -5.91 -26.48
N VAL C 149 13.46 -6.19 -27.52
CA VAL C 149 13.62 -7.42 -28.28
C VAL C 149 14.42 -7.05 -29.53
N ASP C 150 15.64 -7.57 -29.63
CA ASP C 150 16.52 -7.24 -30.75
C ASP C 150 16.77 -5.74 -30.66
N ASN C 151 17.02 -5.30 -29.44
CA ASN C 151 17.28 -3.89 -29.15
C ASN C 151 16.10 -3.01 -29.54
N ALA C 152 14.93 -3.62 -29.67
CA ALA C 152 13.72 -2.89 -30.03
C ALA C 152 12.83 -2.71 -28.80
N LEU C 153 12.94 -1.55 -28.16
CA LEU C 153 12.14 -1.27 -26.96
C LEU C 153 10.69 -1.69 -27.12
N GLN C 154 10.21 -2.50 -26.18
CA GLN C 154 8.84 -3.00 -26.19
C GLN C 154 7.93 -2.10 -25.38
N SER C 155 6.64 -2.16 -25.67
CA SER C 155 5.67 -1.36 -24.94
C SER C 155 4.27 -1.96 -24.92
N GLY C 156 3.62 -1.86 -23.77
CA GLY C 156 2.27 -2.37 -23.62
C GLY C 156 2.10 -3.87 -23.62
N ASN C 157 3.21 -4.61 -23.61
CA ASN C 157 3.13 -6.06 -23.61
C ASN C 157 3.87 -6.68 -22.43
N SER C 158 3.92 -5.95 -21.32
CA SER C 158 4.60 -6.44 -20.12
C SER C 158 3.91 -5.93 -18.85
N GLN C 159 4.00 -6.70 -17.78
CA GLN C 159 3.39 -6.33 -16.50
C GLN C 159 4.40 -6.45 -15.35
N GLU C 160 4.30 -5.52 -14.40
CA GLU C 160 5.20 -5.48 -13.25
C GLU C 160 4.51 -5.79 -11.92
N SER C 161 5.32 -6.18 -10.94
CA SER C 161 4.85 -6.47 -9.59
C SER C 161 6.00 -6.22 -8.62
N VAL C 162 5.69 -5.60 -7.48
CA VAL C 162 6.70 -5.29 -6.48
C VAL C 162 6.31 -5.81 -5.12
N THR C 163 7.28 -6.37 -4.40
CA THR C 163 7.01 -6.92 -3.08
C THR C 163 6.99 -5.84 -2.01
N GLU C 164 6.46 -6.17 -0.85
CA GLU C 164 6.42 -5.21 0.24
C GLU C 164 7.80 -5.11 0.86
N GLN C 165 8.22 -3.90 1.18
CA GLN C 165 9.53 -3.68 1.77
C GLN C 165 9.83 -4.78 2.77
N ASP C 166 10.93 -5.51 2.56
CA ASP C 166 11.28 -6.58 3.48
C ASP C 166 11.37 -5.97 4.87
N ASN C 167 11.01 -6.74 5.89
CA ASN C 167 11.04 -6.23 7.27
C ASN C 167 12.38 -6.46 7.96
N LYS C 168 13.22 -7.31 7.37
CA LYS C 168 14.52 -7.61 7.97
C LYS C 168 15.68 -6.88 7.30
N ASP C 169 15.56 -6.58 6.01
CA ASP C 169 16.63 -5.89 5.30
C ASP C 169 16.15 -4.62 4.60
N SER C 170 14.84 -4.39 4.64
CA SER C 170 14.22 -3.20 4.07
C SER C 170 14.38 -2.99 2.55
N THR C 171 14.47 -4.08 1.78
CA THR C 171 14.60 -3.95 0.33
C THR C 171 13.32 -4.30 -0.41
N TYR C 172 13.32 -4.03 -1.71
CA TYR C 172 12.18 -4.33 -2.56
C TYR C 172 12.64 -5.19 -3.72
N SER C 173 11.79 -6.12 -4.15
CA SER C 173 12.07 -6.98 -5.28
C SER C 173 10.99 -6.71 -6.32
N LEU C 174 11.36 -6.80 -7.59
CA LEU C 174 10.43 -6.50 -8.65
C LEU C 174 10.39 -7.58 -9.73
N SER C 175 9.18 -7.91 -10.15
CA SER C 175 8.99 -8.93 -11.17
C SER C 175 8.33 -8.29 -12.39
N SER C 176 9.02 -8.38 -13.53
CA SER C 176 8.50 -7.85 -14.78
C SER C 176 8.33 -9.02 -15.73
N THR C 177 7.17 -9.10 -16.37
CA THR C 177 6.89 -10.19 -17.28
C THR C 177 6.50 -9.70 -18.66
N LEU C 178 7.32 -10.06 -19.64
CA LEU C 178 7.09 -9.69 -21.02
C LEU C 178 6.37 -10.88 -21.66
N THR C 179 5.21 -10.63 -22.26
CA THR C 179 4.40 -11.67 -22.89
C THR C 179 4.28 -11.53 -24.41
N LEU C 180 4.59 -12.59 -25.13
CA LEU C 180 4.51 -12.62 -26.58
C LEU C 180 4.12 -14.01 -27.07
N SER C 181 3.63 -14.09 -28.29
CA SER C 181 3.21 -15.36 -28.84
C SER C 181 4.46 -16.13 -29.24
N LYS C 182 4.40 -17.45 -29.16
CA LYS C 182 5.54 -18.26 -29.55
C LYS C 182 6.03 -17.84 -30.94
N ALA C 183 5.08 -17.60 -31.85
CA ALA C 183 5.39 -17.19 -33.21
C ALA C 183 6.28 -15.96 -33.20
N ASP C 184 5.78 -14.89 -32.60
CA ASP C 184 6.54 -13.65 -32.50
C ASP C 184 7.87 -13.88 -31.78
N TYR C 185 7.84 -14.77 -30.79
CA TYR C 185 9.02 -15.10 -30.00
C TYR C 185 10.12 -15.76 -30.82
N GLU C 186 9.76 -16.71 -31.66
CA GLU C 186 10.75 -17.41 -32.48
C GLU C 186 11.15 -16.63 -33.71
N LYS C 187 10.65 -15.40 -33.82
CA LYS C 187 10.95 -14.52 -34.93
C LYS C 187 12.18 -13.68 -34.59
N HIS C 188 12.38 -13.45 -33.29
CA HIS C 188 13.50 -12.64 -32.85
C HIS C 188 14.59 -13.43 -32.14
N LYS C 189 15.71 -12.77 -31.86
CA LYS C 189 16.84 -13.44 -31.24
C LYS C 189 17.18 -12.97 -29.83
N VAL C 190 17.42 -11.72 -29.69
CA VAL C 190 17.81 -11.20 -28.40
C VAL C 190 16.69 -10.60 -27.57
N TYR C 191 16.58 -11.10 -26.34
CA TYR C 191 15.59 -10.64 -25.40
C TYR C 191 16.33 -9.97 -24.26
N ALA C 192 16.18 -8.65 -24.14
CA ALA C 192 16.88 -7.90 -23.12
C ALA C 192 15.99 -7.20 -22.11
N CYS C 193 16.42 -7.14 -20.84
CA CYS C 193 15.77 -6.47 -19.73
C CYS C 193 16.72 -5.35 -19.32
N GLU C 194 16.31 -4.11 -19.58
CA GLU C 194 17.12 -2.94 -19.22
C GLU C 194 16.59 -2.30 -17.95
N VAL C 195 17.41 -2.29 -16.90
CA VAL C 195 17.04 -1.74 -15.60
C VAL C 195 17.71 -0.41 -15.25
N THR C 196 16.90 0.52 -14.76
CA THR C 196 17.37 1.85 -14.39
C THR C 196 17.16 2.11 -12.91
N HIS C 197 18.22 1.96 -12.12
CA HIS C 197 18.11 2.16 -10.68
C HIS C 197 19.15 3.13 -10.16
N GLN C 198 18.91 3.66 -8.96
CA GLN C 198 19.82 4.60 -8.33
C GLN C 198 21.11 3.92 -7.90
N GLY C 199 20.97 2.70 -7.39
CA GLY C 199 22.16 1.97 -6.95
C GLY C 199 23.04 1.60 -8.12
N LEU C 200 22.60 1.95 -9.34
CA LEU C 200 23.35 1.66 -10.55
C LEU C 200 23.81 2.96 -11.19
N SER C 201 25.11 3.07 -11.41
CA SER C 201 25.68 4.25 -12.02
C SER C 201 25.28 4.28 -13.48
N SER C 202 25.02 3.10 -14.04
CA SER C 202 24.65 2.96 -15.44
C SER C 202 23.58 1.88 -15.62
N PRO C 203 22.61 2.12 -16.50
CA PRO C 203 21.51 1.19 -16.77
C PRO C 203 21.97 -0.23 -17.05
N VAL C 204 21.80 -1.10 -16.08
CA VAL C 204 22.21 -2.49 -16.22
C VAL C 204 21.29 -3.25 -17.18
N THR C 205 21.87 -4.10 -18.02
CA THR C 205 21.08 -4.88 -18.95
C THR C 205 21.38 -6.37 -18.88
N LYS C 206 20.31 -7.16 -18.82
CA LYS C 206 20.42 -8.61 -18.74
C LYS C 206 19.64 -9.17 -19.92
N SER C 207 20.30 -9.99 -20.74
CA SER C 207 19.62 -10.56 -21.89
C SER C 207 20.13 -11.95 -22.18
N PHE C 208 19.45 -12.61 -23.11
CA PHE C 208 19.84 -13.95 -23.52
C PHE C 208 19.45 -14.08 -24.98
N ASN C 209 20.09 -15.00 -25.69
CA ASN C 209 19.79 -15.20 -27.10
C ASN C 209 18.89 -16.42 -27.21
N ARG C 210 17.71 -16.23 -27.76
CA ARG C 210 16.72 -17.30 -27.92
C ARG C 210 17.38 -18.62 -28.28
N GLY C 211 17.12 -19.65 -27.48
CA GLY C 211 17.70 -20.95 -27.73
C GLY C 211 19.21 -20.96 -27.74
N GLU C 212 19.82 -20.95 -26.56
CA GLU C 212 21.27 -20.96 -26.45
C GLU C 212 21.73 -21.67 -25.17
N VAL D 1 -16.08 -7.47 21.99
CA VAL D 1 -16.83 -6.92 20.81
C VAL D 1 -16.04 -7.10 19.53
N GLN D 2 -16.37 -8.16 18.79
CA GLN D 2 -15.70 -8.46 17.54
C GLN D 2 -16.66 -8.37 16.37
N LEU D 3 -16.08 -8.22 15.18
CA LEU D 3 -16.86 -8.14 13.95
C LEU D 3 -16.31 -9.13 12.94
N LEU D 4 -17.21 -9.80 12.22
CA LEU D 4 -16.80 -10.75 11.21
C LEU D 4 -17.64 -10.55 9.98
N GLU D 5 -17.01 -10.19 8.87
CA GLU D 5 -17.78 -10.01 7.66
C GLU D 5 -17.84 -11.30 6.85
N SER D 6 -18.77 -11.36 5.91
CA SER D 6 -18.92 -12.51 5.03
C SER D 6 -19.45 -12.04 3.69
N GLY D 7 -18.81 -12.48 2.63
CA GLY D 7 -19.22 -12.12 1.28
C GLY D 7 -19.06 -13.28 0.33
N PRO D 8 -19.49 -13.15 -0.94
CA PRO D 8 -19.40 -14.21 -1.96
C PRO D 8 -18.01 -14.37 -2.56
N GLY D 9 -17.11 -13.44 -2.26
CA GLY D 9 -15.77 -13.51 -2.81
C GLY D 9 -15.76 -12.98 -4.22
N VAL D 10 -16.57 -13.61 -5.08
CA VAL D 10 -16.67 -13.20 -6.47
C VAL D 10 -18.12 -12.88 -6.81
N VAL D 11 -18.33 -11.75 -7.47
CA VAL D 11 -19.67 -11.32 -7.87
C VAL D 11 -19.59 -10.96 -9.35
N LYS D 12 -20.55 -11.43 -10.14
CA LYS D 12 -20.57 -11.12 -11.58
C LYS D 12 -21.23 -9.78 -11.81
N PRO D 13 -20.89 -9.11 -12.92
CA PRO D 13 -21.45 -7.80 -13.25
C PRO D 13 -22.98 -7.86 -13.41
N SER D 14 -23.64 -6.87 -12.81
CA SER D 14 -25.09 -6.70 -12.81
C SER D 14 -25.75 -7.40 -11.63
N GLU D 15 -25.02 -8.33 -11.01
CA GLU D 15 -25.56 -9.03 -9.85
C GLU D 15 -25.50 -8.10 -8.63
N THR D 16 -26.27 -8.41 -7.61
CA THR D 16 -26.29 -7.61 -6.39
C THR D 16 -25.32 -8.15 -5.36
N LEU D 17 -24.42 -7.30 -4.88
CA LEU D 17 -23.47 -7.71 -3.87
C LEU D 17 -24.18 -7.82 -2.53
N SER D 18 -23.96 -8.92 -1.83
CA SER D 18 -24.59 -9.05 -0.52
C SER D 18 -23.57 -9.51 0.52
N LEU D 19 -23.29 -8.61 1.47
CA LEU D 19 -22.34 -8.87 2.54
C LEU D 19 -23.01 -8.72 3.89
N THR D 20 -22.53 -9.47 4.87
CA THR D 20 -23.06 -9.38 6.22
C THR D 20 -21.91 -9.29 7.22
N CYS D 21 -22.21 -8.74 8.38
CA CYS D 21 -21.23 -8.58 9.45
C CYS D 21 -21.92 -9.14 10.66
N THR D 22 -21.30 -10.11 11.33
CA THR D 22 -21.89 -10.69 12.52
C THR D 22 -21.21 -10.14 13.76
N VAL D 23 -21.99 -9.42 14.56
CA VAL D 23 -21.49 -8.80 15.78
C VAL D 23 -21.40 -9.80 16.94
N SER D 24 -20.29 -9.73 17.65
CA SER D 24 -20.04 -10.59 18.81
C SER D 24 -19.65 -9.72 20.01
N GLY D 25 -20.01 -10.17 21.21
CA GLY D 25 -19.68 -9.44 22.42
C GLY D 25 -20.35 -8.09 22.57
N ALA D 26 -21.56 -7.98 22.04
CA ALA D 26 -22.33 -6.75 22.10
C ALA D 26 -23.57 -6.87 21.23
N SER D 27 -24.64 -6.18 21.62
CA SER D 27 -25.88 -6.23 20.86
C SER D 27 -25.85 -5.25 19.69
N VAL D 28 -25.99 -5.79 18.48
CA VAL D 28 -25.98 -4.98 17.26
C VAL D 28 -27.02 -3.88 17.34
N ASN D 29 -28.07 -4.17 18.08
CA ASN D 29 -29.19 -3.28 18.27
C ASN D 29 -28.92 -1.95 18.98
N ASN D 30 -28.03 -1.95 20.00
CA ASN D 30 -27.70 -0.73 20.73
C ASN D 30 -26.41 -0.01 20.36
N TYR D 31 -26.15 0.08 19.06
CA TYR D 31 -24.98 0.76 18.54
C TYR D 31 -25.27 1.03 17.06
N TYR D 32 -24.57 2.02 16.49
CA TYR D 32 -24.76 2.30 15.08
C TYR D 32 -23.54 1.71 14.38
N TRP D 33 -23.68 1.31 13.13
CA TRP D 33 -22.58 0.71 12.39
C TRP D 33 -22.41 1.32 11.01
N THR D 34 -21.32 0.95 10.35
CA THR D 34 -21.04 1.47 9.02
C THR D 34 -20.26 0.46 8.18
N TRP D 35 -20.20 0.73 6.87
CA TRP D 35 -19.46 -0.10 5.93
C TRP D 35 -18.49 0.79 5.21
N VAL D 36 -17.23 0.34 5.11
CA VAL D 36 -16.19 1.11 4.44
C VAL D 36 -15.52 0.20 3.43
N ARG D 37 -15.17 0.75 2.28
CA ARG D 37 -14.52 -0.04 1.24
C ARG D 37 -13.24 0.61 0.73
N GLN D 38 -12.31 -0.24 0.33
CA GLN D 38 -11.03 0.21 -0.19
C GLN D 38 -10.73 -0.53 -1.50
N PRO D 39 -10.81 0.18 -2.64
CA PRO D 39 -10.52 -0.51 -3.91
C PRO D 39 -9.05 -0.92 -3.82
N PRO D 40 -8.65 -1.96 -4.57
CA PRO D 40 -7.25 -2.38 -4.51
C PRO D 40 -6.35 -1.22 -4.90
N GLY D 41 -5.31 -0.97 -4.10
CA GLY D 41 -4.38 0.10 -4.39
C GLY D 41 -4.85 1.52 -4.09
N LYS D 42 -6.13 1.73 -3.87
CA LYS D 42 -6.62 3.08 -3.58
C LYS D 42 -6.99 3.38 -2.12
N GLY D 43 -7.55 4.55 -1.90
CA GLY D 43 -7.93 4.96 -0.55
C GLY D 43 -9.14 4.27 0.06
N LEU D 44 -9.75 4.95 1.03
CA LEU D 44 -10.92 4.43 1.72
C LEU D 44 -12.16 5.21 1.33
N GLU D 45 -13.29 4.53 1.22
CA GLU D 45 -14.52 5.21 0.86
C GLU D 45 -15.65 4.80 1.78
N TRP D 46 -16.25 5.79 2.43
CA TRP D 46 -17.36 5.53 3.33
C TRP D 46 -18.58 5.12 2.50
N ILE D 47 -19.24 4.02 2.85
CA ILE D 47 -20.40 3.60 2.10
C ILE D 47 -21.74 4.04 2.71
N GLY D 48 -21.81 4.00 4.04
CA GLY D 48 -23.05 4.38 4.69
C GLY D 48 -23.16 3.80 6.08
N ASN D 49 -24.22 4.16 6.79
CA ASN D 49 -24.43 3.68 8.15
C ASN D 49 -25.75 2.96 8.31
N VAL D 50 -25.77 2.01 9.23
CA VAL D 50 -27.00 1.28 9.52
C VAL D 50 -27.39 1.56 10.98
N TYR D 51 -28.64 1.97 11.19
CA TYR D 51 -29.15 2.25 12.52
C TYR D 51 -30.34 1.33 12.79
N ASP D 52 -30.72 1.16 14.05
CA ASP D 52 -31.87 0.32 14.35
C ASP D 52 -33.09 1.09 13.83
N SER D 53 -32.94 2.41 13.73
CA SER D 53 -34.00 3.27 13.27
C SER D 53 -33.48 4.71 13.14
N GLY D 54 -33.94 5.43 12.13
CA GLY D 54 -33.49 6.79 11.95
C GLY D 54 -33.46 7.21 10.50
N ASP D 55 -32.58 8.15 10.16
CA ASP D 55 -32.49 8.60 8.78
C ASP D 55 -31.67 7.64 7.94
N THR D 56 -31.70 7.85 6.63
CA THR D 56 -30.93 7.03 5.70
C THR D 56 -29.71 7.84 5.28
N ASN D 57 -28.54 7.43 5.75
CA ASN D 57 -27.31 8.12 5.43
C ASN D 57 -26.36 7.29 4.57
N TYR D 58 -26.47 7.44 3.26
CA TYR D 58 -25.62 6.71 2.34
C TYR D 58 -24.81 7.74 1.56
N ASN D 59 -23.65 7.30 1.09
CA ASN D 59 -22.82 8.17 0.29
C ASN D 59 -23.57 8.40 -1.03
N PRO D 60 -23.71 9.67 -1.45
CA PRO D 60 -24.43 9.95 -2.70
C PRO D 60 -23.87 9.12 -3.85
N SER D 61 -22.57 8.87 -3.81
CA SER D 61 -21.89 8.07 -4.83
C SER D 61 -22.45 6.66 -5.01
N LEU D 62 -23.21 6.18 -4.03
CA LEU D 62 -23.76 4.82 -4.10
C LEU D 62 -25.23 4.69 -3.74
N SER D 63 -25.76 5.67 -3.03
CA SER D 63 -27.14 5.65 -2.57
C SER D 63 -28.13 5.03 -3.53
N SER D 64 -28.10 5.46 -4.77
CA SER D 64 -29.02 4.95 -5.79
C SER D 64 -29.01 3.44 -5.94
N ARG D 65 -27.93 2.79 -5.51
CA ARG D 65 -27.83 1.34 -5.61
C ARG D 65 -27.58 0.68 -4.26
N LEU D 66 -27.46 1.48 -3.22
CA LEU D 66 -27.17 0.93 -1.90
C LEU D 66 -28.37 0.51 -1.06
N SER D 67 -28.12 -0.34 -0.07
CA SER D 67 -29.17 -0.79 0.82
C SER D 67 -28.56 -1.50 2.04
N LEU D 68 -28.65 -0.85 3.19
CA LEU D 68 -28.10 -1.37 4.44
C LEU D 68 -29.23 -1.68 5.42
N SER D 69 -29.08 -2.74 6.20
CA SER D 69 -30.10 -3.11 7.15
C SER D 69 -29.51 -3.84 8.36
N MET D 70 -30.34 -3.99 9.38
CA MET D 70 -29.90 -4.63 10.61
C MET D 70 -30.85 -5.78 10.93
N ASP D 71 -30.29 -6.88 11.43
CA ASP D 71 -31.07 -8.07 11.76
C ASP D 71 -30.74 -8.52 13.19
N THR D 72 -31.51 -8.00 14.15
CA THR D 72 -31.30 -8.31 15.56
C THR D 72 -31.49 -9.79 15.84
N SER D 73 -32.33 -10.43 15.05
CA SER D 73 -32.59 -11.87 15.18
C SER D 73 -31.24 -12.60 15.17
N LYS D 74 -30.48 -12.41 14.09
CA LYS D 74 -29.17 -13.01 13.92
C LYS D 74 -28.06 -12.11 14.48
N ASN D 75 -28.45 -11.01 15.14
CA ASN D 75 -27.51 -10.04 15.71
C ASN D 75 -26.39 -9.68 14.73
N GLN D 76 -26.77 -9.07 13.61
CA GLN D 76 -25.81 -8.67 12.60
C GLN D 76 -26.42 -7.58 11.72
N PHE D 77 -25.63 -7.02 10.81
CA PHE D 77 -26.18 -6.02 9.90
C PHE D 77 -25.71 -6.38 8.50
N SER D 78 -26.38 -5.83 7.50
CA SER D 78 -26.04 -6.17 6.12
C SER D 78 -25.84 -5.03 5.16
N LEU D 79 -25.39 -5.41 3.97
CA LEU D 79 -25.15 -4.48 2.88
C LEU D 79 -25.54 -5.18 1.59
N ARG D 80 -26.23 -4.46 0.73
CA ARG D 80 -26.63 -5.00 -0.57
C ARG D 80 -26.45 -3.87 -1.58
N LEU D 81 -25.58 -4.12 -2.56
CA LEU D 81 -25.26 -3.15 -3.61
C LEU D 81 -25.66 -3.73 -4.97
N SER D 82 -26.65 -3.13 -5.60
CA SER D 82 -27.14 -3.59 -6.89
C SER D 82 -26.29 -3.11 -8.05
N SER D 83 -26.51 -3.74 -9.21
CA SER D 83 -25.83 -3.40 -10.46
C SER D 83 -24.33 -3.16 -10.38
N VAL D 84 -23.62 -4.05 -9.70
CA VAL D 84 -22.17 -3.88 -9.56
C VAL D 84 -21.42 -3.97 -10.87
N THR D 85 -20.26 -3.34 -10.89
CA THR D 85 -19.38 -3.35 -12.05
C THR D 85 -18.00 -3.57 -11.48
N ALA D 86 -17.02 -3.79 -12.35
CA ALA D 86 -15.65 -4.01 -11.91
C ALA D 86 -15.17 -2.89 -10.96
N ALA D 87 -15.66 -1.68 -11.16
CA ALA D 87 -15.26 -0.57 -10.29
C ALA D 87 -15.74 -0.78 -8.84
N ASP D 88 -16.50 -1.86 -8.60
CA ASP D 88 -16.98 -2.13 -7.25
C ASP D 88 -16.06 -3.13 -6.57
N THR D 89 -15.09 -3.63 -7.31
CA THR D 89 -14.13 -4.59 -6.79
C THR D 89 -13.34 -3.91 -5.68
N ALA D 90 -13.23 -4.56 -4.53
CA ALA D 90 -12.49 -3.96 -3.42
C ALA D 90 -12.61 -4.77 -2.15
N THR D 91 -11.97 -4.26 -1.09
CA THR D 91 -12.07 -4.90 0.21
C THR D 91 -13.17 -4.14 0.92
N TYR D 92 -14.14 -4.88 1.46
CA TYR D 92 -15.27 -4.28 2.16
C TYR D 92 -15.11 -4.51 3.65
N TYR D 93 -15.18 -3.43 4.42
CA TYR D 93 -15.05 -3.51 5.88
C TYR D 93 -16.33 -3.08 6.56
N CYS D 94 -16.60 -3.63 7.71
CA CYS D 94 -17.76 -3.25 8.49
C CYS D 94 -17.17 -2.79 9.81
N ALA D 95 -17.71 -1.72 10.37
CA ALA D 95 -17.17 -1.21 11.61
C ALA D 95 -18.24 -0.53 12.41
N ARG D 96 -17.91 -0.19 13.65
CA ARG D 96 -18.84 0.49 14.51
C ARG D 96 -18.72 2.01 14.33
N TYR D 97 -19.87 2.64 14.09
CA TYR D 97 -19.96 4.08 13.95
C TYR D 97 -20.13 4.64 15.37
N HIS D 98 -19.03 5.00 16.03
CA HIS D 98 -19.07 5.53 17.39
C HIS D 98 -19.52 6.99 17.43
N ARG D 99 -20.77 7.20 17.78
CA ARG D 99 -21.37 8.54 17.85
C ARG D 99 -22.05 8.69 19.23
N HIS D 100 -21.52 9.58 20.07
CA HIS D 100 -22.08 9.78 21.39
C HIS D 100 -23.37 10.62 21.32
N PHE D 101 -24.40 10.20 22.05
CA PHE D 101 -25.69 10.88 22.02
C PHE D 101 -25.68 12.35 22.43
N ILE D 102 -24.59 12.80 23.05
CA ILE D 102 -24.51 14.20 23.44
C ILE D 102 -23.40 14.90 22.67
N ARG D 103 -22.22 14.31 22.72
CA ARG D 103 -21.06 14.86 22.05
C ARG D 103 -21.02 14.68 20.53
N GLY D 104 -21.80 13.74 20.01
CA GLY D 104 -21.81 13.55 18.57
C GLY D 104 -20.89 12.46 18.01
N PRO D 105 -20.61 12.51 16.71
CA PRO D 105 -19.75 11.50 16.09
C PRO D 105 -18.29 11.55 16.57
N LEU D 106 -17.76 10.40 16.94
CA LEU D 106 -16.38 10.31 17.39
C LEU D 106 -15.48 9.62 16.38
N SER D 107 -15.90 8.44 15.92
CA SER D 107 -15.10 7.70 14.96
C SER D 107 -15.69 6.36 14.58
N PHE D 108 -14.89 5.61 13.84
CA PHE D 108 -15.17 4.23 13.45
C PHE D 108 -14.16 3.48 14.33
N ASP D 109 -14.56 2.99 15.49
CA ASP D 109 -13.58 2.34 16.38
C ASP D 109 -13.24 0.88 16.14
N TYR D 110 -14.22 -0.01 16.17
CA TYR D 110 -13.90 -1.42 15.93
C TYR D 110 -14.12 -1.67 14.45
N TRP D 111 -13.14 -2.28 13.79
CA TRP D 111 -13.24 -2.59 12.37
C TRP D 111 -13.00 -4.07 12.21
N GLY D 112 -13.60 -4.66 11.18
CA GLY D 112 -13.37 -6.07 10.93
C GLY D 112 -12.20 -6.12 9.96
N ARG D 113 -11.62 -7.31 9.78
CA ARG D 113 -10.49 -7.45 8.88
C ARG D 113 -10.87 -7.23 7.42
N GLY D 114 -12.18 -7.15 7.15
CA GLY D 114 -12.64 -6.92 5.79
C GLY D 114 -12.78 -8.18 4.92
N THR D 115 -13.61 -8.08 3.88
CA THR D 115 -13.80 -9.19 2.97
C THR D 115 -13.52 -8.70 1.54
N LEU D 116 -12.71 -9.45 0.79
CA LEU D 116 -12.38 -9.07 -0.59
C LEU D 116 -13.50 -9.47 -1.52
N VAL D 117 -13.88 -8.56 -2.40
CA VAL D 117 -14.93 -8.82 -3.36
C VAL D 117 -14.45 -8.42 -4.75
N THR D 118 -14.51 -9.36 -5.69
CA THR D 118 -14.10 -9.04 -7.05
C THR D 118 -15.29 -9.25 -7.98
N VAL D 119 -15.56 -8.24 -8.80
CA VAL D 119 -16.66 -8.29 -9.74
C VAL D 119 -16.09 -8.62 -11.10
N SER D 120 -16.35 -9.85 -11.55
CA SER D 120 -15.82 -10.34 -12.81
C SER D 120 -16.77 -11.37 -13.44
N SER D 121 -16.61 -11.61 -14.75
CA SER D 121 -17.44 -12.58 -15.47
C SER D 121 -16.74 -13.93 -15.60
N ALA D 122 -15.44 -13.95 -15.33
CA ALA D 122 -14.61 -15.14 -15.46
C ALA D 122 -15.01 -16.39 -14.70
N SER D 123 -14.78 -17.54 -15.32
CA SER D 123 -15.07 -18.84 -14.73
C SER D 123 -13.92 -19.24 -13.81
N THR D 124 -14.25 -19.90 -12.71
CA THR D 124 -13.21 -20.35 -11.79
C THR D 124 -12.24 -21.22 -12.59
N LYS D 125 -10.96 -20.90 -12.50
CA LYS D 125 -9.95 -21.64 -13.23
C LYS D 125 -8.66 -21.80 -12.45
N GLY D 126 -8.15 -23.03 -12.42
CA GLY D 126 -6.91 -23.29 -11.73
C GLY D 126 -5.75 -22.72 -12.54
N PRO D 127 -4.55 -22.67 -11.96
CA PRO D 127 -3.41 -22.13 -12.69
C PRO D 127 -2.50 -23.19 -13.30
N SER D 128 -1.85 -22.80 -14.38
CA SER D 128 -0.85 -23.62 -14.98
C SER D 128 0.44 -23.21 -14.34
N VAL D 129 1.26 -24.14 -13.87
CA VAL D 129 2.51 -23.77 -13.22
C VAL D 129 3.72 -24.08 -14.07
N PHE D 130 4.41 -23.04 -14.51
CA PHE D 130 5.59 -23.20 -15.35
C PHE D 130 6.82 -22.96 -14.50
N PRO D 131 7.90 -23.69 -14.91
CA PRO D 131 9.20 -23.51 -14.21
C PRO D 131 9.99 -22.26 -14.56
N LEU D 132 10.64 -21.61 -13.62
CA LEU D 132 11.53 -20.54 -13.88
C LEU D 132 12.85 -21.14 -13.47
N ALA D 133 13.41 -21.96 -14.35
CA ALA D 133 14.66 -22.68 -14.09
C ALA D 133 15.90 -21.84 -13.88
N PRO D 134 16.69 -22.19 -12.86
CA PRO D 134 17.93 -21.47 -12.53
C PRO D 134 18.97 -21.75 -13.62
N SER D 135 19.82 -20.77 -13.87
CA SER D 135 20.85 -20.87 -14.89
C SER D 135 21.83 -19.73 -14.70
N SER D 136 22.86 -19.67 -15.55
CA SER D 136 23.86 -18.61 -15.49
C SER D 136 23.26 -17.21 -15.52
N LYS D 137 22.02 -17.11 -16.00
CA LYS D 137 21.34 -15.82 -16.09
C LYS D 137 20.54 -15.48 -14.82
N SER D 138 20.58 -16.38 -13.84
CA SER D 138 19.86 -16.12 -12.59
C SER D 138 20.76 -16.42 -11.41
N THR D 139 22.05 -16.56 -11.69
CA THR D 139 23.01 -16.83 -10.64
C THR D 139 24.12 -15.81 -10.68
N SER D 140 24.42 -15.27 -9.50
CA SER D 140 25.47 -14.28 -9.30
C SER D 140 26.16 -14.73 -8.03
N GLY D 141 27.47 -14.94 -8.12
CA GLY D 141 28.21 -15.40 -6.96
C GLY D 141 27.94 -16.87 -6.72
N GLY D 142 27.72 -17.24 -5.45
CA GLY D 142 27.46 -18.63 -5.15
C GLY D 142 25.98 -18.85 -4.96
N THR D 143 25.19 -17.84 -5.32
CA THR D 143 23.74 -17.92 -5.17
C THR D 143 23.04 -17.89 -6.53
N SER D 144 21.96 -18.66 -6.63
CA SER D 144 21.17 -18.73 -7.86
C SER D 144 19.71 -18.47 -7.54
N ALA D 145 18.95 -18.02 -8.53
CA ALA D 145 17.53 -17.77 -8.32
C ALA D 145 16.72 -18.73 -9.18
N LEU D 146 15.63 -19.23 -8.63
CA LEU D 146 14.76 -20.12 -9.36
C LEU D 146 13.34 -19.90 -8.83
N GLY D 147 12.34 -20.41 -9.55
CA GLY D 147 10.98 -20.20 -9.10
C GLY D 147 9.90 -20.78 -9.98
N CYS D 148 8.67 -20.33 -9.74
CA CYS D 148 7.53 -20.82 -10.50
C CYS D 148 6.64 -19.71 -11.01
N LEU D 149 6.18 -19.86 -12.24
CA LEU D 149 5.29 -18.88 -12.84
C LEU D 149 3.90 -19.50 -12.73
N VAL D 150 3.07 -18.95 -11.85
CA VAL D 150 1.71 -19.45 -11.66
C VAL D 150 0.85 -18.58 -12.57
N LYS D 151 0.45 -19.14 -13.70
CA LYS D 151 -0.28 -18.35 -14.67
C LYS D 151 -1.69 -18.75 -15.07
N ASP D 152 -2.49 -17.71 -15.34
CA ASP D 152 -3.87 -17.84 -15.79
C ASP D 152 -4.88 -18.52 -14.89
N TYR D 153 -5.10 -17.97 -13.69
CA TYR D 153 -6.09 -18.55 -12.80
C TYR D 153 -7.12 -17.51 -12.38
N PHE D 154 -8.28 -17.98 -11.94
CA PHE D 154 -9.32 -17.10 -11.45
C PHE D 154 -10.13 -17.82 -10.38
N PRO D 155 -10.38 -17.16 -9.25
CA PRO D 155 -9.93 -15.79 -8.98
C PRO D 155 -8.90 -15.86 -7.88
N GLU D 156 -8.51 -14.72 -7.34
CA GLU D 156 -7.57 -14.73 -6.24
C GLU D 156 -8.20 -15.64 -5.18
N PRO D 157 -7.38 -16.26 -4.31
CA PRO D 157 -5.93 -16.21 -4.23
C PRO D 157 -5.33 -17.58 -4.48
N VAL D 158 -4.00 -17.64 -4.51
CA VAL D 158 -3.30 -18.90 -4.69
C VAL D 158 -2.23 -18.91 -3.61
N THR D 159 -1.89 -20.09 -3.10
CA THR D 159 -0.84 -20.16 -2.12
C THR D 159 0.34 -20.85 -2.76
N VAL D 160 1.52 -20.32 -2.50
CA VAL D 160 2.73 -20.91 -3.04
C VAL D 160 3.74 -21.15 -1.92
N SER D 161 4.14 -22.40 -1.73
CA SER D 161 5.15 -22.73 -0.72
C SER D 161 6.23 -23.51 -1.45
N TRP D 162 7.44 -23.48 -0.92
CA TRP D 162 8.55 -24.20 -1.52
C TRP D 162 8.95 -25.36 -0.63
N ASN D 163 9.12 -26.53 -1.26
CA ASN D 163 9.48 -27.75 -0.54
C ASN D 163 8.58 -27.96 0.67
N SER D 164 7.27 -27.92 0.40
CA SER D 164 6.24 -28.10 1.41
C SER D 164 6.47 -27.29 2.69
N GLY D 165 7.18 -26.17 2.57
CA GLY D 165 7.42 -25.35 3.73
C GLY D 165 8.81 -25.43 4.32
N ALA D 166 9.59 -26.43 3.89
CA ALA D 166 10.94 -26.60 4.40
C ALA D 166 11.83 -25.43 3.97
N LEU D 167 11.52 -24.87 2.82
CA LEU D 167 12.28 -23.74 2.27
C LEU D 167 11.42 -22.49 2.34
N THR D 168 11.84 -21.54 3.16
CA THR D 168 11.09 -20.29 3.31
C THR D 168 12.04 -19.10 3.21
N SER D 169 13.33 -19.37 3.36
CA SER D 169 14.35 -18.34 3.31
C SER D 169 14.68 -17.82 1.90
N GLY D 170 14.61 -16.50 1.73
CA GLY D 170 14.90 -15.91 0.45
C GLY D 170 13.78 -16.14 -0.54
N VAL D 171 12.58 -16.39 -0.03
CA VAL D 171 11.44 -16.63 -0.90
C VAL D 171 10.66 -15.34 -1.09
N HIS D 172 10.42 -15.00 -2.35
CA HIS D 172 9.67 -13.81 -2.70
C HIS D 172 8.54 -14.21 -3.63
N THR D 173 7.31 -14.23 -3.11
CA THR D 173 6.15 -14.57 -3.93
C THR D 173 5.50 -13.23 -4.22
N PHE D 174 5.63 -12.77 -5.45
CA PHE D 174 5.07 -11.49 -5.85
C PHE D 174 3.54 -11.42 -5.88
N PRO D 175 3.00 -10.20 -5.76
CA PRO D 175 1.55 -10.03 -5.78
C PRO D 175 1.05 -10.37 -7.18
N ALA D 176 -0.11 -11.01 -7.26
CA ALA D 176 -0.63 -11.37 -8.57
C ALA D 176 -0.96 -10.08 -9.30
N VAL D 177 -1.24 -10.22 -10.59
CA VAL D 177 -1.58 -9.08 -11.43
C VAL D 177 -2.64 -9.58 -12.39
N LEU D 178 -3.68 -8.79 -12.57
CA LEU D 178 -4.76 -9.18 -13.49
C LEU D 178 -4.37 -8.89 -14.92
N GLN D 179 -4.60 -9.87 -15.79
CA GLN D 179 -4.28 -9.76 -17.20
C GLN D 179 -5.52 -9.36 -17.99
N SER D 180 -5.29 -8.86 -19.20
CA SER D 180 -6.35 -8.44 -20.09
C SER D 180 -7.41 -9.52 -20.25
N SER D 181 -6.97 -10.77 -20.20
CA SER D 181 -7.88 -11.91 -20.36
C SER D 181 -8.83 -12.06 -19.18
N GLY D 182 -8.51 -11.38 -18.08
CA GLY D 182 -9.35 -11.50 -16.91
C GLY D 182 -8.84 -12.60 -15.99
N LEU D 183 -7.65 -13.11 -16.29
CA LEU D 183 -7.03 -14.14 -15.48
C LEU D 183 -5.87 -13.53 -14.71
N TYR D 184 -5.58 -14.09 -13.55
CA TYR D 184 -4.48 -13.58 -12.73
C TYR D 184 -3.23 -14.39 -12.98
N SER D 185 -2.07 -13.77 -12.75
CA SER D 185 -0.80 -14.43 -12.93
C SER D 185 0.21 -13.84 -11.96
N LEU D 186 0.99 -14.70 -11.33
CA LEU D 186 2.01 -14.25 -10.38
C LEU D 186 3.20 -15.15 -10.48
N SER D 187 4.26 -14.75 -9.79
CA SER D 187 5.46 -15.55 -9.78
C SER D 187 5.98 -15.67 -8.35
N SER D 188 6.57 -16.81 -8.05
CA SER D 188 7.15 -17.04 -6.73
C SER D 188 8.58 -17.40 -7.03
N VAL D 189 9.50 -16.71 -6.38
CA VAL D 189 10.91 -16.98 -6.62
C VAL D 189 11.68 -17.10 -5.30
N VAL D 190 12.82 -17.78 -5.38
CA VAL D 190 13.66 -17.97 -4.21
C VAL D 190 15.11 -18.12 -4.68
N THR D 191 16.03 -17.65 -3.85
CA THR D 191 17.45 -17.76 -4.17
C THR D 191 18.02 -18.80 -3.23
N VAL D 192 18.72 -19.78 -3.78
CA VAL D 192 19.35 -20.82 -2.96
C VAL D 192 20.83 -20.90 -3.32
N PRO D 193 21.60 -21.69 -2.56
CA PRO D 193 23.03 -21.81 -2.88
C PRO D 193 23.25 -22.59 -4.18
N SER D 194 23.94 -21.97 -5.13
CA SER D 194 24.20 -22.59 -6.42
C SER D 194 24.68 -24.04 -6.32
N SER D 195 25.77 -24.26 -5.61
CA SER D 195 26.33 -25.60 -5.46
C SER D 195 25.29 -26.66 -5.13
N SER D 196 24.16 -26.24 -4.55
CA SER D 196 23.10 -27.16 -4.18
C SER D 196 22.29 -27.61 -5.39
N LEU D 197 22.22 -26.76 -6.40
CA LEU D 197 21.48 -27.05 -7.62
C LEU D 197 21.65 -28.48 -8.10
N GLY D 198 22.77 -29.10 -7.75
CA GLY D 198 22.99 -30.46 -8.15
C GLY D 198 22.23 -31.42 -7.24
N THR D 199 22.68 -31.50 -5.99
CA THR D 199 22.06 -32.38 -5.00
C THR D 199 20.61 -32.07 -4.64
N GLN D 200 20.37 -30.89 -4.08
CA GLN D 200 19.05 -30.45 -3.65
C GLN D 200 17.97 -30.34 -4.72
N THR D 201 16.78 -30.82 -4.38
CA THR D 201 15.63 -30.78 -5.28
C THR D 201 14.65 -29.70 -4.81
N TYR D 202 14.15 -28.91 -5.75
CA TYR D 202 13.22 -27.84 -5.42
C TYR D 202 11.89 -28.02 -6.14
N ILE D 203 10.82 -27.96 -5.37
CA ILE D 203 9.47 -28.13 -5.89
C ILE D 203 8.57 -27.06 -5.31
N CYS D 204 7.87 -26.32 -6.15
CA CYS D 204 6.94 -25.31 -5.62
C CYS D 204 5.60 -25.98 -5.46
N ASN D 205 4.90 -25.62 -4.38
CA ASN D 205 3.59 -26.17 -4.07
C ASN D 205 2.55 -25.09 -4.29
N VAL D 206 1.71 -25.28 -5.30
CA VAL D 206 0.68 -24.31 -5.61
C VAL D 206 -0.69 -24.85 -5.29
N ASN D 207 -1.49 -24.04 -4.62
CA ASN D 207 -2.82 -24.44 -4.24
C ASN D 207 -3.82 -23.31 -4.46
N HIS D 208 -4.79 -23.59 -5.33
CA HIS D 208 -5.86 -22.66 -5.68
C HIS D 208 -7.16 -23.34 -5.27
N LYS D 209 -7.65 -23.00 -4.08
CA LYS D 209 -8.87 -23.58 -3.53
C LYS D 209 -10.14 -23.48 -4.37
N PRO D 210 -10.45 -22.29 -4.92
CA PRO D 210 -11.65 -22.13 -5.74
C PRO D 210 -11.85 -23.23 -6.76
N SER D 211 -10.77 -23.68 -7.37
CA SER D 211 -10.88 -24.73 -8.37
C SER D 211 -10.42 -26.07 -7.80
N ASN D 212 -10.11 -26.08 -6.50
CA ASN D 212 -9.64 -27.30 -5.86
C ASN D 212 -8.45 -27.84 -6.67
N THR D 213 -7.55 -26.95 -7.05
CA THR D 213 -6.38 -27.33 -7.85
C THR D 213 -5.11 -27.34 -7.00
N LYS D 214 -4.39 -28.46 -7.05
CA LYS D 214 -3.13 -28.61 -6.31
C LYS D 214 -2.03 -29.02 -7.29
N VAL D 215 -0.97 -28.22 -7.36
CA VAL D 215 0.13 -28.54 -8.25
C VAL D 215 1.50 -28.43 -7.60
N ASP D 216 2.24 -29.52 -7.67
CA ASP D 216 3.60 -29.56 -7.15
C ASP D 216 4.49 -29.51 -8.38
N LYS D 217 5.36 -28.51 -8.46
CA LYS D 217 6.22 -28.38 -9.62
C LYS D 217 7.70 -28.42 -9.28
N LYS D 218 8.37 -29.46 -9.77
CA LYS D 218 9.79 -29.62 -9.53
C LYS D 218 10.53 -28.71 -10.49
N VAL D 219 11.38 -27.85 -9.95
CA VAL D 219 12.15 -26.91 -10.77
C VAL D 219 13.58 -27.43 -10.86
N GLU D 220 14.10 -27.52 -12.08
CA GLU D 220 15.45 -28.01 -12.30
C GLU D 220 16.20 -27.16 -13.32
N PRO D 221 17.54 -27.23 -13.30
CA PRO D 221 18.36 -26.46 -14.25
C PRO D 221 18.15 -27.15 -15.60
N LYS D 222 18.42 -26.46 -16.71
CA LYS D 222 18.21 -27.11 -18.00
C LYS D 222 19.52 -27.59 -18.65
N SER D 223 19.40 -28.53 -19.58
CA SER D 223 20.57 -29.07 -20.27
C SER D 223 20.69 -28.53 -21.69
N LEU E 1 45.06 -16.63 2.49
CA LEU E 1 45.26 -17.82 1.63
C LEU E 1 46.39 -17.59 0.64
N GLN E 2 47.51 -18.29 0.86
CA GLN E 2 48.68 -18.17 0.00
C GLN E 2 49.00 -19.49 -0.70
N MET E 3 49.55 -19.39 -1.91
CA MET E 3 49.92 -20.57 -2.68
C MET E 3 51.44 -20.70 -2.70
N THR E 4 51.93 -21.94 -2.59
CA THR E 4 53.36 -22.20 -2.60
C THR E 4 53.70 -23.28 -3.63
N GLN E 5 54.42 -22.88 -4.68
CA GLN E 5 54.79 -23.78 -5.75
C GLN E 5 56.25 -24.20 -5.64
N SER E 6 56.57 -25.39 -6.13
CA SER E 6 57.94 -25.90 -6.08
C SER E 6 58.10 -27.13 -6.98
N PRO E 7 59.29 -27.30 -7.58
CA PRO E 7 60.44 -26.39 -7.44
C PRO E 7 60.25 -25.07 -8.21
N SER E 8 61.20 -24.15 -8.05
CA SER E 8 61.14 -22.88 -8.76
C SER E 8 61.74 -23.13 -10.15
N PHE E 9 62.83 -23.90 -10.16
CA PHE E 9 63.54 -24.25 -11.38
C PHE E 9 63.73 -25.75 -11.40
N LEU E 10 63.72 -26.33 -12.59
CA LEU E 10 63.89 -27.76 -12.78
C LEU E 10 64.63 -28.03 -14.09
N SER E 11 65.59 -28.94 -14.04
CA SER E 11 66.36 -29.28 -15.23
C SER E 11 66.09 -30.75 -15.49
N ALA E 12 65.37 -31.05 -16.56
CA ALA E 12 65.07 -32.45 -16.86
C ALA E 12 65.42 -32.76 -18.30
N SER E 13 65.41 -34.05 -18.61
CA SER E 13 65.72 -34.53 -19.95
C SER E 13 64.49 -35.07 -20.64
N VAL E 14 64.35 -34.78 -21.93
CA VAL E 14 63.22 -35.27 -22.70
C VAL E 14 62.99 -36.75 -22.37
N GLY E 15 61.78 -37.07 -21.94
CA GLY E 15 61.47 -38.45 -21.60
C GLY E 15 61.30 -38.68 -20.10
N ASP E 16 61.76 -37.72 -19.30
CA ASP E 16 61.64 -37.84 -17.86
C ASP E 16 60.23 -37.63 -17.34
N ARG E 17 60.02 -38.00 -16.08
CA ARG E 17 58.73 -37.81 -15.44
C ARG E 17 58.95 -36.57 -14.61
N VAL E 18 58.04 -35.61 -14.72
CA VAL E 18 58.16 -34.37 -13.98
C VAL E 18 56.96 -34.11 -13.08
N SER E 19 57.23 -33.64 -11.87
CA SER E 19 56.18 -33.33 -10.91
C SER E 19 56.35 -31.95 -10.29
N ILE E 20 55.35 -31.10 -10.51
CA ILE E 20 55.36 -29.75 -9.96
C ILE E 20 54.29 -29.74 -8.87
N THR E 21 54.71 -29.44 -7.64
CA THR E 21 53.78 -29.40 -6.53
C THR E 21 53.40 -27.96 -6.21
N CYS E 22 52.21 -27.78 -5.66
CA CYS E 22 51.70 -26.47 -5.31
C CYS E 22 50.96 -26.62 -3.98
N ARG E 23 51.41 -25.89 -2.98
CA ARG E 23 50.81 -25.98 -1.66
C ARG E 23 49.91 -24.78 -1.31
N ALA E 24 48.78 -25.06 -0.69
CA ALA E 24 47.87 -23.98 -0.31
C ALA E 24 47.87 -23.82 1.20
N SER E 25 47.99 -22.57 1.65
CA SER E 25 48.00 -22.23 3.07
C SER E 25 46.69 -22.61 3.74
N GLN E 26 45.65 -22.79 2.93
CA GLN E 26 44.32 -23.14 3.42
C GLN E 26 43.67 -24.14 2.49
N ASP E 27 42.71 -24.90 3.02
CA ASP E 27 41.99 -25.89 2.23
C ASP E 27 41.22 -25.20 1.11
N ILE E 28 41.47 -25.60 -0.13
CA ILE E 28 40.78 -25.00 -1.26
C ILE E 28 40.06 -26.04 -2.10
N GLN E 29 39.73 -27.17 -1.48
CA GLN E 29 39.03 -28.25 -2.16
C GLN E 29 39.78 -28.64 -3.43
N LYS E 30 39.22 -28.28 -4.57
CA LYS E 30 39.84 -28.55 -5.87
C LYS E 30 39.69 -27.34 -6.76
N PHE E 31 39.65 -26.16 -6.16
CA PHE E 31 39.51 -24.91 -6.93
C PHE E 31 40.92 -24.44 -7.29
N LEU E 32 41.58 -25.20 -8.15
CA LEU E 32 42.94 -24.89 -8.58
C LEU E 32 43.15 -25.31 -10.03
N ALA E 33 43.92 -24.50 -10.76
CA ALA E 33 44.19 -24.78 -12.17
C ALA E 33 45.68 -24.62 -12.45
N TRP E 34 46.11 -25.16 -13.59
CA TRP E 34 47.51 -25.06 -13.98
C TRP E 34 47.65 -24.40 -15.34
N TYR E 35 48.59 -23.49 -15.45
CA TYR E 35 48.82 -22.81 -16.72
C TYR E 35 50.23 -22.99 -17.21
N GLN E 36 50.37 -23.03 -18.52
CA GLN E 36 51.67 -23.17 -19.16
C GLN E 36 51.91 -21.90 -19.94
N LEU E 37 52.97 -21.18 -19.61
CA LEU E 37 53.30 -19.94 -20.33
C LEU E 37 54.60 -20.13 -21.07
N THR E 38 54.54 -19.92 -22.38
CA THR E 38 55.71 -20.03 -23.23
C THR E 38 56.01 -18.64 -23.76
N PRO E 39 57.30 -18.28 -23.84
CA PRO E 39 57.69 -16.96 -24.34
C PRO E 39 57.05 -16.63 -25.70
N GLY E 40 56.22 -15.58 -25.72
CA GLY E 40 55.59 -15.18 -26.95
C GLY E 40 54.18 -15.69 -27.20
N ASP E 41 53.77 -16.68 -26.43
CA ASP E 41 52.43 -17.26 -26.58
C ASP E 41 51.52 -16.92 -25.41
N ALA E 42 50.23 -16.81 -25.70
CA ALA E 42 49.24 -16.52 -24.68
C ALA E 42 49.24 -17.66 -23.67
N PRO E 43 49.10 -17.33 -22.38
CA PRO E 43 49.09 -18.36 -21.35
C PRO E 43 48.08 -19.44 -21.72
N LYS E 44 48.44 -20.70 -21.48
CA LYS E 44 47.58 -21.83 -21.83
C LYS E 44 47.06 -22.60 -20.63
N LEU E 45 45.75 -22.82 -20.61
CA LEU E 45 45.14 -23.59 -19.53
C LEU E 45 45.44 -25.07 -19.74
N LEU E 46 45.97 -25.72 -18.71
CA LEU E 46 46.31 -27.13 -18.79
C LEU E 46 45.39 -28.01 -17.93
N MET E 47 45.11 -27.54 -16.71
CA MET E 47 44.33 -28.32 -15.78
C MET E 47 43.44 -27.45 -14.90
N TYR E 48 42.30 -27.98 -14.48
CA TYR E 48 41.37 -27.29 -13.58
C TYR E 48 40.63 -28.30 -12.70
N SER E 49 40.00 -27.82 -11.63
CA SER E 49 39.29 -28.71 -10.71
C SER E 49 40.32 -29.74 -10.25
N ALA E 50 41.56 -29.26 -10.16
CA ALA E 50 42.73 -30.04 -9.74
C ALA E 50 43.16 -31.19 -10.64
N SER E 51 42.19 -31.98 -11.12
CA SER E 51 42.52 -33.15 -11.93
C SER E 51 41.99 -33.17 -13.36
N THR E 52 41.05 -32.30 -13.67
CA THR E 52 40.46 -32.29 -14.99
C THR E 52 41.33 -31.73 -16.09
N LEU E 53 41.58 -32.55 -17.09
CA LEU E 53 42.40 -32.18 -18.24
C LEU E 53 41.68 -31.25 -19.21
N GLN E 54 42.35 -30.17 -19.58
CA GLN E 54 41.80 -29.22 -20.53
C GLN E 54 41.79 -29.90 -21.89
N SER E 55 40.75 -29.66 -22.68
CA SER E 55 40.64 -30.25 -24.00
C SER E 55 41.79 -29.76 -24.88
N GLY E 56 42.55 -30.69 -25.44
CA GLY E 56 43.66 -30.33 -26.28
C GLY E 56 44.98 -30.67 -25.62
N VAL E 57 45.00 -30.64 -24.29
CA VAL E 57 46.22 -30.96 -23.55
C VAL E 57 46.48 -32.46 -23.63
N PRO E 58 47.70 -32.85 -24.07
CA PRO E 58 48.07 -34.26 -24.18
C PRO E 58 47.97 -35.06 -22.88
N SER E 59 47.65 -36.34 -23.03
CA SER E 59 47.49 -37.24 -21.90
C SER E 59 48.69 -37.35 -20.97
N ARG E 60 49.87 -36.90 -21.41
CA ARG E 60 51.06 -36.99 -20.56
C ARG E 60 51.03 -35.99 -19.41
N PHE E 61 50.02 -35.13 -19.40
CA PHE E 61 49.85 -34.17 -18.32
C PHE E 61 48.84 -34.79 -17.34
N SER E 62 49.23 -34.88 -16.08
CA SER E 62 48.37 -35.45 -15.05
C SER E 62 48.17 -34.45 -13.93
N GLY E 63 46.95 -34.41 -13.39
CA GLY E 63 46.64 -33.51 -12.31
C GLY E 63 46.07 -34.29 -11.14
N SER E 64 46.34 -33.85 -9.92
CA SER E 64 45.84 -34.55 -8.76
C SER E 64 45.91 -33.71 -7.49
N GLY E 65 45.18 -34.15 -6.48
CA GLY E 65 45.16 -33.43 -5.22
C GLY E 65 43.80 -32.92 -4.82
N SER E 66 43.71 -32.51 -3.56
CA SER E 66 42.49 -31.98 -2.98
C SER E 66 42.87 -31.39 -1.63
N GLY E 67 42.33 -30.22 -1.32
CA GLY E 67 42.65 -29.62 -0.04
C GLY E 67 43.78 -28.62 -0.06
N THR E 68 44.98 -29.07 0.32
CA THR E 68 46.14 -28.17 0.37
C THR E 68 47.37 -28.57 -0.42
N GLU E 69 47.38 -29.76 -1.03
CA GLU E 69 48.55 -30.16 -1.81
C GLU E 69 48.12 -30.65 -3.19
N PHE E 70 48.57 -29.94 -4.21
CA PHE E 70 48.24 -30.28 -5.60
C PHE E 70 49.50 -30.51 -6.42
N THR E 71 49.48 -31.58 -7.21
CA THR E 71 50.62 -31.93 -8.04
C THR E 71 50.30 -32.20 -9.50
N LEU E 72 50.90 -31.39 -10.38
CA LEU E 72 50.74 -31.52 -11.82
C LEU E 72 51.93 -32.39 -12.22
N THR E 73 51.73 -33.35 -13.09
CA THR E 73 52.84 -34.20 -13.47
C THR E 73 52.87 -34.42 -14.97
N ILE E 74 54.07 -34.52 -15.51
CA ILE E 74 54.26 -34.72 -16.94
C ILE E 74 55.08 -35.98 -17.12
N SER E 75 54.51 -36.96 -17.81
CA SER E 75 55.20 -38.22 -18.05
C SER E 75 55.85 -38.23 -19.42
N GLY E 76 57.17 -38.32 -19.43
CA GLY E 76 57.90 -38.34 -20.68
C GLY E 76 57.95 -36.96 -21.30
N LEU E 77 58.69 -36.06 -20.65
CA LEU E 77 58.82 -34.69 -21.13
C LEU E 77 59.07 -34.62 -22.61
N GLN E 78 58.43 -33.64 -23.23
CA GLN E 78 58.59 -33.40 -24.65
C GLN E 78 59.27 -32.04 -24.80
N PRO E 79 59.98 -31.81 -25.92
CA PRO E 79 60.67 -30.55 -26.15
C PRO E 79 59.79 -29.32 -25.89
N GLU E 80 58.53 -29.39 -26.29
CA GLU E 80 57.62 -28.28 -26.08
C GLU E 80 57.10 -28.18 -24.65
N ASP E 81 57.42 -29.13 -23.79
CA ASP E 81 56.95 -29.04 -22.41
C ASP E 81 57.84 -28.16 -21.55
N PHE E 82 58.95 -27.71 -22.11
CA PHE E 82 59.86 -26.85 -21.37
C PHE E 82 59.41 -25.40 -21.46
N ALA E 83 58.95 -24.89 -20.33
CA ALA E 83 58.46 -23.53 -20.22
C ALA E 83 58.23 -23.31 -18.73
N THR E 84 57.47 -22.29 -18.37
CA THR E 84 57.19 -22.09 -16.96
C THR E 84 55.74 -22.49 -16.73
N TYR E 85 55.45 -22.98 -15.53
CA TYR E 85 54.11 -23.41 -15.16
C TYR E 85 53.66 -22.69 -13.91
N TYR E 86 52.36 -22.41 -13.83
CA TYR E 86 51.81 -21.72 -12.68
C TYR E 86 50.50 -22.31 -12.18
N CYS E 87 50.35 -22.44 -10.87
CA CYS E 87 49.11 -22.93 -10.30
C CYS E 87 48.34 -21.70 -9.83
N GLN E 88 47.01 -21.80 -9.85
CA GLN E 88 46.16 -20.69 -9.44
C GLN E 88 45.00 -21.22 -8.58
N HIS E 89 44.66 -20.50 -7.51
CA HIS E 89 43.54 -20.95 -6.69
C HIS E 89 42.32 -20.13 -7.10
N LEU E 90 41.15 -20.74 -7.00
CA LEU E 90 39.88 -20.11 -7.36
C LEU E 90 38.96 -20.22 -6.14
N LYS E 91 39.53 -20.16 -4.94
CA LYS E 91 38.74 -20.26 -3.72
C LYS E 91 37.88 -19.04 -3.46
N ARG E 92 38.51 -17.89 -3.25
CA ARG E 92 37.79 -16.66 -3.01
C ARG E 92 38.69 -15.48 -3.40
N TYR E 93 38.09 -14.44 -3.93
CA TYR E 93 38.87 -13.28 -4.35
C TYR E 93 39.66 -12.77 -3.14
N PRO E 94 40.89 -12.30 -3.37
CA PRO E 94 41.55 -12.20 -4.66
C PRO E 94 42.20 -13.52 -5.04
N TYR E 95 42.16 -13.86 -6.32
CA TYR E 95 42.78 -15.10 -6.79
C TYR E 95 44.29 -14.89 -6.86
N THR E 96 45.05 -15.96 -6.62
CA THR E 96 46.50 -15.87 -6.69
C THR E 96 47.13 -17.11 -7.31
N PHE E 97 48.25 -16.90 -7.98
CA PHE E 97 48.94 -17.98 -8.62
C PHE E 97 50.21 -18.34 -7.85
N GLY E 98 50.77 -19.51 -8.14
CA GLY E 98 52.00 -19.93 -7.50
C GLY E 98 53.10 -19.08 -8.10
N GLN E 99 54.26 -19.02 -7.47
CA GLN E 99 55.36 -18.21 -7.98
C GLN E 99 55.94 -18.73 -9.28
N GLY E 100 55.44 -19.87 -9.75
CA GLY E 100 55.92 -20.42 -11.00
C GLY E 100 57.08 -21.40 -10.91
N THR E 101 57.19 -22.23 -11.94
CA THR E 101 58.25 -23.23 -12.04
C THR E 101 58.82 -23.20 -13.47
N LYS E 102 60.13 -23.05 -13.59
CA LYS E 102 60.75 -23.02 -14.91
C LYS E 102 61.45 -24.33 -15.24
N LEU E 103 61.05 -24.93 -16.36
CA LEU E 103 61.59 -26.21 -16.80
C LEU E 103 62.56 -26.07 -17.99
N GLU E 104 63.86 -26.18 -17.71
CA GLU E 104 64.90 -26.08 -18.74
C GLU E 104 65.46 -27.45 -19.06
N ILE E 105 65.92 -27.62 -20.30
CA ILE E 105 66.48 -28.88 -20.77
C ILE E 105 67.86 -29.19 -20.23
N SER E 106 68.02 -30.43 -19.76
CA SER E 106 69.28 -30.86 -19.21
C SER E 106 70.24 -31.15 -20.36
N ARG E 107 71.53 -30.99 -20.09
CA ARG E 107 72.55 -31.20 -21.12
C ARG E 107 73.93 -31.35 -20.47
N THR E 108 74.93 -31.71 -21.26
CA THR E 108 76.31 -31.88 -20.74
C THR E 108 76.95 -30.52 -20.46
N VAL E 109 77.76 -30.46 -19.41
CA VAL E 109 78.46 -29.23 -19.07
C VAL E 109 79.27 -28.74 -20.27
N ALA E 110 79.14 -27.45 -20.59
CA ALA E 110 79.88 -26.87 -21.72
C ALA E 110 80.50 -25.53 -21.30
N ALA E 111 81.82 -25.43 -21.41
CA ALA E 111 82.53 -24.21 -21.05
C ALA E 111 82.21 -23.11 -22.06
N PRO E 112 82.11 -21.86 -21.59
CA PRO E 112 81.80 -20.79 -22.53
C PRO E 112 83.01 -20.29 -23.29
N SER E 113 82.80 -19.85 -24.50
CA SER E 113 83.89 -19.24 -25.26
C SER E 113 83.82 -17.79 -24.80
N VAL E 114 84.96 -17.21 -24.46
CA VAL E 114 85.00 -15.84 -23.99
C VAL E 114 85.63 -14.89 -25.00
N PHE E 115 84.87 -13.89 -25.43
CA PHE E 115 85.34 -12.91 -26.40
C PHE E 115 85.14 -11.48 -25.88
N ILE E 116 86.14 -10.63 -26.04
CA ILE E 116 86.03 -9.26 -25.56
C ILE E 116 86.11 -8.24 -26.69
N PHE E 117 85.22 -7.25 -26.66
CA PHE E 117 85.15 -6.20 -27.67
C PHE E 117 85.35 -4.83 -27.04
N PRO E 118 86.44 -4.14 -27.38
CA PRO E 118 86.69 -2.81 -26.81
C PRO E 118 85.71 -1.80 -27.40
N PRO E 119 85.67 -0.58 -26.84
CA PRO E 119 84.79 0.49 -27.32
C PRO E 119 85.06 0.67 -28.82
N SER E 120 84.02 0.85 -29.63
CA SER E 120 84.26 0.99 -31.07
C SER E 120 84.82 2.37 -31.40
N ASP E 121 85.43 2.48 -32.57
CA ASP E 121 85.99 3.76 -33.01
C ASP E 121 84.86 4.78 -33.08
N GLU E 122 83.72 4.35 -33.60
CA GLU E 122 82.59 5.24 -33.74
C GLU E 122 82.11 5.77 -32.39
N GLN E 123 81.93 4.87 -31.43
CA GLN E 123 81.47 5.27 -30.09
C GLN E 123 82.45 6.19 -29.37
N LEU E 124 83.75 5.99 -29.57
CA LEU E 124 84.74 6.82 -28.90
C LEU E 124 84.76 8.28 -29.37
N LYS E 125 84.05 8.59 -30.44
CA LYS E 125 83.99 9.95 -30.92
C LYS E 125 82.94 10.69 -30.08
N SER E 126 82.04 9.91 -29.48
CA SER E 126 80.93 10.44 -28.69
C SER E 126 81.23 10.96 -27.29
N GLY E 127 82.21 10.39 -26.62
CA GLY E 127 82.53 10.84 -25.28
C GLY E 127 82.21 9.80 -24.22
N THR E 128 81.73 8.63 -24.66
CA THR E 128 81.41 7.54 -23.77
C THR E 128 81.91 6.24 -24.36
N ALA E 129 82.39 5.35 -23.50
CA ALA E 129 82.94 4.09 -23.95
C ALA E 129 82.25 2.87 -23.34
N SER E 130 81.95 1.90 -24.18
CA SER E 130 81.30 0.67 -23.73
C SER E 130 82.18 -0.52 -24.05
N VAL E 131 82.58 -1.28 -23.04
CA VAL E 131 83.39 -2.47 -23.29
C VAL E 131 82.44 -3.65 -23.19
N VAL E 132 82.49 -4.57 -24.16
CA VAL E 132 81.58 -5.71 -24.10
C VAL E 132 82.30 -7.06 -24.00
N CYS E 133 81.79 -7.93 -23.15
CA CYS E 133 82.37 -9.26 -22.97
C CYS E 133 81.34 -10.33 -23.33
N LEU E 134 81.75 -11.27 -24.16
CA LEU E 134 80.83 -12.30 -24.61
C LEU E 134 81.18 -13.71 -24.16
N LEU E 135 80.23 -14.36 -23.51
CA LEU E 135 80.36 -15.75 -23.06
C LEU E 135 79.41 -16.51 -23.98
N ASN E 136 79.96 -17.17 -24.99
CA ASN E 136 79.15 -17.86 -25.98
C ASN E 136 78.88 -19.36 -25.78
N ASN E 137 77.61 -19.74 -25.97
CA ASN E 137 77.15 -21.12 -25.89
C ASN E 137 77.65 -21.98 -24.74
N PHE E 138 77.25 -21.74 -23.55
CA PHE E 138 77.69 -22.52 -22.40
C PHE E 138 76.55 -23.22 -21.66
N TYR E 139 76.91 -24.02 -20.66
CA TYR E 139 75.93 -24.75 -19.86
C TYR E 139 76.67 -25.43 -18.71
N PRO E 140 76.14 -25.39 -17.47
CA PRO E 140 74.87 -24.78 -17.02
C PRO E 140 74.77 -23.26 -17.19
N ARG E 141 73.55 -22.73 -16.97
CA ARG E 141 73.23 -21.31 -17.10
C ARG E 141 74.04 -20.31 -16.27
N GLU E 142 74.40 -20.67 -15.04
CA GLU E 142 75.14 -19.74 -14.21
C GLU E 142 76.61 -19.64 -14.60
N ALA E 143 77.08 -18.42 -14.67
CA ALA E 143 78.47 -18.11 -15.01
C ALA E 143 78.68 -16.70 -14.48
N LYS E 144 79.75 -16.49 -13.73
CA LYS E 144 79.98 -15.17 -13.18
C LYS E 144 81.01 -14.38 -13.95
N VAL E 145 80.62 -13.18 -14.33
CA VAL E 145 81.48 -12.28 -15.07
C VAL E 145 81.96 -11.18 -14.13
N GLN E 146 83.28 -11.00 -14.03
CA GLN E 146 83.85 -9.96 -13.20
C GLN E 146 84.74 -9.06 -14.05
N TRP E 147 84.48 -7.75 -14.02
CA TRP E 147 85.30 -6.82 -14.77
C TRP E 147 86.43 -6.29 -13.91
N LYS E 148 87.60 -6.15 -14.53
CA LYS E 148 88.78 -5.62 -13.85
C LYS E 148 89.48 -4.61 -14.74
N VAL E 149 89.79 -3.46 -14.17
CA VAL E 149 90.46 -2.40 -14.91
C VAL E 149 91.80 -2.12 -14.25
N ASP E 150 92.86 -2.53 -14.93
CA ASP E 150 94.20 -2.38 -14.40
C ASP E 150 94.31 -3.18 -13.12
N ASN E 151 93.55 -4.27 -13.10
CA ASN E 151 93.53 -5.22 -11.99
C ASN E 151 92.62 -4.86 -10.83
N ALA E 152 91.97 -3.71 -10.88
CA ALA E 152 91.05 -3.33 -9.81
C ALA E 152 89.68 -3.88 -10.18
N LEU E 153 89.01 -4.49 -9.21
CA LEU E 153 87.70 -5.09 -9.43
C LEU E 153 86.61 -4.04 -9.54
N GLN E 154 85.87 -4.09 -10.64
CA GLN E 154 84.79 -3.14 -10.89
C GLN E 154 83.50 -3.67 -10.27
N SER E 155 82.54 -2.76 -10.11
CA SER E 155 81.24 -3.13 -9.55
C SER E 155 80.28 -1.95 -9.71
N GLY E 156 79.06 -2.25 -10.13
CA GLY E 156 78.06 -1.22 -10.31
C GLY E 156 78.13 -0.49 -11.64
N ASN E 157 79.19 -0.71 -12.42
CA ASN E 157 79.29 0.00 -13.70
C ASN E 157 79.20 -0.92 -14.91
N SER E 158 78.46 -2.01 -14.75
CA SER E 158 78.26 -2.97 -15.83
C SER E 158 76.88 -3.61 -15.69
N GLN E 159 76.35 -4.12 -16.80
CA GLN E 159 75.05 -4.75 -16.79
C GLN E 159 75.16 -5.94 -17.71
N GLU E 160 74.22 -6.89 -17.60
CA GLU E 160 74.25 -8.05 -18.47
C GLU E 160 72.88 -8.64 -18.74
N SER E 161 72.76 -9.38 -19.85
CA SER E 161 71.51 -10.05 -20.20
C SER E 161 71.92 -11.45 -20.68
N VAL E 162 71.00 -12.40 -20.62
CA VAL E 162 71.27 -13.77 -21.03
C VAL E 162 70.17 -14.27 -21.94
N THR E 163 70.55 -14.98 -23.00
CA THR E 163 69.57 -15.50 -23.94
C THR E 163 68.82 -16.69 -23.35
N GLU E 164 67.72 -17.04 -24.01
CA GLU E 164 66.93 -18.19 -23.59
C GLU E 164 67.73 -19.41 -24.01
N GLN E 165 67.44 -20.55 -23.41
CA GLN E 165 68.15 -21.77 -23.74
C GLN E 165 68.00 -22.07 -25.23
N ASP E 166 69.12 -22.20 -25.92
CA ASP E 166 69.09 -22.49 -27.34
C ASP E 166 68.24 -23.72 -27.61
N ASN E 167 67.47 -23.68 -28.71
CA ASN E 167 66.60 -24.78 -29.08
C ASN E 167 67.36 -25.91 -29.75
N LYS E 168 68.51 -25.59 -30.32
CA LYS E 168 69.30 -26.61 -31.00
C LYS E 168 70.29 -27.35 -30.09
N ASP E 169 71.15 -26.61 -29.40
CA ASP E 169 72.13 -27.24 -28.51
C ASP E 169 71.85 -27.05 -27.02
N SER E 170 70.68 -26.53 -26.68
CA SER E 170 70.30 -26.34 -25.27
C SER E 170 71.26 -25.51 -24.42
N THR E 171 72.01 -24.60 -25.05
CA THR E 171 72.95 -23.76 -24.30
C THR E 171 72.47 -22.32 -24.13
N TYR E 172 73.27 -21.54 -23.41
CA TYR E 172 72.98 -20.14 -23.18
C TYR E 172 74.16 -19.31 -23.62
N SER E 173 73.93 -17.99 -23.70
CA SER E 173 74.96 -17.04 -24.05
C SER E 173 74.72 -15.85 -23.13
N LEU E 174 75.80 -15.13 -22.82
CA LEU E 174 75.69 -14.01 -21.92
C LEU E 174 76.55 -12.88 -22.43
N SER E 175 76.05 -11.66 -22.30
CA SER E 175 76.79 -10.48 -22.72
C SER E 175 76.81 -9.54 -21.53
N SER E 176 77.98 -9.00 -21.23
CA SER E 176 78.13 -8.05 -20.13
C SER E 176 78.73 -6.77 -20.71
N THR E 177 78.19 -5.62 -20.31
CA THR E 177 78.68 -4.34 -20.81
C THR E 177 79.19 -3.44 -19.69
N LEU E 178 80.45 -3.07 -19.81
CA LEU E 178 81.14 -2.22 -18.86
C LEU E 178 81.11 -0.80 -19.44
N THR E 179 80.44 0.13 -18.75
CA THR E 179 80.35 1.52 -19.22
C THR E 179 81.28 2.49 -18.49
N LEU E 180 81.93 3.37 -19.25
CA LEU E 180 82.84 4.34 -18.70
C LEU E 180 82.79 5.62 -19.54
N SER E 181 83.26 6.71 -18.95
CA SER E 181 83.33 7.98 -19.65
C SER E 181 84.53 7.79 -20.57
N LYS E 182 84.57 8.49 -21.71
CA LYS E 182 85.73 8.31 -22.57
C LYS E 182 86.98 8.68 -21.79
N ALA E 183 86.86 9.71 -20.95
CA ALA E 183 87.96 10.17 -20.13
C ALA E 183 88.54 9.01 -19.30
N ASP E 184 87.69 8.39 -18.49
CA ASP E 184 88.12 7.27 -17.65
C ASP E 184 88.79 6.19 -18.49
N TYR E 185 88.14 5.86 -19.59
CA TYR E 185 88.65 4.85 -20.50
C TYR E 185 90.06 5.16 -20.91
N GLU E 186 90.31 6.42 -21.26
CA GLU E 186 91.64 6.84 -21.71
C GLU E 186 92.73 6.84 -20.64
N LYS E 187 92.31 6.82 -19.37
CA LYS E 187 93.30 6.80 -18.29
C LYS E 187 93.86 5.39 -18.13
N HIS E 188 92.97 4.44 -17.91
CA HIS E 188 93.38 3.06 -17.66
C HIS E 188 93.90 2.24 -18.85
N LYS E 189 94.83 1.36 -18.54
CA LYS E 189 95.45 0.57 -19.59
C LYS E 189 94.88 -0.80 -19.87
N VAL E 190 94.56 -1.55 -18.82
CA VAL E 190 94.09 -2.91 -19.01
C VAL E 190 92.64 -3.17 -18.64
N TYR E 191 91.91 -3.73 -19.60
CA TYR E 191 90.51 -4.06 -19.43
C TYR E 191 90.38 -5.58 -19.53
N ALA E 192 89.98 -6.19 -18.42
CA ALA E 192 89.83 -7.63 -18.35
C ALA E 192 88.43 -8.09 -18.01
N CYS E 193 88.09 -9.25 -18.54
CA CYS E 193 86.80 -9.86 -18.31
C CYS E 193 87.09 -11.24 -17.74
N GLU E 194 86.90 -11.41 -16.43
CA GLU E 194 87.18 -12.70 -15.82
C GLU E 194 85.90 -13.52 -15.71
N VAL E 195 85.95 -14.74 -16.26
CA VAL E 195 84.81 -15.65 -16.28
C VAL E 195 85.00 -16.92 -15.43
N THR E 196 84.06 -17.12 -14.51
CA THR E 196 84.08 -18.29 -13.65
C THR E 196 82.93 -19.18 -14.09
N HIS E 197 83.21 -20.44 -14.37
CA HIS E 197 82.17 -21.36 -14.82
C HIS E 197 82.54 -22.82 -14.58
N GLN E 198 81.55 -23.61 -14.19
CA GLN E 198 81.73 -25.03 -13.91
C GLN E 198 82.53 -25.79 -14.97
N GLY E 199 82.44 -25.32 -16.21
CA GLY E 199 83.16 -25.95 -17.31
C GLY E 199 84.62 -25.55 -17.46
N LEU E 200 84.97 -24.47 -16.77
CA LEU E 200 86.35 -23.97 -16.78
C LEU E 200 87.07 -24.46 -15.52
N SER E 201 88.07 -25.32 -15.70
CA SER E 201 88.81 -25.86 -14.57
C SER E 201 89.35 -24.72 -13.72
N SER E 202 89.40 -23.53 -14.30
CA SER E 202 89.89 -22.37 -13.60
C SER E 202 89.34 -21.14 -14.33
N PRO E 203 89.19 -20.01 -13.61
CA PRO E 203 88.67 -18.76 -14.17
C PRO E 203 89.42 -18.26 -15.40
N VAL E 204 88.66 -17.88 -16.43
CA VAL E 204 89.22 -17.38 -17.67
C VAL E 204 89.28 -15.85 -17.64
N THR E 205 90.35 -15.29 -18.18
CA THR E 205 90.52 -13.84 -18.24
C THR E 205 90.87 -13.41 -19.65
N LYS E 206 89.93 -12.71 -20.30
CA LYS E 206 90.14 -12.20 -21.64
C LYS E 206 90.47 -10.70 -21.47
N SER E 207 91.69 -10.31 -21.84
CA SER E 207 92.12 -8.92 -21.68
C SER E 207 92.62 -8.27 -22.93
N PHE E 208 92.66 -6.94 -22.89
CA PHE E 208 93.18 -6.15 -24.00
C PHE E 208 93.71 -4.84 -23.46
N ASN E 209 94.78 -4.35 -24.07
CA ASN E 209 95.38 -3.09 -23.66
C ASN E 209 94.81 -2.03 -24.58
N ARG E 210 94.16 -1.03 -24.00
CA ARG E 210 93.57 0.03 -24.80
C ARG E 210 94.53 0.59 -25.84
N GLY E 211 94.12 0.53 -27.10
CA GLY E 211 94.95 1.06 -28.16
C GLY E 211 96.02 0.13 -28.69
N GLU E 212 96.08 -1.10 -28.18
CA GLU E 212 97.06 -2.07 -28.62
C GLU E 212 96.71 -2.53 -30.04
N VAL F 1 35.83 -16.47 -29.16
CA VAL F 1 36.87 -17.53 -29.28
C VAL F 1 38.25 -16.91 -29.46
N GLN F 2 38.33 -15.59 -29.50
CA GLN F 2 39.61 -14.92 -29.69
C GLN F 2 39.67 -13.51 -29.08
N LEU F 3 40.62 -13.30 -28.17
CA LEU F 3 40.80 -12.00 -27.51
C LEU F 3 41.96 -11.27 -28.16
N LEU F 4 42.10 -9.99 -27.85
CA LEU F 4 43.18 -9.19 -28.39
C LEU F 4 43.33 -7.88 -27.65
N GLU F 5 44.23 -7.86 -26.67
CA GLU F 5 44.44 -6.65 -25.91
C GLU F 5 45.09 -5.58 -26.77
N SER F 6 44.87 -4.32 -26.39
CA SER F 6 45.41 -3.19 -27.11
C SER F 6 45.52 -1.99 -26.18
N GLY F 7 46.70 -1.38 -26.14
CA GLY F 7 46.90 -0.22 -25.29
C GLY F 7 48.16 0.53 -25.68
N PRO F 8 48.57 1.53 -24.89
CA PRO F 8 49.76 2.31 -25.19
C PRO F 8 50.96 1.46 -24.81
N GLY F 9 52.10 1.70 -25.45
CA GLY F 9 53.28 0.93 -25.11
C GLY F 9 53.92 1.51 -23.88
N VAL F 10 53.81 2.83 -23.77
CA VAL F 10 54.39 3.58 -22.66
C VAL F 10 53.32 4.43 -22.00
N VAL F 11 53.47 4.62 -20.69
CA VAL F 11 52.55 5.44 -19.90
C VAL F 11 53.39 6.17 -18.88
N LYS F 12 53.25 7.50 -18.83
CA LYS F 12 54.01 8.28 -17.87
C LYS F 12 53.48 8.10 -16.46
N PRO F 13 54.36 8.23 -15.45
CA PRO F 13 53.93 8.06 -14.05
C PRO F 13 52.83 9.06 -13.75
N SER F 14 51.97 8.72 -12.78
CA SER F 14 50.87 9.58 -12.37
C SER F 14 49.70 9.43 -13.33
N GLU F 15 50.01 9.34 -14.61
CA GLU F 15 48.98 9.20 -15.63
C GLU F 15 48.13 7.97 -15.41
N THR F 16 47.13 7.79 -16.28
CA THR F 16 46.22 6.66 -16.14
C THR F 16 46.29 5.71 -17.32
N LEU F 17 46.57 4.45 -17.03
CA LEU F 17 46.68 3.41 -18.06
C LEU F 17 45.33 2.98 -18.59
N SER F 18 45.25 2.79 -19.91
CA SER F 18 44.01 2.37 -20.56
C SER F 18 44.25 1.22 -21.52
N LEU F 19 43.60 0.10 -21.24
CA LEU F 19 43.70 -1.10 -22.06
C LEU F 19 42.31 -1.49 -22.51
N THR F 20 42.23 -2.23 -23.62
CA THR F 20 40.96 -2.68 -24.14
C THR F 20 41.18 -4.04 -24.80
N CYS F 21 40.26 -4.96 -24.55
CA CYS F 21 40.37 -6.31 -25.10
C CYS F 21 39.21 -6.47 -26.09
N THR F 22 39.53 -6.82 -27.32
CA THR F 22 38.50 -6.99 -28.33
C THR F 22 38.15 -8.47 -28.49
N VAL F 23 36.88 -8.79 -28.23
CA VAL F 23 36.42 -10.17 -28.34
C VAL F 23 35.89 -10.46 -29.72
N SER F 24 36.23 -11.63 -30.24
CA SER F 24 35.79 -12.08 -31.55
C SER F 24 35.43 -13.55 -31.43
N GLY F 25 34.25 -13.91 -31.96
CA GLY F 25 33.80 -15.29 -31.90
C GLY F 25 32.88 -15.51 -30.73
N ALA F 26 32.38 -14.42 -30.17
CA ALA F 26 31.46 -14.46 -29.03
C ALA F 26 31.07 -13.05 -28.60
N SER F 27 29.98 -12.94 -27.86
CA SER F 27 29.50 -11.65 -27.38
C SER F 27 29.91 -11.46 -25.92
N VAL F 28 30.76 -10.48 -25.66
CA VAL F 28 31.25 -10.21 -24.30
C VAL F 28 30.18 -10.34 -23.25
N ASN F 29 28.99 -9.84 -23.56
CA ASN F 29 27.89 -9.87 -22.61
C ASN F 29 27.49 -11.27 -22.15
N ASN F 30 27.70 -12.28 -23.00
CA ASN F 30 27.33 -13.64 -22.65
C ASN F 30 28.40 -14.41 -21.88
N TYR F 31 29.35 -13.69 -21.29
CA TYR F 31 30.44 -14.28 -20.52
C TYR F 31 31.03 -13.31 -19.51
N TYR F 32 32.00 -13.78 -18.75
CA TYR F 32 32.69 -12.95 -17.77
C TYR F 32 34.14 -12.90 -18.23
N TRP F 33 34.84 -11.84 -17.85
CA TRP F 33 36.23 -11.71 -18.27
C TRP F 33 37.11 -11.26 -17.11
N THR F 34 38.42 -11.26 -17.33
CA THR F 34 39.36 -10.88 -16.28
C THR F 34 40.65 -10.31 -16.87
N TRP F 35 41.41 -9.61 -16.04
CA TRP F 35 42.70 -9.04 -16.44
C TRP F 35 43.77 -9.57 -15.50
N VAL F 36 44.89 -9.97 -16.07
CA VAL F 36 46.02 -10.51 -15.32
C VAL F 36 47.30 -9.86 -15.82
N ARG F 37 48.16 -9.43 -14.91
CA ARG F 37 49.42 -8.82 -15.32
C ARG F 37 50.58 -9.67 -14.85
N GLN F 38 51.71 -9.52 -15.55
CA GLN F 38 52.92 -10.22 -15.19
C GLN F 38 54.07 -9.25 -15.28
N PRO F 39 54.46 -8.67 -14.13
CA PRO F 39 55.58 -7.72 -14.12
C PRO F 39 56.78 -8.46 -14.70
N PRO F 40 57.58 -7.79 -15.54
CA PRO F 40 58.76 -8.46 -16.12
C PRO F 40 59.59 -9.12 -15.03
N GLY F 41 59.99 -10.37 -15.28
CA GLY F 41 60.80 -11.08 -14.30
C GLY F 41 60.08 -11.47 -13.01
N LYS F 42 58.76 -11.47 -13.01
CA LYS F 42 57.99 -11.87 -11.83
C LYS F 42 56.79 -12.73 -12.19
N GLY F 43 56.02 -13.13 -11.18
CA GLY F 43 54.86 -13.98 -11.42
C GLY F 43 53.64 -13.33 -12.05
N LEU F 44 52.49 -13.92 -11.80
CA LEU F 44 51.22 -13.43 -12.35
C LEU F 44 50.36 -12.88 -11.24
N GLU F 45 49.67 -11.78 -11.54
CA GLU F 45 48.81 -11.14 -10.56
C GLU F 45 47.43 -10.90 -11.14
N TRP F 46 46.40 -11.44 -10.51
CA TRP F 46 45.03 -11.25 -10.95
C TRP F 46 44.66 -9.82 -10.63
N ILE F 47 44.13 -9.10 -11.61
CA ILE F 47 43.75 -7.69 -11.42
C ILE F 47 42.30 -7.55 -11.02
N GLY F 48 41.40 -8.10 -11.82
CA GLY F 48 39.99 -8.02 -11.51
C GLY F 48 39.09 -8.64 -12.57
N ASN F 49 37.80 -8.67 -12.30
CA ASN F 49 36.85 -9.26 -13.23
C ASN F 49 35.88 -8.23 -13.78
N VAL F 50 35.29 -8.55 -14.91
CA VAL F 50 34.30 -7.68 -15.52
C VAL F 50 33.13 -8.58 -15.88
N TYR F 51 31.95 -8.25 -15.37
CA TYR F 51 30.74 -9.03 -15.63
C TYR F 51 29.72 -8.20 -16.40
N ASP F 52 28.66 -8.84 -16.87
CA ASP F 52 27.60 -8.13 -17.59
C ASP F 52 26.91 -7.28 -16.53
N SER F 53 27.14 -7.65 -15.29
CA SER F 53 26.61 -6.96 -14.13
C SER F 53 26.72 -7.86 -12.91
N GLY F 54 26.84 -7.23 -11.74
CA GLY F 54 26.97 -7.98 -10.51
C GLY F 54 27.89 -7.23 -9.56
N ASP F 55 28.65 -7.97 -8.76
CA ASP F 55 29.56 -7.35 -7.82
C ASP F 55 30.72 -6.65 -8.51
N THR F 56 31.65 -6.16 -7.69
CA THR F 56 32.83 -5.48 -8.17
C THR F 56 34.00 -6.22 -7.53
N ASN F 57 34.59 -7.15 -8.29
CA ASN F 57 35.69 -7.95 -7.78
C ASN F 57 37.07 -7.52 -8.26
N TYR F 58 37.74 -6.74 -7.41
CA TYR F 58 39.07 -6.24 -7.72
C TYR F 58 40.04 -6.76 -6.67
N ASN F 59 41.33 -6.71 -7.00
CA ASN F 59 42.38 -7.14 -6.09
C ASN F 59 42.62 -5.97 -5.13
N PRO F 60 42.60 -6.23 -3.82
CA PRO F 60 42.82 -5.16 -2.84
C PRO F 60 44.00 -4.26 -3.17
N SER F 61 45.07 -4.85 -3.69
CA SER F 61 46.26 -4.08 -4.04
C SER F 61 46.09 -3.02 -5.14
N LEU F 62 45.00 -3.09 -5.89
CA LEU F 62 44.80 -2.15 -6.98
C LEU F 62 43.48 -1.41 -6.97
N SER F 63 42.47 -2.05 -6.38
CA SER F 63 41.12 -1.50 -6.32
C SER F 63 40.98 0.02 -6.34
N SER F 64 41.64 0.70 -5.42
CA SER F 64 41.57 2.16 -5.33
C SER F 64 41.98 2.93 -6.60
N ARG F 65 42.74 2.28 -7.48
CA ARG F 65 43.19 2.94 -8.71
C ARG F 65 42.61 2.23 -9.92
N LEU F 66 41.75 1.25 -9.67
CA LEU F 66 41.20 0.44 -10.74
C LEU F 66 39.73 0.62 -11.09
N SER F 67 39.45 0.51 -12.39
CA SER F 67 38.12 0.61 -12.93
C SER F 67 38.05 -0.29 -14.16
N LEU F 68 37.23 -1.33 -14.07
CA LEU F 68 37.08 -2.27 -15.19
C LEU F 68 35.65 -2.18 -15.73
N SER F 69 35.50 -2.22 -17.04
CA SER F 69 34.18 -2.11 -17.64
C SER F 69 34.00 -2.92 -18.93
N MET F 70 32.75 -3.08 -19.34
CA MET F 70 32.43 -3.81 -20.57
C MET F 70 31.74 -2.86 -21.56
N ASP F 71 31.96 -3.11 -22.85
CA ASP F 71 31.39 -2.28 -23.91
C ASP F 71 30.72 -3.14 -24.97
N THR F 72 29.46 -3.50 -24.73
CA THR F 72 28.72 -4.33 -25.67
C THR F 72 28.72 -3.71 -27.07
N SER F 73 28.56 -2.39 -27.10
CA SER F 73 28.54 -1.61 -28.34
C SER F 73 29.64 -2.04 -29.32
N LYS F 74 30.88 -2.10 -28.83
CA LYS F 74 32.02 -2.50 -29.66
C LYS F 74 32.50 -3.90 -29.31
N ASN F 75 31.70 -4.64 -28.55
CA ASN F 75 32.02 -6.01 -28.15
C ASN F 75 33.44 -6.15 -27.56
N GLN F 76 33.74 -5.30 -26.57
CA GLN F 76 35.04 -5.32 -25.91
C GLN F 76 34.90 -4.92 -24.45
N PHE F 77 35.98 -5.05 -23.69
CA PHE F 77 35.96 -4.66 -22.28
C PHE F 77 37.32 -4.02 -22.00
N SER F 78 37.37 -3.11 -21.05
CA SER F 78 38.63 -2.42 -20.78
C SER F 78 39.16 -2.41 -19.35
N LEU F 79 40.27 -1.68 -19.19
CA LEU F 79 40.94 -1.54 -17.91
C LEU F 79 41.47 -0.11 -17.83
N ARG F 80 41.33 0.48 -16.65
CA ARG F 80 41.78 1.84 -16.39
C ARG F 80 42.51 1.85 -15.04
N LEU F 81 43.82 2.09 -15.08
CA LEU F 81 44.63 2.11 -13.87
C LEU F 81 45.16 3.52 -13.60
N SER F 82 44.59 4.19 -12.59
CA SER F 82 45.01 5.56 -12.28
C SER F 82 46.37 5.63 -11.58
N SER F 83 47.02 6.80 -11.69
CA SER F 83 48.32 7.02 -11.06
C SER F 83 49.29 5.86 -11.16
N VAL F 84 49.84 5.63 -12.34
CA VAL F 84 50.79 4.53 -12.51
C VAL F 84 52.19 4.92 -12.01
N THR F 85 52.91 3.92 -11.49
CA THR F 85 54.26 4.12 -11.00
C THR F 85 55.02 3.00 -11.71
N ALA F 86 56.33 2.90 -11.47
CA ALA F 86 57.11 1.86 -12.13
C ALA F 86 56.58 0.47 -11.77
N ALA F 87 56.00 0.34 -10.58
CA ALA F 87 55.47 -0.93 -10.10
C ALA F 87 54.33 -1.47 -10.97
N ASP F 88 53.82 -0.64 -11.87
CA ASP F 88 52.75 -1.08 -12.75
C ASP F 88 53.28 -1.56 -14.08
N THR F 89 54.57 -1.36 -14.32
CA THR F 89 55.18 -1.81 -15.56
C THR F 89 55.04 -3.33 -15.63
N ALA F 90 54.43 -3.83 -16.70
CA ALA F 90 54.23 -5.26 -16.85
C ALA F 90 53.52 -5.58 -18.15
N THR F 91 53.35 -6.87 -18.42
CA THR F 91 52.63 -7.32 -19.61
C THR F 91 51.22 -7.62 -19.12
N TYR F 92 50.24 -6.90 -19.65
CA TYR F 92 48.86 -7.09 -19.25
C TYR F 92 48.10 -8.07 -20.14
N TYR F 93 47.42 -9.02 -19.50
CA TYR F 93 46.66 -10.07 -20.19
C TYR F 93 45.16 -10.01 -19.91
N CYS F 94 44.36 -10.33 -20.92
CA CYS F 94 42.92 -10.39 -20.74
C CYS F 94 42.50 -11.80 -21.08
N ALA F 95 41.54 -12.33 -20.33
CA ALA F 95 41.10 -13.70 -20.55
C ALA F 95 39.66 -13.90 -20.14
N ARG F 96 39.15 -15.09 -20.38
CA ARG F 96 37.79 -15.41 -20.02
C ARG F 96 37.76 -16.02 -18.63
N TYR F 97 36.88 -15.51 -17.79
CA TYR F 97 36.74 -16.03 -16.44
C TYR F 97 35.71 -17.14 -16.55
N HIS F 98 36.16 -18.38 -16.72
CA HIS F 98 35.25 -19.50 -16.86
C HIS F 98 34.64 -19.87 -15.52
N ARG F 99 33.32 -19.72 -15.45
CA ARG F 99 32.59 -20.01 -14.24
C ARG F 99 31.36 -20.82 -14.61
N HIS F 100 31.06 -21.85 -13.83
CA HIS F 100 29.87 -22.65 -14.10
C HIS F 100 28.81 -22.25 -13.07
N PHE F 101 27.59 -21.97 -13.51
CA PHE F 101 26.55 -21.52 -12.57
C PHE F 101 26.29 -22.46 -11.41
N ILE F 102 26.60 -23.74 -11.59
CA ILE F 102 26.44 -24.71 -10.51
C ILE F 102 27.78 -25.02 -9.87
N ARG F 103 28.70 -25.51 -10.70
CA ARG F 103 30.04 -25.89 -10.25
C ARG F 103 30.94 -24.76 -9.77
N GLY F 104 30.59 -23.52 -10.08
CA GLY F 104 31.41 -22.41 -9.63
C GLY F 104 32.63 -22.09 -10.49
N PRO F 105 33.56 -21.29 -9.93
CA PRO F 105 34.78 -20.90 -10.66
C PRO F 105 35.64 -22.08 -11.12
N LEU F 106 35.91 -22.12 -12.42
CA LEU F 106 36.72 -23.18 -13.01
C LEU F 106 38.12 -22.72 -13.36
N SER F 107 38.22 -21.71 -14.23
CA SER F 107 39.53 -21.21 -14.64
C SER F 107 39.43 -20.03 -15.57
N PHE F 108 40.54 -19.72 -16.18
CA PHE F 108 40.68 -18.68 -17.16
C PHE F 108 40.95 -19.43 -18.45
N ASP F 109 39.93 -19.49 -19.31
CA ASP F 109 39.96 -20.32 -20.53
C ASP F 109 40.71 -19.80 -21.77
N TYR F 110 40.43 -18.57 -22.20
CA TYR F 110 41.11 -18.07 -23.38
C TYR F 110 41.86 -16.81 -23.02
N TRP F 111 43.18 -16.88 -23.10
CA TRP F 111 44.01 -15.75 -22.78
C TRP F 111 44.44 -15.02 -24.02
N GLY F 112 44.60 -13.71 -23.91
CA GLY F 112 45.07 -12.92 -25.04
C GLY F 112 46.57 -13.08 -24.98
N ARG F 113 47.27 -12.70 -26.03
CA ARG F 113 48.72 -12.83 -26.03
C ARG F 113 49.33 -11.74 -25.15
N GLY F 114 48.50 -10.76 -24.78
CA GLY F 114 48.93 -9.67 -23.93
C GLY F 114 49.84 -8.61 -24.55
N THR F 115 49.77 -7.39 -24.01
CA THR F 115 50.58 -6.27 -24.48
C THR F 115 51.45 -5.71 -23.36
N LEU F 116 52.68 -5.34 -23.69
CA LEU F 116 53.60 -4.80 -22.70
C LEU F 116 53.32 -3.34 -22.41
N VAL F 117 53.44 -2.97 -21.15
CA VAL F 117 53.20 -1.61 -20.75
C VAL F 117 54.42 -1.15 -19.94
N THR F 118 55.02 -0.05 -20.35
CA THR F 118 56.18 0.47 -19.63
C THR F 118 55.85 1.84 -19.04
N VAL F 119 55.99 1.96 -17.73
CA VAL F 119 55.75 3.22 -17.06
C VAL F 119 57.10 3.90 -17.07
N SER F 120 57.17 5.07 -17.71
CA SER F 120 58.44 5.80 -17.79
C SER F 120 58.23 7.23 -18.28
N SER F 121 59.17 8.09 -17.93
CA SER F 121 59.13 9.50 -18.33
C SER F 121 60.04 9.75 -19.52
N ALA F 122 60.72 8.69 -19.94
CA ALA F 122 61.64 8.75 -21.07
C ALA F 122 60.93 9.10 -22.38
N SER F 123 61.59 9.92 -23.20
CA SER F 123 61.04 10.34 -24.47
C SER F 123 61.49 9.38 -25.55
N THR F 124 60.60 9.10 -26.51
CA THR F 124 60.93 8.21 -27.61
C THR F 124 62.24 8.71 -28.23
N LYS F 125 63.12 7.77 -28.55
CA LYS F 125 64.43 8.10 -29.12
C LYS F 125 65.04 6.95 -29.89
N GLY F 126 65.70 7.27 -30.99
CA GLY F 126 66.35 6.25 -31.79
C GLY F 126 67.67 5.84 -31.17
N PRO F 127 68.18 4.64 -31.48
CA PRO F 127 69.45 4.24 -30.88
C PRO F 127 70.66 4.50 -31.76
N SER F 128 71.83 4.52 -31.13
CA SER F 128 73.07 4.65 -31.88
C SER F 128 73.46 3.20 -32.09
N VAL F 129 74.06 2.91 -33.24
CA VAL F 129 74.48 1.56 -33.55
C VAL F 129 75.98 1.55 -33.79
N PHE F 130 76.69 0.79 -32.96
CA PHE F 130 78.15 0.70 -33.06
C PHE F 130 78.57 -0.71 -33.43
N PRO F 131 79.58 -0.81 -34.30
CA PRO F 131 80.08 -2.12 -34.71
C PRO F 131 80.96 -2.73 -33.62
N LEU F 132 80.83 -4.03 -33.49
CA LEU F 132 81.66 -4.81 -32.56
C LEU F 132 82.50 -5.64 -33.49
N ALA F 133 83.59 -5.04 -33.97
CA ALA F 133 84.46 -5.68 -34.95
C ALA F 133 85.20 -6.94 -34.51
N PRO F 134 85.26 -7.94 -35.40
CA PRO F 134 85.94 -9.20 -35.08
C PRO F 134 87.44 -8.92 -35.00
N SER F 135 88.11 -9.61 -34.10
CA SER F 135 89.54 -9.41 -33.94
C SER F 135 90.19 -10.64 -33.31
N SER F 136 91.46 -10.50 -32.94
CA SER F 136 92.19 -11.59 -32.30
C SER F 136 91.65 -11.80 -30.90
N LYS F 137 90.93 -10.81 -30.39
CA LYS F 137 90.33 -10.90 -29.06
C LYS F 137 88.95 -11.53 -29.10
N SER F 138 88.41 -11.73 -30.30
CA SER F 138 87.09 -12.31 -30.45
C SER F 138 87.14 -13.53 -31.36
N THR F 139 88.31 -14.16 -31.41
CA THR F 139 88.50 -15.34 -32.25
C THR F 139 88.96 -16.52 -31.41
N SER F 140 88.40 -17.68 -31.68
CA SER F 140 88.74 -18.90 -30.95
C SER F 140 88.77 -20.05 -31.95
N GLY F 141 89.92 -20.68 -32.09
CA GLY F 141 90.01 -21.75 -33.05
C GLY F 141 89.81 -21.17 -34.44
N GLY F 142 88.98 -21.83 -35.24
CA GLY F 142 88.73 -21.36 -36.59
C GLY F 142 87.50 -20.49 -36.76
N THR F 143 86.98 -19.94 -35.67
CA THR F 143 85.80 -19.10 -35.76
C THR F 143 85.93 -17.81 -34.98
N SER F 144 85.29 -16.75 -35.46
CA SER F 144 85.36 -15.45 -34.80
C SER F 144 83.97 -14.89 -34.53
N ALA F 145 83.84 -14.05 -33.53
CA ALA F 145 82.53 -13.48 -33.25
C ALA F 145 82.57 -11.99 -33.56
N LEU F 146 81.42 -11.47 -33.94
CA LEU F 146 81.27 -10.05 -34.23
C LEU F 146 79.84 -9.70 -33.86
N GLY F 147 79.54 -8.40 -33.77
CA GLY F 147 78.19 -8.03 -33.43
C GLY F 147 77.92 -6.55 -33.61
N CYS F 148 76.83 -6.10 -32.99
CA CYS F 148 76.42 -4.70 -33.03
C CYS F 148 75.89 -4.30 -31.67
N LEU F 149 76.28 -3.12 -31.23
CA LEU F 149 75.83 -2.56 -29.96
C LEU F 149 74.74 -1.55 -30.34
N VAL F 150 73.50 -1.81 -29.91
CA VAL F 150 72.37 -0.93 -30.17
C VAL F 150 72.14 -0.21 -28.86
N LYS F 151 72.67 1.00 -28.77
CA LYS F 151 72.61 1.75 -27.53
C LYS F 151 71.77 3.02 -27.46
N ASP F 152 71.26 3.28 -26.27
CA ASP F 152 70.46 4.45 -25.97
C ASP F 152 69.23 4.67 -26.84
N TYR F 153 68.24 3.79 -26.72
CA TYR F 153 66.99 3.90 -27.46
C TYR F 153 65.81 3.72 -26.51
N PHE F 154 64.70 4.37 -26.83
CA PHE F 154 63.47 4.24 -26.05
C PHE F 154 62.28 4.43 -26.97
N PRO F 155 61.27 3.55 -26.86
CA PRO F 155 61.27 2.42 -25.92
C PRO F 155 61.48 1.13 -26.70
N GLU F 156 61.09 0.01 -26.10
CA GLU F 156 61.19 -1.28 -26.75
C GLU F 156 60.02 -1.36 -27.73
N PRO F 157 60.14 -2.20 -28.77
CA PRO F 157 61.31 -3.04 -29.05
C PRO F 157 62.19 -2.52 -30.19
N VAL F 158 63.20 -3.31 -30.48
CA VAL F 158 64.15 -3.05 -31.56
C VAL F 158 64.29 -4.39 -32.27
N THR F 159 64.26 -4.36 -33.59
CA THR F 159 64.42 -5.56 -34.38
C THR F 159 65.81 -5.50 -34.94
N VAL F 160 66.55 -6.62 -34.84
CA VAL F 160 67.91 -6.71 -35.35
C VAL F 160 68.07 -7.94 -36.24
N SER F 161 68.78 -7.80 -37.34
CA SER F 161 69.02 -8.95 -38.23
C SER F 161 70.40 -8.81 -38.86
N TRP F 162 70.84 -9.88 -39.52
CA TRP F 162 72.14 -9.91 -40.18
C TRP F 162 72.07 -10.21 -41.68
N ASN F 163 72.68 -9.34 -42.48
CA ASN F 163 72.68 -9.46 -43.92
C ASN F 163 71.25 -9.64 -44.43
N SER F 164 70.37 -8.79 -43.92
CA SER F 164 68.97 -8.79 -44.29
C SER F 164 68.26 -10.10 -43.96
N GLY F 165 68.63 -10.69 -42.83
CA GLY F 165 68.01 -11.93 -42.43
C GLY F 165 68.49 -13.10 -43.26
N ALA F 166 69.57 -12.90 -44.00
CA ALA F 166 70.16 -13.95 -44.82
C ALA F 166 71.14 -14.71 -43.95
N LEU F 167 71.56 -14.06 -42.86
CA LEU F 167 72.51 -14.64 -41.91
C LEU F 167 71.74 -14.84 -40.61
N THR F 168 71.37 -16.08 -40.33
CA THR F 168 70.61 -16.38 -39.12
C THR F 168 71.33 -17.35 -38.18
N SER F 169 72.11 -18.25 -38.77
CA SER F 169 72.84 -19.24 -38.02
C SER F 169 73.99 -18.70 -37.17
N GLY F 170 73.94 -18.99 -35.88
CA GLY F 170 74.99 -18.52 -34.98
C GLY F 170 74.71 -17.13 -34.43
N VAL F 171 73.53 -16.61 -34.73
CA VAL F 171 73.18 -15.28 -34.23
C VAL F 171 72.57 -15.32 -32.84
N HIS F 172 72.81 -14.25 -32.08
CA HIS F 172 72.28 -14.10 -30.74
C HIS F 172 71.95 -12.64 -30.47
N THR F 173 70.66 -12.35 -30.38
CA THR F 173 70.22 -10.99 -30.06
C THR F 173 69.78 -11.11 -28.60
N PHE F 174 70.49 -10.43 -27.72
CA PHE F 174 70.21 -10.49 -26.30
C PHE F 174 69.06 -9.63 -25.84
N PRO F 175 68.51 -9.94 -24.67
CA PRO F 175 67.39 -9.13 -24.17
C PRO F 175 68.00 -7.74 -23.93
N ALA F 176 67.20 -6.69 -24.00
CA ALA F 176 67.73 -5.36 -23.77
C ALA F 176 67.96 -5.12 -22.29
N VAL F 177 68.76 -4.12 -21.99
CA VAL F 177 69.07 -3.78 -20.62
C VAL F 177 68.74 -2.30 -20.45
N LEU F 178 68.01 -1.97 -19.39
CA LEU F 178 67.65 -0.57 -19.15
C LEU F 178 68.74 0.14 -18.34
N GLN F 179 69.40 1.10 -18.97
CA GLN F 179 70.45 1.85 -18.33
C GLN F 179 69.85 2.86 -17.36
N SER F 180 70.69 3.44 -16.51
CA SER F 180 70.21 4.40 -15.53
C SER F 180 69.70 5.68 -16.16
N SER F 181 70.00 5.91 -17.43
CA SER F 181 69.55 7.12 -18.09
C SER F 181 68.07 6.97 -18.46
N GLY F 182 67.60 5.73 -18.45
CA GLY F 182 66.23 5.46 -18.80
C GLY F 182 66.16 4.95 -20.22
N LEU F 183 67.32 4.80 -20.84
CA LEU F 183 67.40 4.28 -22.21
C LEU F 183 67.87 2.83 -22.24
N TYR F 184 67.32 2.06 -23.16
CA TYR F 184 67.65 0.65 -23.33
C TYR F 184 68.93 0.47 -24.14
N SER F 185 69.61 -0.65 -23.89
CA SER F 185 70.84 -0.99 -24.59
C SER F 185 70.84 -2.48 -24.89
N LEU F 186 71.01 -2.80 -26.17
CA LEU F 186 71.00 -4.16 -26.65
C LEU F 186 72.20 -4.46 -27.54
N SER F 187 72.67 -5.70 -27.51
CA SER F 187 73.77 -6.09 -28.36
C SER F 187 73.36 -7.34 -29.13
N SER F 188 73.71 -7.39 -30.40
CA SER F 188 73.40 -8.55 -31.22
C SER F 188 74.71 -9.04 -31.79
N VAL F 189 75.00 -10.31 -31.60
CA VAL F 189 76.26 -10.86 -32.09
C VAL F 189 76.07 -12.12 -32.93
N VAL F 190 77.14 -12.52 -33.58
CA VAL F 190 77.13 -13.72 -34.39
C VAL F 190 78.56 -14.23 -34.57
N THR F 191 78.74 -15.55 -34.56
CA THR F 191 80.05 -16.13 -34.75
C THR F 191 80.12 -16.67 -36.17
N VAL F 192 81.28 -16.55 -36.80
CA VAL F 192 81.44 -16.98 -38.18
C VAL F 192 82.84 -17.52 -38.50
N PRO F 193 82.98 -18.24 -39.62
CA PRO F 193 84.30 -18.76 -39.98
C PRO F 193 85.30 -17.61 -40.13
N SER F 194 86.39 -17.66 -39.38
CA SER F 194 87.39 -16.61 -39.44
C SER F 194 87.87 -16.38 -40.86
N SER F 195 88.15 -17.47 -41.56
CA SER F 195 88.62 -17.37 -42.93
C SER F 195 87.70 -16.51 -43.78
N SER F 196 86.42 -16.49 -43.42
CA SER F 196 85.42 -15.72 -44.16
C SER F 196 85.50 -14.22 -43.94
N LEU F 197 86.24 -13.80 -42.92
CA LEU F 197 86.39 -12.39 -42.63
C LEU F 197 87.11 -11.64 -43.76
N GLY F 198 87.49 -12.36 -44.81
CA GLY F 198 88.14 -11.71 -45.92
C GLY F 198 87.26 -11.58 -47.16
N THR F 199 86.35 -12.53 -47.33
CA THR F 199 85.48 -12.52 -48.50
C THR F 199 84.01 -12.24 -48.22
N GLN F 200 83.61 -12.28 -46.97
CA GLN F 200 82.21 -12.04 -46.65
C GLN F 200 82.01 -10.72 -45.96
N THR F 201 80.95 -10.03 -46.32
CA THR F 201 80.66 -8.75 -45.68
C THR F 201 79.48 -8.99 -44.74
N TYR F 202 79.64 -8.54 -43.49
CA TYR F 202 78.60 -8.69 -42.48
C TYR F 202 78.05 -7.33 -42.10
N ILE F 203 76.74 -7.16 -42.23
CA ILE F 203 76.09 -5.91 -41.90
C ILE F 203 74.92 -6.22 -40.97
N CYS F 204 74.78 -5.46 -39.88
CA CYS F 204 73.65 -5.68 -39.01
C CYS F 204 72.58 -4.65 -39.40
N ASN F 205 71.32 -5.10 -39.42
CA ASN F 205 70.20 -4.23 -39.80
C ASN F 205 69.32 -3.96 -38.60
N VAL F 206 69.34 -2.73 -38.13
CA VAL F 206 68.58 -2.33 -36.95
C VAL F 206 67.35 -1.49 -37.24
N ASN F 207 66.21 -1.89 -36.68
CA ASN F 207 64.98 -1.16 -36.85
C ASN F 207 64.36 -0.78 -35.51
N HIS F 208 63.82 0.43 -35.44
CA HIS F 208 63.16 0.92 -34.24
C HIS F 208 61.96 1.73 -34.72
N LYS F 209 60.80 1.08 -34.78
CA LYS F 209 59.59 1.73 -35.27
C LYS F 209 59.14 2.96 -34.50
N PRO F 210 59.19 2.91 -33.15
CA PRO F 210 58.77 4.05 -32.32
C PRO F 210 59.38 5.39 -32.73
N SER F 211 60.62 5.38 -33.18
CA SER F 211 61.31 6.59 -33.60
C SER F 211 61.45 6.53 -35.10
N ASN F 212 60.89 5.48 -35.67
CA ASN F 212 60.96 5.23 -37.09
C ASN F 212 62.41 5.35 -37.52
N THR F 213 63.21 4.37 -37.11
CA THR F 213 64.61 4.37 -37.46
C THR F 213 64.93 3.11 -38.23
N LYS F 214 65.71 3.28 -39.30
CA LYS F 214 66.15 2.16 -40.13
C LYS F 214 67.66 2.35 -40.24
N VAL F 215 68.43 1.41 -39.70
CA VAL F 215 69.88 1.53 -39.74
C VAL F 215 70.56 0.27 -40.27
N ASP F 216 71.75 0.50 -40.84
CA ASP F 216 72.57 -0.56 -41.39
C ASP F 216 74.01 -0.24 -41.04
N LYS F 217 74.68 -1.18 -40.39
CA LYS F 217 76.07 -0.98 -40.01
C LYS F 217 76.88 -2.18 -40.48
N LYS F 218 77.96 -1.91 -41.21
CA LYS F 218 78.81 -2.97 -41.71
C LYS F 218 79.85 -3.16 -40.61
N VAL F 219 79.99 -4.40 -40.15
CA VAL F 219 80.96 -4.69 -39.10
C VAL F 219 82.20 -5.28 -39.75
N GLU F 220 83.28 -4.52 -39.73
CA GLU F 220 84.53 -4.94 -40.35
C GLU F 220 85.66 -5.17 -39.35
N PRO F 221 86.61 -6.04 -39.73
CA PRO F 221 87.77 -6.39 -38.90
C PRO F 221 88.72 -5.23 -38.65
N LYS F 222 89.49 -5.36 -37.57
CA LYS F 222 90.49 -4.37 -37.17
C LYS F 222 91.84 -5.07 -37.03
N SER F 223 92.90 -4.43 -37.54
CA SER F 223 94.24 -5.01 -37.46
C SER F 223 95.32 -3.97 -37.79
#